data_6WLA
#
_entry.id   6WLA
#
_cell.length_a   126.270
_cell.length_b   126.270
_cell.length_c   94.850
_cell.angle_alpha   90.000
_cell.angle_beta   90.000
_cell.angle_gamma   120.000
#
_symmetry.space_group_name_H-M   'P 31'
#
loop_
_entity.id
_entity.type
_entity.pdbx_description
1 polymer 'Fab ch128.1 heavy chain'
2 polymer 'Fab ch128.1 light chain'
3 non-polymer GLYCEROL
4 water water
#
loop_
_entity_poly.entity_id
_entity_poly.type
_entity_poly.pdbx_seq_one_letter_code
_entity_poly.pdbx_strand_id
1 'polypeptide(L)'
;EVQLQQSGPELVKPGASMKISCKASGYSFTGYTMNWVKQSHGENLEWIGRINPHNGGTDYNQKFKDKAPLTVDKSSNTAY
MELLSLTSGDSAVYYCARGYYYYSLDYWGQGTSVTVSSASTKGPSVFPLAPSSKSTSGGTAALGCLVKDYFPEPVTVSWN
SGALTSGVHTFPAVLQSSGLYSLSSVVTVPSSSLGTQTYICNVNHKPSNTKVDKKVEPK
;
H1,H2,H3
2 'polypeptide(L)'
;QIVLTQSPAIMSVSPGEKVTMTCSASSSIRYIHWYQQRPGTSPKRWIYDTSNLASGVPARFSGSGSGTSYSLTISSMEAE
DAATYYCHQRNSYPWTFGGGTRLEIRRTVAAPSVFIFPPSDEQLKSGTASVVCLLNNFYPREAKVQWKVDNALQSGNSQE
SVTEQDSKDSTYSLSSTLTLSKADYEKHKVYACEVTHQGLSSPVTKSFNRE
;
L1,L3,L2
#
# COMPACT_ATOMS: atom_id res chain seq x y z
N GLU A 1 2.64 8.20 -39.30
CA GLU A 1 3.45 7.03 -39.61
C GLU A 1 2.92 6.27 -40.82
N VAL A 2 3.82 5.57 -41.49
CA VAL A 2 3.45 4.70 -42.59
C VAL A 2 2.78 3.45 -42.03
N GLN A 3 1.61 3.11 -42.58
CA GLN A 3 0.89 1.92 -42.15
C GLN A 3 0.37 1.17 -43.37
N LEU A 4 0.68 -0.12 -43.42
CA LEU A 4 0.15 -1.03 -44.44
C LEU A 4 -0.73 -2.05 -43.73
N GLN A 5 -2.04 -1.98 -43.97
CA GLN A 5 -3.01 -2.86 -43.33
C GLN A 5 -3.49 -3.90 -44.34
N GLN A 6 -3.24 -5.17 -44.06
CA GLN A 6 -3.65 -6.27 -44.93
C GLN A 6 -4.95 -6.89 -44.41
N SER A 7 -5.65 -7.57 -45.32
CA SER A 7 -6.88 -8.26 -44.97
C SER A 7 -6.58 -9.50 -44.11
N GLY A 8 -7.62 -10.02 -43.45
CA GLY A 8 -7.47 -11.00 -42.42
C GLY A 8 -7.17 -12.39 -42.96
N PRO A 9 -6.99 -13.35 -42.05
CA PRO A 9 -6.62 -14.71 -42.46
C PRO A 9 -7.70 -15.37 -43.29
N GLU A 10 -7.25 -16.29 -44.15
CA GLU A 10 -8.14 -16.91 -45.13
C GLU A 10 -7.99 -18.43 -45.09
N LEU A 11 -9.10 -19.13 -45.24
CA LEU A 11 -9.13 -20.53 -45.59
C LEU A 11 -9.79 -20.63 -46.96
N VAL A 12 -9.07 -21.20 -47.92
CA VAL A 12 -9.51 -21.19 -49.32
C VAL A 12 -9.39 -22.59 -49.90
N LYS A 13 -10.31 -22.92 -50.82
CA LYS A 13 -10.42 -24.25 -51.41
C LYS A 13 -9.48 -24.41 -52.60
N PRO A 14 -8.95 -25.63 -52.80
CA PRO A 14 -8.07 -25.87 -53.95
C PRO A 14 -8.79 -25.63 -55.27
N GLY A 15 -8.10 -25.01 -56.21
CA GLY A 15 -8.67 -24.68 -57.50
C GLY A 15 -9.46 -23.38 -57.51
N ALA A 16 -9.75 -22.79 -56.37
CA ALA A 16 -10.46 -21.53 -56.31
C ALA A 16 -9.49 -20.36 -56.47
N SER A 17 -10.03 -19.15 -56.40
CA SER A 17 -9.24 -17.94 -56.44
C SER A 17 -9.59 -17.08 -55.22
N MET A 18 -8.66 -16.20 -54.86
CA MET A 18 -8.85 -15.34 -53.70
C MET A 18 -8.01 -14.08 -53.88
N LYS A 19 -8.28 -13.10 -53.03
CA LYS A 19 -7.71 -11.78 -53.17
C LYS A 19 -7.26 -11.29 -51.80
N ILE A 20 -6.05 -10.73 -51.73
CA ILE A 20 -5.56 -10.04 -50.54
C ILE A 20 -5.59 -8.55 -50.84
N SER A 21 -5.96 -7.76 -49.83
CA SER A 21 -5.92 -6.31 -49.93
C SER A 21 -4.84 -5.77 -49.00
N CYS A 22 -4.32 -4.60 -49.35
CA CYS A 22 -3.31 -3.90 -48.55
C CYS A 22 -3.65 -2.42 -48.59
N LYS A 23 -4.11 -1.87 -47.46
CA LYS A 23 -4.52 -0.48 -47.37
C LYS A 23 -3.39 0.35 -46.79
N ALA A 24 -2.92 1.34 -47.55
CA ALA A 24 -1.81 2.18 -47.14
C ALA A 24 -2.31 3.53 -46.64
N SER A 25 -1.61 4.05 -45.63
CA SER A 25 -1.89 5.39 -45.12
C SER A 25 -0.62 5.93 -44.47
N GLY A 26 -0.55 7.25 -44.36
CA GLY A 26 0.62 7.91 -43.82
C GLY A 26 1.64 8.35 -44.85
N TYR A 27 1.33 8.25 -46.13
CA TYR A 27 2.22 8.71 -47.20
C TYR A 27 1.40 8.83 -48.47
N SER A 28 1.98 9.49 -49.48
CA SER A 28 1.28 9.66 -50.74
C SER A 28 1.33 8.35 -51.52
N PHE A 29 0.15 7.78 -51.78
CA PHE A 29 0.07 6.42 -52.30
C PHE A 29 0.75 6.28 -53.66
N THR A 30 0.66 7.31 -54.52
CA THR A 30 1.17 7.20 -55.88
C THR A 30 2.69 7.36 -55.98
N GLY A 31 3.35 7.79 -54.91
CA GLY A 31 4.78 8.04 -54.97
C GLY A 31 5.66 6.82 -54.81
N TYR A 32 5.10 5.70 -54.37
CA TYR A 32 5.86 4.49 -54.11
C TYR A 32 5.19 3.30 -54.75
N THR A 33 6.01 2.32 -55.12
CA THR A 33 5.47 1.07 -55.63
C THR A 33 5.10 0.14 -54.48
N MET A 34 4.17 -0.76 -54.76
CA MET A 34 3.73 -1.76 -53.79
C MET A 34 4.27 -3.11 -54.23
N ASN A 35 4.97 -3.79 -53.33
CA ASN A 35 5.56 -5.11 -53.58
C ASN A 35 4.80 -6.16 -52.78
N TRP A 36 4.96 -7.41 -53.21
CA TRP A 36 4.33 -8.56 -52.55
C TRP A 36 5.37 -9.65 -52.38
N VAL A 37 5.41 -10.24 -51.17
CA VAL A 37 6.43 -11.22 -50.80
C VAL A 37 5.73 -12.43 -50.19
N LYS A 38 6.12 -13.62 -50.63
CA LYS A 38 5.59 -14.88 -50.08
C LYS A 38 6.58 -15.45 -49.07
N GLN A 39 6.07 -15.90 -47.93
CA GLN A 39 6.87 -16.58 -46.92
C GLN A 39 6.18 -17.90 -46.57
N SER A 40 6.75 -19.00 -47.01
CA SER A 40 6.25 -20.33 -46.69
C SER A 40 7.31 -21.11 -45.92
N HIS A 41 6.87 -22.21 -45.30
CA HIS A 41 7.79 -23.10 -44.59
C HIS A 41 8.32 -24.20 -45.51
N GLY A 42 8.70 -23.80 -46.72
CA GLY A 42 9.29 -24.69 -47.71
C GLY A 42 10.20 -23.94 -48.65
N GLU A 43 10.03 -22.62 -48.72
CA GLU A 43 10.88 -21.77 -49.56
C GLU A 43 11.27 -20.45 -48.89
N ASN A 44 10.68 -20.11 -47.75
CA ASN A 44 10.97 -18.87 -47.00
C ASN A 44 10.57 -17.69 -47.89
N LEU A 45 11.35 -16.60 -47.87
CA LEU A 45 10.94 -15.35 -48.52
C LEU A 45 11.17 -15.40 -50.02
N GLU A 46 10.14 -15.08 -50.78
CA GLU A 46 10.20 -14.97 -52.24
C GLU A 46 9.53 -13.68 -52.67
N TRP A 47 10.21 -12.91 -53.52
CA TRP A 47 9.62 -11.71 -54.10
C TRP A 47 8.66 -12.13 -55.22
N ILE A 48 7.39 -11.76 -55.08
CA ILE A 48 6.41 -12.09 -56.11
C ILE A 48 6.45 -11.05 -57.24
N GLY A 49 6.48 -9.77 -56.89
CA GLY A 49 6.45 -8.73 -57.89
C GLY A 49 6.02 -7.42 -57.29
N ARG A 50 5.83 -6.42 -58.16
CA ARG A 50 5.46 -5.09 -57.71
C ARG A 50 4.55 -4.43 -58.75
N ILE A 51 3.86 -3.40 -58.30
CA ILE A 51 2.96 -2.61 -59.15
C ILE A 51 3.20 -1.13 -58.85
N ASN A 52 3.17 -0.32 -59.91
CA ASN A 52 3.29 1.12 -59.76
C ASN A 52 1.90 1.73 -59.73
N PRO A 53 1.43 2.24 -58.58
CA PRO A 53 0.04 2.74 -58.50
C PRO A 53 -0.25 3.89 -59.45
N HIS A 54 0.77 4.57 -59.95
CA HIS A 54 0.53 5.72 -60.82
C HIS A 54 -0.04 5.28 -62.16
N ASN A 55 0.59 4.28 -62.79
CA ASN A 55 0.18 3.81 -64.11
C ASN A 55 -0.25 2.35 -64.15
N GLY A 56 -0.25 1.66 -63.01
CA GLY A 56 -0.58 0.25 -63.01
C GLY A 56 0.45 -0.66 -63.65
N GLY A 57 1.65 -0.16 -63.95
CA GLY A 57 2.68 -1.02 -64.50
C GLY A 57 3.22 -1.99 -63.46
N THR A 58 3.56 -3.19 -63.89
CA THR A 58 3.98 -4.25 -62.98
C THR A 58 5.32 -4.85 -63.40
N ASP A 59 6.01 -5.41 -62.41
CA ASP A 59 7.22 -6.19 -62.62
C ASP A 59 7.06 -7.52 -61.88
N TYR A 60 7.39 -8.61 -62.55
CA TYR A 60 7.03 -9.93 -62.05
C TYR A 60 8.25 -10.82 -61.91
N ASN A 61 8.30 -11.54 -60.79
CA ASN A 61 9.01 -12.81 -60.74
C ASN A 61 8.29 -13.78 -61.67
N GLN A 62 8.98 -14.21 -62.74
CA GLN A 62 8.33 -15.01 -63.77
C GLN A 62 7.71 -16.28 -63.21
N LYS A 63 8.11 -16.70 -62.01
CA LYS A 63 7.48 -17.83 -61.34
C LYS A 63 6.04 -17.54 -60.94
N PHE A 64 5.67 -16.27 -60.77
CA PHE A 64 4.36 -15.88 -60.26
C PHE A 64 3.54 -15.03 -61.24
N LYS A 65 4.02 -14.82 -62.46
CA LYS A 65 3.36 -13.86 -63.35
C LYS A 65 1.94 -14.33 -63.71
N ASP A 66 1.78 -15.60 -64.07
CA ASP A 66 0.45 -16.12 -64.38
C ASP A 66 -0.33 -16.52 -63.13
N LYS A 67 0.28 -16.42 -61.95
CA LYS A 67 -0.35 -16.86 -60.71
C LYS A 67 -0.94 -15.72 -59.89
N ALA A 68 -0.26 -14.57 -59.85
CA ALA A 68 -0.60 -13.49 -58.92
C ALA A 68 -0.85 -12.18 -59.67
N PRO A 69 -2.06 -11.96 -60.17
CA PRO A 69 -2.39 -10.64 -60.73
C PRO A 69 -2.33 -9.56 -59.66
N LEU A 70 -1.80 -8.40 -60.05
CA LEU A 70 -1.65 -7.26 -59.16
C LEU A 70 -2.45 -6.08 -59.70
N THR A 71 -3.28 -5.49 -58.84
CA THR A 71 -4.14 -4.38 -59.24
C THR A 71 -4.14 -3.34 -58.13
N VAL A 72 -4.64 -2.13 -58.44
CA VAL A 72 -4.65 -1.04 -57.49
C VAL A 72 -5.97 -0.28 -57.57
N ASP A 73 -6.25 0.46 -56.50
CA ASP A 73 -7.37 1.39 -56.44
C ASP A 73 -6.86 2.67 -55.78
N LYS A 74 -6.46 3.65 -56.60
CA LYS A 74 -6.01 4.92 -56.06
C LYS A 74 -7.07 5.58 -55.20
N SER A 75 -8.35 5.38 -55.53
CA SER A 75 -9.43 5.99 -54.77
C SER A 75 -9.32 5.71 -53.27
N SER A 76 -8.80 4.55 -52.87
CA SER A 76 -8.78 4.16 -51.47
C SER A 76 -7.40 3.78 -50.94
N ASN A 77 -6.32 4.08 -51.67
CA ASN A 77 -4.95 3.74 -51.26
C ASN A 77 -4.81 2.25 -50.95
N THR A 78 -5.35 1.43 -51.85
CA THR A 78 -5.43 -0.01 -51.63
C THR A 78 -4.82 -0.74 -52.82
N ALA A 79 -3.95 -1.69 -52.56
CA ALA A 79 -3.42 -2.59 -53.57
C ALA A 79 -3.98 -3.99 -53.35
N TYR A 80 -4.15 -4.72 -54.45
CA TYR A 80 -4.69 -6.06 -54.40
C TYR A 80 -3.72 -7.05 -55.04
N MET A 81 -3.71 -8.26 -54.47
CA MET A 81 -3.05 -9.41 -55.08
C MET A 81 -4.05 -10.55 -55.15
N GLU A 82 -4.25 -11.07 -56.35
CA GLU A 82 -5.08 -12.25 -56.56
C GLU A 82 -4.21 -13.50 -56.63
N LEU A 83 -4.77 -14.63 -56.22
CA LEU A 83 -4.12 -15.92 -56.37
C LEU A 83 -5.09 -16.87 -57.07
N LEU A 84 -4.75 -17.26 -58.30
CA LEU A 84 -5.62 -18.07 -59.15
C LEU A 84 -5.26 -19.56 -59.07
N SER A 85 -6.30 -20.39 -59.16
CA SER A 85 -6.17 -21.85 -59.19
C SER A 85 -5.25 -22.35 -58.07
N LEU A 86 -5.69 -22.12 -56.84
CA LEU A 86 -4.82 -22.34 -55.70
C LEU A 86 -4.53 -23.81 -55.49
N THR A 87 -3.26 -24.12 -55.26
CA THR A 87 -2.82 -25.44 -54.83
C THR A 87 -2.23 -25.33 -53.43
N SER A 88 -1.92 -26.50 -52.86
CA SER A 88 -1.38 -26.53 -51.51
C SER A 88 -0.05 -25.79 -51.40
N GLY A 89 0.69 -25.66 -52.50
CA GLY A 89 1.93 -24.91 -52.48
C GLY A 89 1.76 -23.42 -52.29
N ASP A 90 0.53 -22.91 -52.40
CA ASP A 90 0.25 -21.51 -52.16
C ASP A 90 -0.03 -21.21 -50.69
N SER A 91 -0.08 -22.22 -49.83
CA SER A 91 -0.26 -22.01 -48.40
C SER A 91 1.01 -21.36 -47.83
N ALA A 92 0.87 -20.14 -47.32
CA ALA A 92 2.02 -19.37 -46.86
C ALA A 92 1.48 -18.12 -46.16
N VAL A 93 2.41 -17.28 -45.71
CA VAL A 93 2.10 -15.92 -45.27
C VAL A 93 2.52 -14.98 -46.39
N TYR A 94 1.61 -14.08 -46.78
CA TYR A 94 1.86 -13.10 -47.83
C TYR A 94 1.95 -11.70 -47.24
N TYR A 95 2.96 -10.94 -47.68
CA TYR A 95 3.17 -9.57 -47.22
C TYR A 95 3.04 -8.60 -48.39
N CYS A 96 2.54 -7.40 -48.10
CA CYS A 96 2.73 -6.27 -48.99
C CYS A 96 3.89 -5.42 -48.45
N ALA A 97 4.72 -4.92 -49.35
CA ALA A 97 5.86 -4.09 -48.98
C ALA A 97 5.88 -2.83 -49.83
N ARG A 98 5.78 -1.68 -49.18
CA ARG A 98 6.02 -0.41 -49.85
C ARG A 98 7.47 -0.33 -50.33
N GLY A 99 7.68 0.37 -51.44
CA GLY A 99 9.02 0.56 -51.96
C GLY A 99 9.13 1.62 -53.03
N TYR A 100 9.96 2.64 -52.80
CA TYR A 100 10.23 3.61 -53.84
C TYR A 100 10.80 2.90 -55.06
N TYR A 101 10.44 3.43 -56.24
CA TYR A 101 10.73 2.73 -57.49
C TYR A 101 12.21 2.40 -57.65
N TYR A 102 13.10 3.23 -57.11
CA TYR A 102 14.53 3.02 -57.26
C TYR A 102 15.22 2.50 -56.01
N TYR A 103 14.56 2.48 -54.85
CA TYR A 103 15.15 2.02 -53.61
C TYR A 103 14.69 0.60 -53.32
N SER A 104 15.06 0.10 -52.13
CA SER A 104 14.61 -1.21 -51.69
C SER A 104 13.34 -1.07 -50.85
N LEU A 105 12.77 -2.23 -50.48
CA LEU A 105 11.58 -2.24 -49.64
C LEU A 105 11.90 -1.70 -48.25
N ASP A 106 11.03 -0.86 -47.72
CA ASP A 106 11.21 -0.29 -46.39
C ASP A 106 10.17 -0.76 -45.40
N TYR A 107 8.88 -0.56 -45.68
CA TYR A 107 7.80 -0.88 -44.76
C TYR A 107 7.04 -2.12 -45.22
N TRP A 108 6.67 -2.98 -44.28
CA TRP A 108 5.94 -4.21 -44.58
C TRP A 108 4.59 -4.20 -43.88
N GLY A 109 3.60 -4.83 -44.52
CA GLY A 109 2.32 -5.06 -43.88
C GLY A 109 2.42 -6.11 -42.81
N GLN A 110 1.33 -6.28 -42.06
CA GLN A 110 1.35 -7.23 -40.94
C GLN A 110 1.37 -8.68 -41.40
N GLY A 111 1.03 -8.94 -42.66
CA GLY A 111 1.01 -10.30 -43.18
C GLY A 111 -0.37 -10.93 -43.21
N THR A 112 -0.65 -11.71 -44.26
CA THR A 112 -1.91 -12.43 -44.41
C THR A 112 -1.61 -13.92 -44.53
N SER A 113 -2.16 -14.71 -43.60
CA SER A 113 -1.92 -16.16 -43.60
C SER A 113 -3.00 -16.85 -44.41
N VAL A 114 -2.61 -17.58 -45.44
CA VAL A 114 -3.53 -18.29 -46.34
C VAL A 114 -3.28 -19.79 -46.24
N THR A 115 -4.34 -20.55 -45.99
CA THR A 115 -4.29 -22.01 -45.96
C THR A 115 -5.18 -22.56 -47.06
N VAL A 116 -4.61 -23.43 -47.90
CA VAL A 116 -5.34 -24.05 -49.02
C VAL A 116 -5.69 -25.47 -48.62
N SER A 117 -6.98 -25.75 -48.48
CA SER A 117 -7.41 -27.06 -48.03
C SER A 117 -8.86 -27.28 -48.41
N SER A 118 -9.20 -28.54 -48.68
CA SER A 118 -10.58 -28.91 -48.94
C SER A 118 -11.40 -29.05 -47.68
N ALA A 119 -10.78 -28.98 -46.51
CA ALA A 119 -11.50 -29.15 -45.25
C ALA A 119 -12.24 -27.87 -44.88
N SER A 120 -13.34 -28.04 -44.16
CA SER A 120 -14.10 -26.91 -43.67
C SER A 120 -13.51 -26.39 -42.37
N THR A 121 -13.72 -25.11 -42.09
CA THR A 121 -13.14 -24.50 -40.92
C THR A 121 -13.79 -25.04 -39.65
N LYS A 122 -13.02 -25.04 -38.56
CA LYS A 122 -13.52 -25.44 -37.25
C LYS A 122 -13.01 -24.48 -36.20
N GLY A 123 -13.93 -23.97 -35.37
CA GLY A 123 -13.57 -23.12 -34.28
C GLY A 123 -13.05 -23.92 -33.11
N PRO A 124 -12.26 -23.29 -32.25
CA PRO A 124 -11.69 -24.01 -31.10
C PRO A 124 -12.68 -24.08 -29.94
N SER A 125 -12.40 -25.05 -29.06
CA SER A 125 -12.95 -25.07 -27.72
C SER A 125 -11.91 -24.46 -26.78
N VAL A 126 -12.36 -23.57 -25.90
CA VAL A 126 -11.47 -22.92 -24.94
C VAL A 126 -11.72 -23.52 -23.56
N PHE A 127 -10.68 -24.11 -22.97
CA PHE A 127 -10.75 -24.73 -21.66
C PHE A 127 -9.84 -24.03 -20.68
N PRO A 128 -10.23 -23.93 -19.42
CA PRO A 128 -9.38 -23.24 -18.44
C PRO A 128 -8.27 -24.14 -17.92
N LEU A 129 -7.14 -23.52 -17.61
CA LEU A 129 -6.03 -24.17 -16.91
C LEU A 129 -5.99 -23.54 -15.52
N ALA A 130 -6.76 -24.14 -14.59
CA ALA A 130 -7.00 -23.49 -13.31
C ALA A 130 -5.76 -23.55 -12.43
N PRO A 131 -5.44 -22.46 -11.72
CA PRO A 131 -4.30 -22.49 -10.80
C PRO A 131 -4.65 -23.22 -9.51
N SER A 132 -3.99 -24.35 -9.28
CA SER A 132 -4.06 -25.03 -7.99
C SER A 132 -2.87 -24.61 -7.14
N SER A 133 -2.46 -25.46 -6.20
CA SER A 133 -1.15 -25.32 -5.58
C SER A 133 -0.13 -26.28 -6.18
N LYS A 134 -0.60 -27.28 -6.95
CA LYS A 134 0.25 -27.92 -7.95
C LYS A 134 0.65 -26.93 -9.04
N SER A 135 0.03 -25.75 -9.06
CA SER A 135 0.38 -24.66 -9.96
C SER A 135 1.07 -23.51 -9.24
N THR A 136 1.43 -23.68 -7.97
CA THR A 136 2.15 -22.65 -7.20
C THR A 136 3.55 -23.15 -6.88
N SER A 137 4.54 -22.26 -7.05
CA SER A 137 5.94 -22.56 -6.75
C SER A 137 6.56 -21.31 -6.12
N GLY A 138 6.30 -21.14 -4.83
CA GLY A 138 6.87 -20.03 -4.07
C GLY A 138 6.17 -18.70 -4.29
N GLY A 139 4.97 -18.56 -3.73
CA GLY A 139 4.22 -17.32 -3.81
C GLY A 139 3.73 -16.94 -5.19
N THR A 140 4.11 -17.66 -6.23
CA THR A 140 3.67 -17.36 -7.59
C THR A 140 2.90 -18.55 -8.14
N ALA A 141 1.78 -18.26 -8.80
CA ALA A 141 0.91 -19.28 -9.35
C ALA A 141 0.83 -19.15 -10.87
N ALA A 142 0.50 -20.26 -11.52
CA ALA A 142 0.41 -20.33 -12.97
C ALA A 142 -1.00 -20.73 -13.38
N LEU A 143 -1.60 -19.95 -14.28
CA LEU A 143 -2.91 -20.26 -14.84
C LEU A 143 -2.85 -20.02 -16.34
N GLY A 144 -3.84 -20.53 -17.06
CA GLY A 144 -3.82 -20.38 -18.50
C GLY A 144 -5.11 -20.82 -19.17
N CYS A 145 -5.03 -20.96 -20.48
CA CYS A 145 -6.16 -21.36 -21.31
C CYS A 145 -5.69 -22.34 -22.37
N LEU A 146 -6.49 -23.38 -22.61
CA LEU A 146 -6.22 -24.39 -23.62
C LEU A 146 -7.25 -24.23 -24.74
N VAL A 147 -6.80 -23.79 -25.92
CA VAL A 147 -7.66 -23.67 -27.09
C VAL A 147 -7.33 -24.83 -28.03
N LYS A 148 -8.35 -25.60 -28.39
CA LYS A 148 -8.11 -26.94 -28.92
C LYS A 148 -9.03 -27.23 -30.09
N ASP A 149 -8.49 -28.00 -31.05
CA ASP A 149 -9.25 -28.55 -32.18
C ASP A 149 -9.82 -27.43 -33.05
N TYR A 150 -8.92 -26.61 -33.61
CA TYR A 150 -9.32 -25.55 -34.52
C TYR A 150 -8.57 -25.71 -35.83
N PHE A 151 -9.14 -25.11 -36.89
CA PHE A 151 -8.56 -25.16 -38.22
C PHE A 151 -9.19 -24.08 -39.08
N PRO A 152 -8.38 -23.26 -39.78
CA PRO A 152 -6.92 -23.38 -39.77
C PRO A 152 -6.25 -22.35 -38.87
N GLU A 153 -4.94 -22.24 -38.97
CA GLU A 153 -4.19 -21.17 -38.32
C GLU A 153 -4.58 -19.82 -38.93
N PRO A 154 -4.47 -18.73 -38.16
CA PRO A 154 -4.05 -18.67 -36.76
C PRO A 154 -5.19 -18.40 -35.79
N VAL A 155 -4.84 -18.12 -34.54
CA VAL A 155 -5.77 -17.63 -33.53
C VAL A 155 -5.08 -16.53 -32.74
N THR A 156 -5.86 -15.57 -32.26
CA THR A 156 -5.35 -14.53 -31.39
C THR A 156 -5.80 -14.82 -29.97
N VAL A 157 -4.85 -14.76 -29.03
CA VAL A 157 -5.13 -14.97 -27.61
C VAL A 157 -4.62 -13.75 -26.85
N SER A 158 -5.51 -13.12 -26.07
CA SER A 158 -5.13 -12.04 -25.19
C SER A 158 -5.71 -12.29 -23.80
N TRP A 159 -5.14 -11.64 -22.80
CA TRP A 159 -5.55 -11.80 -21.41
C TRP A 159 -6.08 -10.48 -20.89
N ASN A 160 -7.32 -10.50 -20.39
CA ASN A 160 -7.98 -9.32 -19.84
C ASN A 160 -8.03 -8.17 -20.86
N SER A 161 -8.38 -8.52 -22.10
CA SER A 161 -8.62 -7.55 -23.17
C SER A 161 -7.37 -6.71 -23.46
N GLY A 162 -6.19 -7.28 -23.24
CA GLY A 162 -4.94 -6.60 -23.51
C GLY A 162 -4.27 -5.96 -22.32
N ALA A 163 -4.88 -6.02 -21.14
CA ALA A 163 -4.28 -5.42 -19.95
C ALA A 163 -3.14 -6.27 -19.42
N LEU A 164 -3.35 -7.57 -19.31
CA LEU A 164 -2.35 -8.51 -18.80
C LEU A 164 -1.40 -8.90 -19.94
N THR A 165 -0.10 -8.67 -19.72
CA THR A 165 0.89 -8.97 -20.77
C THR A 165 2.16 -9.58 -20.19
N SER A 166 2.64 -9.05 -19.07
CA SER A 166 3.86 -9.58 -18.46
C SER A 166 3.57 -10.92 -17.80
N GLY A 167 4.45 -11.89 -18.03
CA GLY A 167 4.24 -13.23 -17.56
C GLY A 167 3.38 -14.10 -18.46
N VAL A 168 2.91 -13.55 -19.58
CA VAL A 168 2.07 -14.29 -20.52
C VAL A 168 2.97 -15.06 -21.48
N HIS A 169 2.67 -16.34 -21.69
CA HIS A 169 3.37 -17.16 -22.66
C HIS A 169 2.32 -17.85 -23.55
N THR A 170 2.23 -17.40 -24.80
CA THR A 170 1.34 -18.02 -25.79
C THR A 170 2.18 -18.98 -26.64
N PHE A 171 2.00 -20.28 -26.43
CA PHE A 171 2.81 -21.28 -27.08
C PHE A 171 2.41 -21.46 -28.55
N PRO A 172 3.36 -21.81 -29.41
CA PRO A 172 3.02 -22.09 -30.80
C PRO A 172 2.06 -23.27 -30.92
N ALA A 173 1.19 -23.20 -31.91
CA ALA A 173 0.22 -24.26 -32.13
C ALA A 173 0.92 -25.56 -32.49
N VAL A 174 0.33 -26.68 -32.07
CA VAL A 174 0.82 -27.99 -32.42
C VAL A 174 -0.24 -28.68 -33.28
N LEU A 175 0.21 -29.45 -34.26
CA LEU A 175 -0.69 -30.15 -35.18
C LEU A 175 -1.02 -31.52 -34.61
N GLN A 176 -2.27 -31.73 -34.23
CA GLN A 176 -2.69 -32.98 -33.63
C GLN A 176 -2.89 -34.07 -34.69
N SER A 177 -2.98 -35.31 -34.22
CA SER A 177 -3.14 -36.43 -35.14
C SER A 177 -4.50 -36.39 -35.86
N SER A 178 -5.46 -35.64 -35.32
CA SER A 178 -6.73 -35.44 -35.99
C SER A 178 -6.61 -34.52 -37.19
N GLY A 179 -5.47 -33.85 -37.38
CA GLY A 179 -5.33 -32.83 -38.38
C GLY A 179 -5.80 -31.46 -37.95
N LEU A 180 -6.17 -31.30 -36.68
CA LEU A 180 -6.58 -30.01 -36.11
C LEU A 180 -5.45 -29.45 -35.26
N TYR A 181 -5.54 -28.15 -35.00
CA TYR A 181 -4.52 -27.44 -34.24
C TYR A 181 -4.91 -27.29 -32.78
N SER A 182 -3.90 -27.21 -31.93
CA SER A 182 -4.09 -27.02 -30.50
C SER A 182 -2.94 -26.16 -29.96
N LEU A 183 -3.26 -25.19 -29.12
CA LEU A 183 -2.23 -24.44 -28.41
C LEU A 183 -2.72 -24.08 -27.02
N SER A 184 -1.79 -23.54 -26.22
CA SER A 184 -2.08 -23.14 -24.86
C SER A 184 -1.45 -21.79 -24.58
N SER A 185 -2.17 -20.97 -23.81
CA SER A 185 -1.67 -19.72 -23.28
C SER A 185 -1.61 -19.84 -21.76
N VAL A 186 -0.56 -19.29 -21.16
CA VAL A 186 -0.37 -19.37 -19.72
C VAL A 186 0.13 -18.04 -19.18
N VAL A 187 -0.23 -17.76 -17.93
CA VAL A 187 0.21 -16.58 -17.23
C VAL A 187 0.75 -16.99 -15.86
N THR A 188 1.91 -16.45 -15.50
CA THR A 188 2.45 -16.58 -14.16
C THR A 188 2.06 -15.35 -13.36
N VAL A 189 1.51 -15.58 -12.18
CA VAL A 189 0.85 -14.52 -11.42
C VAL A 189 1.14 -14.72 -9.94
N PRO A 190 1.27 -13.61 -9.22
CA PRO A 190 1.33 -13.72 -7.76
C PRO A 190 0.04 -14.33 -7.22
N SER A 191 0.17 -15.42 -6.44
CA SER A 191 -0.98 -16.08 -5.85
C SER A 191 -1.63 -15.24 -4.75
N SER A 192 -1.05 -14.08 -4.42
CA SER A 192 -1.75 -13.12 -3.56
C SER A 192 -3.01 -12.60 -4.22
N SER A 193 -3.09 -12.62 -5.56
CA SER A 193 -4.17 -11.98 -6.30
C SER A 193 -5.19 -12.96 -6.85
N LEU A 194 -5.08 -14.25 -6.51
CA LEU A 194 -5.98 -15.23 -7.11
C LEU A 194 -7.40 -15.09 -6.57
N GLY A 195 -7.56 -14.97 -5.25
CA GLY A 195 -8.88 -14.82 -4.67
C GLY A 195 -9.55 -13.49 -4.96
N THR A 196 -8.78 -12.49 -5.37
CA THR A 196 -9.30 -11.15 -5.61
C THR A 196 -9.38 -10.83 -7.10
N GLN A 197 -8.24 -10.79 -7.80
CA GLN A 197 -8.23 -10.43 -9.21
C GLN A 197 -8.78 -11.56 -10.06
N THR A 198 -9.55 -11.21 -11.09
CA THR A 198 -10.10 -12.16 -12.03
C THR A 198 -9.33 -12.10 -13.35
N TYR A 199 -9.20 -13.25 -14.00
CA TYR A 199 -8.38 -13.38 -15.20
C TYR A 199 -9.22 -13.95 -16.33
N ILE A 200 -9.31 -13.21 -17.44
CA ILE A 200 -10.06 -13.60 -18.62
C ILE A 200 -9.09 -13.79 -19.78
N CYS A 201 -9.14 -14.95 -20.43
CA CYS A 201 -8.42 -15.13 -21.68
C CYS A 201 -9.38 -14.93 -22.85
N ASN A 202 -8.95 -14.15 -23.82
CA ASN A 202 -9.77 -13.77 -24.97
C ASN A 202 -9.24 -14.49 -26.20
N VAL A 203 -10.10 -15.29 -26.83
CA VAL A 203 -9.74 -16.09 -27.98
C VAL A 203 -10.57 -15.63 -29.18
N ASN A 204 -9.92 -15.51 -30.33
CA ASN A 204 -10.59 -15.10 -31.56
C ASN A 204 -10.01 -15.90 -32.73
N HIS A 205 -10.80 -16.83 -33.25
CA HIS A 205 -10.46 -17.58 -34.47
C HIS A 205 -11.29 -16.99 -35.60
N LYS A 206 -10.68 -16.07 -36.35
CA LYS A 206 -11.42 -15.36 -37.39
C LYS A 206 -11.95 -16.24 -38.51
N PRO A 207 -11.23 -17.25 -39.02
CA PRO A 207 -11.80 -18.03 -40.14
C PRO A 207 -13.17 -18.61 -39.85
N SER A 208 -13.46 -18.89 -38.59
CA SER A 208 -14.76 -19.39 -38.17
C SER A 208 -15.54 -18.40 -37.31
N ASN A 209 -15.01 -17.20 -37.12
CA ASN A 209 -15.66 -16.18 -36.31
C ASN A 209 -16.04 -16.71 -34.93
N THR A 210 -15.13 -17.46 -34.32
CA THR A 210 -15.34 -17.95 -32.96
C THR A 210 -14.71 -16.97 -31.99
N LYS A 211 -15.56 -16.33 -31.18
CA LYS A 211 -15.12 -15.37 -30.16
C LYS A 211 -15.55 -15.91 -28.79
N VAL A 212 -14.56 -16.24 -27.96
CA VAL A 212 -14.82 -16.83 -26.65
C VAL A 212 -13.94 -16.14 -25.62
N ASP A 213 -14.57 -15.55 -24.60
CA ASP A 213 -13.89 -15.04 -23.42
C ASP A 213 -14.24 -15.95 -22.25
N LYS A 214 -13.22 -16.58 -21.66
CA LYS A 214 -13.40 -17.56 -20.60
C LYS A 214 -12.68 -17.10 -19.34
N LYS A 215 -13.35 -17.26 -18.20
CA LYS A 215 -12.80 -16.87 -16.91
C LYS A 215 -12.17 -18.08 -16.24
N VAL A 216 -10.90 -17.97 -15.87
CA VAL A 216 -10.15 -19.07 -15.27
C VAL A 216 -10.03 -18.77 -13.77
N GLU A 217 -10.82 -19.48 -12.96
CA GLU A 217 -10.79 -19.30 -11.51
C GLU A 217 -10.29 -20.56 -10.83
N PRO A 218 -9.67 -20.44 -9.65
CA PRO A 218 -9.03 -21.60 -9.03
C PRO A 218 -10.02 -22.46 -8.26
N LYS A 219 -9.51 -23.59 -7.77
CA LYS A 219 -10.28 -24.52 -6.96
C LYS A 219 -9.38 -25.52 -6.26
N GLN B 1 17.28 -15.36 -60.34
CA GLN B 1 18.23 -16.46 -60.44
C GLN B 1 19.46 -16.21 -59.57
N ILE B 2 19.68 -14.94 -59.21
CA ILE B 2 20.76 -14.60 -58.29
C ILE B 2 20.47 -15.23 -56.93
N VAL B 3 21.32 -16.19 -56.53
CA VAL B 3 21.18 -16.90 -55.27
C VAL B 3 22.05 -16.22 -54.22
N LEU B 4 21.50 -16.00 -53.03
CA LEU B 4 22.21 -15.37 -51.92
C LEU B 4 22.38 -16.37 -50.78
N THR B 5 23.62 -16.76 -50.53
CA THR B 5 23.96 -17.70 -49.47
C THR B 5 24.40 -16.92 -48.22
N GLN B 6 23.85 -17.30 -47.08
CA GLN B 6 24.25 -16.75 -45.79
C GLN B 6 24.96 -17.85 -45.01
N SER B 7 26.25 -17.64 -44.69
CA SER B 7 27.09 -18.75 -44.23
C SER B 7 26.65 -19.31 -42.88
N PRO B 8 26.54 -18.50 -41.81
CA PRO B 8 26.05 -19.09 -40.55
C PRO B 8 24.53 -19.19 -40.56
N ALA B 9 23.99 -20.38 -40.86
CA ALA B 9 22.55 -20.56 -40.84
C ALA B 9 21.99 -20.24 -39.46
N ILE B 10 22.37 -21.01 -38.45
CA ILE B 10 22.02 -20.74 -37.07
C ILE B 10 23.31 -20.60 -36.28
N MET B 11 23.29 -19.72 -35.28
CA MET B 11 24.49 -19.49 -34.49
C MET B 11 24.09 -18.94 -33.13
N SER B 12 24.65 -19.52 -32.07
CA SER B 12 24.45 -19.02 -30.72
C SER B 12 25.58 -18.06 -30.37
N VAL B 13 25.23 -16.94 -29.75
CA VAL B 13 26.16 -15.88 -29.40
C VAL B 13 25.96 -15.51 -27.94
N SER B 14 27.11 -15.08 -27.22
CA SER B 14 27.08 -14.62 -25.84
C SER B 14 26.87 -13.10 -25.78
N PRO B 15 26.33 -12.58 -24.69
CA PRO B 15 26.08 -11.13 -24.61
C PRO B 15 27.38 -10.33 -24.68
N GLY B 16 27.29 -9.15 -25.29
CA GLY B 16 28.45 -8.32 -25.52
C GLY B 16 29.39 -8.81 -26.61
N GLU B 17 29.23 -10.04 -27.08
CA GLU B 17 30.12 -10.59 -28.10
C GLU B 17 29.92 -9.88 -29.43
N LYS B 18 31.00 -9.81 -30.22
CA LYS B 18 30.95 -9.31 -31.58
C LYS B 18 30.79 -10.48 -32.53
N VAL B 19 29.75 -10.45 -33.36
CA VAL B 19 29.44 -11.52 -34.29
C VAL B 19 29.13 -10.93 -35.65
N THR B 20 29.60 -11.61 -36.69
CA THR B 20 29.46 -11.17 -38.07
C THR B 20 28.87 -12.31 -38.88
N MET B 21 27.78 -12.03 -39.59
CA MET B 21 27.20 -12.97 -40.53
C MET B 21 27.49 -12.49 -41.95
N THR B 22 27.60 -13.46 -42.87
CA THR B 22 27.98 -13.16 -44.24
C THR B 22 26.81 -13.42 -45.18
N CYS B 23 26.85 -12.74 -46.32
CA CYS B 23 25.94 -13.00 -47.43
C CYS B 23 26.74 -12.95 -48.72
N SER B 24 26.81 -14.08 -49.42
CA SER B 24 27.54 -14.19 -50.68
C SER B 24 26.56 -14.42 -51.83
N ALA B 25 26.71 -13.64 -52.90
CA ALA B 25 25.83 -13.69 -54.06
C ALA B 25 26.43 -14.58 -55.14
N SER B 26 25.55 -15.10 -56.00
CA SER B 26 25.99 -15.92 -57.12
C SER B 26 26.58 -15.08 -58.24
N SER B 27 26.34 -13.78 -58.24
CA SER B 27 26.88 -12.88 -59.25
C SER B 27 26.97 -11.49 -58.64
N SER B 28 27.72 -10.62 -59.33
CA SER B 28 28.02 -9.30 -58.77
C SER B 28 26.76 -8.44 -58.69
N ILE B 29 26.59 -7.77 -57.55
CA ILE B 29 25.49 -6.84 -57.34
C ILE B 29 26.08 -5.54 -56.80
N ARG B 30 25.29 -4.48 -56.87
CA ARG B 30 25.77 -3.15 -56.47
C ARG B 30 25.41 -2.80 -55.04
N TYR B 31 24.32 -3.34 -54.50
CA TYR B 31 23.94 -3.03 -53.13
C TYR B 31 23.25 -4.25 -52.52
N ILE B 32 23.64 -4.60 -51.31
CA ILE B 32 22.91 -5.59 -50.54
C ILE B 32 22.01 -4.86 -49.56
N HIS B 33 20.94 -5.52 -49.13
CA HIS B 33 20.02 -4.94 -48.17
C HIS B 33 19.69 -6.00 -47.12
N TRP B 34 19.44 -5.53 -45.90
CA TRP B 34 19.27 -6.41 -44.75
C TRP B 34 17.93 -6.17 -44.09
N TYR B 35 17.26 -7.25 -43.71
CA TYR B 35 15.97 -7.19 -43.06
C TYR B 35 15.99 -8.09 -41.83
N GLN B 36 15.47 -7.58 -40.71
CA GLN B 36 15.39 -8.33 -39.47
C GLN B 36 13.95 -8.77 -39.22
N GLN B 37 13.78 -10.02 -38.80
CA GLN B 37 12.46 -10.55 -38.48
C GLN B 37 12.52 -11.36 -37.19
N ARG B 38 11.60 -11.06 -36.27
CA ARG B 38 11.33 -11.84 -35.08
C ARG B 38 10.12 -12.75 -35.31
N PRO B 39 10.13 -13.97 -34.78
CA PRO B 39 9.09 -14.94 -35.15
C PRO B 39 7.68 -14.41 -34.89
N GLY B 40 6.82 -14.58 -35.87
CA GLY B 40 5.45 -14.06 -35.82
C GLY B 40 5.27 -12.68 -36.41
N THR B 41 6.22 -11.78 -36.18
CA THR B 41 6.14 -10.42 -36.68
C THR B 41 6.60 -10.35 -38.13
N SER B 42 6.46 -9.14 -38.74
CA SER B 42 6.84 -8.88 -40.11
C SER B 42 8.29 -8.39 -40.19
N PRO B 43 8.97 -8.64 -41.31
CA PRO B 43 10.33 -8.13 -41.47
C PRO B 43 10.37 -6.61 -41.39
N LYS B 44 11.44 -6.10 -40.80
CA LYS B 44 11.69 -4.66 -40.73
C LYS B 44 13.00 -4.35 -41.42
N ARG B 45 13.02 -3.28 -42.22
CA ARG B 45 14.23 -2.88 -42.90
C ARG B 45 15.30 -2.48 -41.89
N TRP B 46 16.46 -3.12 -41.99
CA TRP B 46 17.55 -2.93 -41.05
C TRP B 46 18.70 -2.13 -41.66
N ILE B 47 19.26 -2.58 -42.77
CA ILE B 47 20.34 -1.89 -43.45
C ILE B 47 20.05 -1.89 -44.95
N TYR B 48 20.02 -0.70 -45.56
CA TYR B 48 19.85 -0.57 -47.00
C TYR B 48 21.12 0.02 -47.61
N ASP B 49 21.32 -0.28 -48.89
CA ASP B 49 22.49 0.17 -49.64
C ASP B 49 23.77 -0.28 -48.95
N THR B 50 23.80 -1.56 -48.55
CA THR B 50 24.97 -2.28 -48.06
C THR B 50 25.46 -1.82 -46.68
N SER B 51 25.37 -0.53 -46.38
CA SER B 51 25.99 -0.03 -45.16
C SER B 51 25.17 1.04 -44.43
N ASN B 52 24.06 1.50 -44.97
CA ASN B 52 23.29 2.58 -44.34
C ASN B 52 22.31 1.99 -43.34
N LEU B 53 22.38 2.50 -42.11
CA LEU B 53 21.47 2.06 -41.06
C LEU B 53 20.08 2.62 -41.28
N ALA B 54 19.08 1.76 -41.31
CA ALA B 54 17.72 2.23 -41.41
C ALA B 54 17.33 3.00 -40.14
N SER B 55 16.32 3.84 -40.26
CA SER B 55 15.89 4.65 -39.13
C SER B 55 15.48 3.76 -37.97
N GLY B 56 15.99 4.09 -36.78
CA GLY B 56 15.71 3.32 -35.58
C GLY B 56 16.72 2.22 -35.28
N VAL B 57 17.47 1.77 -36.27
CA VAL B 57 18.43 0.69 -36.02
C VAL B 57 19.54 1.21 -35.12
N PRO B 58 19.88 0.51 -34.03
CA PRO B 58 20.89 1.04 -33.10
C PRO B 58 22.26 1.14 -33.74
N ALA B 59 23.05 2.10 -33.25
CA ALA B 59 24.38 2.35 -33.81
C ALA B 59 25.30 1.14 -33.71
N ARG B 60 25.00 0.18 -32.82
CA ARG B 60 25.85 -0.99 -32.69
C ARG B 60 25.82 -1.90 -33.93
N PHE B 61 24.91 -1.64 -34.87
CA PHE B 61 24.84 -2.41 -36.10
C PHE B 61 25.64 -1.72 -37.21
N SER B 62 26.20 -2.54 -38.09
CA SER B 62 26.94 -2.02 -39.22
C SER B 62 27.01 -3.09 -40.30
N GLY B 63 27.16 -2.64 -41.54
CA GLY B 63 27.22 -3.54 -42.67
C GLY B 63 28.30 -3.13 -43.65
N SER B 64 28.94 -4.12 -44.25
CA SER B 64 30.03 -3.93 -45.20
C SER B 64 29.88 -4.96 -46.32
N GLY B 65 30.57 -4.72 -47.41
CA GLY B 65 30.53 -5.66 -48.52
C GLY B 65 30.85 -4.98 -49.84
N SER B 66 31.13 -5.81 -50.84
CA SER B 66 31.56 -5.35 -52.15
C SER B 66 31.22 -6.41 -53.18
N GLY B 67 30.75 -5.98 -54.35
CA GLY B 67 30.48 -6.89 -55.45
C GLY B 67 29.64 -8.11 -55.10
N THR B 68 30.26 -9.12 -54.49
CA THR B 68 29.61 -10.40 -54.23
C THR B 68 29.64 -10.79 -52.76
N SER B 69 30.70 -10.46 -52.03
CA SER B 69 30.80 -10.78 -50.62
C SER B 69 30.30 -9.60 -49.79
N TYR B 70 29.32 -9.84 -48.93
CA TYR B 70 28.76 -8.82 -48.05
C TYR B 70 28.63 -9.39 -46.64
N SER B 71 28.54 -8.48 -45.67
CA SER B 71 28.54 -8.92 -44.28
C SER B 71 27.74 -7.95 -43.42
N LEU B 72 27.15 -8.50 -42.35
CA LEU B 72 26.48 -7.73 -41.31
C LEU B 72 27.18 -8.05 -39.99
N THR B 73 27.42 -6.99 -39.20
CA THR B 73 28.11 -7.13 -37.92
C THR B 73 27.38 -6.30 -36.88
N ILE B 74 27.18 -6.90 -35.70
CA ILE B 74 26.76 -6.16 -34.52
C ILE B 74 27.97 -6.08 -33.59
N SER B 75 28.23 -4.88 -33.07
CA SER B 75 29.48 -4.65 -32.33
C SER B 75 29.49 -5.43 -31.03
N SER B 76 28.45 -5.30 -30.21
CA SER B 76 28.31 -6.08 -28.98
C SER B 76 26.87 -6.57 -28.90
N MET B 77 26.70 -7.88 -29.00
CA MET B 77 25.37 -8.48 -29.04
C MET B 77 24.56 -8.12 -27.80
N GLU B 78 23.26 -7.90 -28.01
CA GLU B 78 22.31 -7.63 -26.93
C GLU B 78 21.20 -8.68 -26.95
N ALA B 79 20.30 -8.59 -25.97
CA ALA B 79 19.20 -9.55 -25.87
C ALA B 79 18.17 -9.32 -26.97
N GLU B 80 17.86 -8.06 -27.27
CA GLU B 80 16.88 -7.71 -28.29
C GLU B 80 17.38 -7.92 -29.71
N ASP B 81 18.60 -8.42 -29.89
CA ASP B 81 19.09 -8.74 -31.22
C ASP B 81 18.85 -10.19 -31.61
N ALA B 82 18.37 -11.02 -30.69
CA ALA B 82 18.04 -12.40 -31.00
C ALA B 82 16.90 -12.43 -32.01
N ALA B 83 17.22 -12.70 -33.27
CA ALA B 83 16.25 -12.65 -34.33
C ALA B 83 16.84 -13.34 -35.55
N THR B 84 16.10 -13.31 -36.65
CA THR B 84 16.59 -13.81 -37.92
C THR B 84 16.87 -12.63 -38.85
N TYR B 85 17.98 -12.71 -39.58
CA TYR B 85 18.44 -11.66 -40.47
C TYR B 85 18.50 -12.21 -41.88
N TYR B 86 17.87 -11.50 -42.82
CA TYR B 86 17.85 -11.88 -44.23
C TYR B 86 18.57 -10.82 -45.05
N CYS B 87 19.44 -11.25 -45.96
CA CYS B 87 19.95 -10.30 -46.94
C CYS B 87 19.11 -10.35 -48.20
N HIS B 88 19.12 -9.25 -48.95
CA HIS B 88 18.20 -9.03 -50.04
C HIS B 88 18.88 -8.21 -51.13
N GLN B 89 18.69 -8.62 -52.39
CA GLN B 89 19.19 -7.89 -53.54
C GLN B 89 18.06 -7.62 -54.53
N ARG B 90 18.00 -6.39 -55.03
CA ARG B 90 17.07 -5.99 -56.08
C ARG B 90 17.83 -5.51 -57.31
N ASN B 91 18.98 -6.12 -57.57
CA ASN B 91 19.83 -5.71 -58.67
C ASN B 91 19.33 -6.25 -60.01
N SER B 92 18.75 -7.44 -60.02
CA SER B 92 18.28 -8.06 -61.24
C SER B 92 16.98 -8.80 -60.99
N TYR B 93 16.06 -8.72 -61.94
CA TYR B 93 14.83 -9.51 -61.85
C TYR B 93 15.15 -10.98 -62.06
N PRO B 94 14.65 -11.89 -61.21
CA PRO B 94 13.76 -11.56 -60.10
C PRO B 94 14.51 -11.18 -58.82
N TRP B 95 13.93 -10.28 -58.03
CA TRP B 95 14.49 -9.95 -56.74
C TRP B 95 14.46 -11.16 -55.83
N THR B 96 15.54 -11.36 -55.07
CA THR B 96 15.69 -12.55 -54.23
C THR B 96 16.11 -12.17 -52.83
N PHE B 97 15.96 -13.14 -51.92
CA PHE B 97 16.37 -13.02 -50.53
C PHE B 97 17.36 -14.14 -50.21
N GLY B 98 17.93 -14.07 -49.01
CA GLY B 98 18.80 -15.10 -48.51
C GLY B 98 18.07 -16.11 -47.65
N GLY B 99 18.74 -17.23 -47.38
CA GLY B 99 18.17 -18.26 -46.53
C GLY B 99 17.98 -17.85 -45.09
N GLY B 100 18.55 -16.72 -44.67
CA GLY B 100 18.38 -16.25 -43.31
C GLY B 100 19.46 -16.75 -42.38
N THR B 101 19.79 -15.91 -41.41
CA THR B 101 20.73 -16.26 -40.34
C THR B 101 20.05 -15.94 -39.01
N ARG B 102 19.94 -16.94 -38.15
CA ARG B 102 19.25 -16.81 -36.88
C ARG B 102 20.25 -16.75 -35.75
N LEU B 103 20.11 -15.76 -34.87
CA LEU B 103 20.99 -15.57 -33.73
C LEU B 103 20.21 -15.74 -32.43
N GLU B 104 20.69 -16.64 -31.57
CA GLU B 104 20.14 -16.82 -30.23
C GLU B 104 21.20 -16.44 -29.20
N ILE B 105 20.79 -15.67 -28.20
CA ILE B 105 21.72 -15.14 -27.21
C ILE B 105 21.99 -16.18 -26.12
N ARG B 106 23.25 -16.32 -25.74
CA ARG B 106 23.64 -17.26 -24.71
C ARG B 106 23.31 -16.70 -23.33
N ARG B 107 23.04 -17.61 -22.39
CA ARG B 107 22.56 -17.25 -21.07
C ARG B 107 23.12 -18.24 -20.07
N THR B 108 23.10 -17.87 -18.78
CA THR B 108 23.46 -18.83 -17.77
C THR B 108 22.41 -19.95 -17.70
N VAL B 109 22.87 -21.14 -17.33
CA VAL B 109 21.96 -22.27 -17.22
C VAL B 109 20.88 -21.93 -16.18
N ALA B 110 19.64 -22.32 -16.49
CA ALA B 110 18.51 -22.02 -15.62
C ALA B 110 17.56 -23.20 -15.63
N ALA B 111 17.11 -23.58 -14.48
CA ALA B 111 16.23 -24.73 -14.31
C ALA B 111 14.77 -24.32 -14.47
N PRO B 112 13.93 -25.20 -15.00
CA PRO B 112 12.53 -24.83 -15.21
C PRO B 112 11.72 -25.00 -13.95
N SER B 113 10.68 -24.17 -13.83
CA SER B 113 9.61 -24.38 -12.87
C SER B 113 8.55 -25.24 -13.53
N VAL B 114 8.15 -26.32 -12.86
CA VAL B 114 7.29 -27.34 -13.45
C VAL B 114 5.94 -27.27 -12.77
N PHE B 115 4.90 -27.00 -13.55
CA PHE B 115 3.52 -27.01 -13.10
C PHE B 115 2.76 -28.09 -13.84
N ILE B 116 1.68 -28.57 -13.22
CA ILE B 116 0.81 -29.57 -13.83
C ILE B 116 -0.64 -29.12 -13.67
N PHE B 117 -1.44 -29.39 -14.70
CA PHE B 117 -2.84 -28.97 -14.73
C PHE B 117 -3.74 -30.18 -14.98
N PRO B 118 -4.70 -30.45 -14.10
CA PRO B 118 -5.65 -31.54 -14.36
C PRO B 118 -6.65 -31.12 -15.43
N PRO B 119 -7.33 -32.07 -16.06
CA PRO B 119 -8.35 -31.70 -17.06
C PRO B 119 -9.48 -30.92 -16.41
N SER B 120 -9.97 -29.92 -17.13
CA SER B 120 -11.08 -29.11 -16.63
C SER B 120 -12.37 -29.93 -16.59
N ASP B 121 -13.29 -29.50 -15.72
CA ASP B 121 -14.62 -30.11 -15.71
C ASP B 121 -15.34 -29.87 -17.03
N GLU B 122 -15.07 -28.75 -17.69
CA GLU B 122 -15.72 -28.45 -18.95
C GLU B 122 -15.29 -29.41 -20.04
N GLN B 123 -14.01 -29.82 -20.05
CA GLN B 123 -13.54 -30.76 -21.06
C GLN B 123 -13.94 -32.18 -20.73
N LEU B 124 -14.09 -32.51 -19.45
CA LEU B 124 -14.50 -33.87 -19.07
C LEU B 124 -15.93 -34.17 -19.50
N LYS B 125 -16.79 -33.14 -19.54
CA LYS B 125 -18.11 -33.33 -20.14
C LYS B 125 -18.03 -33.58 -21.63
N SER B 126 -16.97 -33.10 -22.29
CA SER B 126 -16.82 -33.27 -23.73
C SER B 126 -16.47 -34.70 -24.11
N GLY B 127 -15.97 -35.50 -23.16
CA GLY B 127 -15.60 -36.87 -23.43
C GLY B 127 -14.11 -37.13 -23.52
N THR B 128 -13.28 -36.08 -23.44
CA THR B 128 -11.83 -36.22 -23.51
C THR B 128 -11.21 -35.51 -22.32
N ALA B 129 -9.98 -35.92 -21.99
CA ALA B 129 -9.25 -35.33 -20.87
C ALA B 129 -7.84 -34.99 -21.34
N SER B 130 -7.43 -33.75 -21.08
CA SER B 130 -6.10 -33.27 -21.44
C SER B 130 -5.41 -32.75 -20.20
N VAL B 131 -4.30 -33.37 -19.83
CA VAL B 131 -3.43 -32.87 -18.77
C VAL B 131 -2.28 -32.12 -19.42
N VAL B 132 -1.91 -30.98 -18.82
CA VAL B 132 -0.91 -30.09 -19.39
C VAL B 132 0.21 -29.89 -18.37
N CYS B 133 1.44 -30.19 -18.78
CA CYS B 133 2.62 -29.93 -17.98
C CYS B 133 3.31 -28.69 -18.51
N LEU B 134 3.66 -27.77 -17.61
CA LEU B 134 4.24 -26.48 -17.99
C LEU B 134 5.66 -26.40 -17.44
N LEU B 135 6.63 -26.27 -18.35
CA LEU B 135 8.01 -25.95 -17.99
C LEU B 135 8.24 -24.48 -18.26
N ASN B 136 8.55 -23.71 -17.22
CA ASN B 136 8.61 -22.26 -17.30
C ASN B 136 10.04 -21.77 -17.08
N ASN B 137 10.52 -20.95 -18.01
CA ASN B 137 11.77 -20.21 -17.89
C ASN B 137 12.99 -21.08 -17.61
N PHE B 138 13.55 -21.69 -18.66
CA PHE B 138 14.72 -22.52 -18.50
C PHE B 138 15.69 -22.26 -19.64
N TYR B 139 16.94 -22.68 -19.42
CA TYR B 139 17.98 -22.57 -20.43
C TYR B 139 19.02 -23.63 -20.08
N PRO B 140 19.58 -24.34 -21.07
CA PRO B 140 19.33 -24.20 -22.51
C PRO B 140 18.02 -24.86 -22.98
N ARG B 141 17.89 -24.99 -24.31
CA ARG B 141 16.62 -25.36 -24.90
C ARG B 141 16.25 -26.82 -24.64
N GLU B 142 17.24 -27.71 -24.67
CA GLU B 142 16.99 -29.14 -24.52
C GLU B 142 16.29 -29.43 -23.20
N ALA B 143 15.16 -30.12 -23.28
CA ALA B 143 14.38 -30.48 -22.11
C ALA B 143 13.58 -31.73 -22.44
N LYS B 144 13.57 -32.67 -21.52
CA LYS B 144 12.89 -33.94 -21.73
C LYS B 144 11.72 -34.04 -20.75
N VAL B 145 10.53 -33.85 -21.28
CA VAL B 145 9.29 -34.11 -20.54
C VAL B 145 8.88 -35.54 -20.84
N GLN B 146 8.38 -36.24 -19.83
CA GLN B 146 7.93 -37.60 -20.04
C GLN B 146 6.73 -37.90 -19.15
N TRP B 147 5.64 -38.34 -19.76
CA TRP B 147 4.40 -38.60 -19.05
C TRP B 147 4.37 -40.04 -18.53
N LYS B 148 3.75 -40.21 -17.36
CA LYS B 148 3.60 -41.53 -16.76
C LYS B 148 2.26 -41.59 -16.05
N VAL B 149 1.42 -42.52 -16.48
CA VAL B 149 0.10 -42.73 -15.90
C VAL B 149 0.18 -43.98 -15.02
N ASP B 150 -0.02 -43.80 -13.72
CA ASP B 150 0.17 -44.87 -12.74
C ASP B 150 1.56 -45.49 -12.88
N ASN B 151 2.56 -44.63 -13.05
CA ASN B 151 3.96 -45.00 -13.25
C ASN B 151 4.17 -45.87 -14.49
N ALA B 152 3.20 -45.89 -15.41
CA ALA B 152 3.37 -46.53 -16.71
C ALA B 152 3.79 -45.45 -17.71
N LEU B 153 4.92 -45.67 -18.37
CA LEU B 153 5.47 -44.69 -19.29
C LEU B 153 4.63 -44.61 -20.56
N GLN B 154 4.03 -43.47 -20.80
CA GLN B 154 3.25 -43.26 -22.01
C GLN B 154 4.19 -42.98 -23.19
N SER B 155 3.69 -43.26 -24.39
CA SER B 155 4.47 -43.05 -25.60
C SER B 155 3.53 -42.78 -26.77
N GLY B 156 3.91 -41.84 -27.62
CA GLY B 156 3.05 -41.44 -28.73
C GLY B 156 1.74 -40.83 -28.31
N ASN B 157 1.61 -40.43 -27.05
CA ASN B 157 0.34 -40.02 -26.46
C ASN B 157 0.26 -38.52 -26.19
N SER B 158 1.33 -37.77 -26.44
CA SER B 158 1.36 -36.36 -26.08
C SER B 158 2.10 -35.57 -27.15
N GLN B 159 1.88 -34.26 -27.14
CA GLN B 159 2.57 -33.35 -28.03
C GLN B 159 3.05 -32.14 -27.24
N GLU B 160 4.21 -31.62 -27.60
CA GLU B 160 4.79 -30.49 -26.90
C GLU B 160 5.12 -29.38 -27.88
N SER B 161 5.29 -28.18 -27.33
CA SER B 161 5.67 -27.01 -28.11
C SER B 161 6.50 -26.10 -27.23
N VAL B 162 7.45 -25.39 -27.86
CA VAL B 162 8.41 -24.56 -27.15
C VAL B 162 8.28 -23.13 -27.65
N THR B 163 8.26 -22.19 -26.71
CA THR B 163 8.26 -20.76 -27.06
C THR B 163 9.59 -20.37 -27.70
N GLU B 164 9.54 -19.35 -28.53
CA GLU B 164 10.76 -18.73 -29.02
C GLU B 164 11.55 -18.14 -27.85
N GLN B 165 12.86 -17.94 -28.08
CA GLN B 165 13.71 -17.42 -27.02
C GLN B 165 13.26 -16.02 -26.60
N ASP B 166 12.90 -15.88 -25.33
CA ASP B 166 12.56 -14.56 -24.80
C ASP B 166 13.71 -13.59 -25.01
N SER B 167 13.43 -12.28 -25.00
CA SER B 167 14.48 -11.28 -25.10
C SER B 167 14.55 -10.41 -23.85
N LYS B 168 13.74 -10.69 -22.83
CA LYS B 168 13.90 -10.05 -21.53
C LYS B 168 14.88 -10.85 -20.68
N ASP B 169 14.51 -12.08 -20.33
CA ASP B 169 15.40 -12.99 -19.60
C ASP B 169 15.98 -14.08 -20.48
N SER B 170 15.55 -14.15 -21.75
CA SER B 170 16.16 -15.04 -22.74
C SER B 170 16.02 -16.51 -22.37
N THR B 171 15.00 -16.87 -21.59
CA THR B 171 14.75 -18.26 -21.25
C THR B 171 13.65 -18.84 -22.12
N TYR B 172 13.66 -20.16 -22.26
CA TYR B 172 12.62 -20.85 -23.00
C TYR B 172 11.53 -21.35 -22.05
N SER B 173 10.39 -21.72 -22.61
CA SER B 173 9.34 -22.38 -21.86
C SER B 173 8.63 -23.38 -22.76
N LEU B 174 8.13 -24.46 -22.15
CA LEU B 174 7.59 -25.60 -22.88
C LEU B 174 6.24 -26.00 -22.29
N SER B 175 5.32 -26.37 -23.17
CA SER B 175 4.01 -26.86 -22.78
C SER B 175 3.82 -28.23 -23.41
N SER B 176 3.58 -29.25 -22.58
CA SER B 176 3.36 -30.61 -23.04
C SER B 176 1.95 -31.04 -22.67
N THR B 177 1.19 -31.51 -23.65
CA THR B 177 -0.21 -31.85 -23.46
C THR B 177 -0.39 -33.35 -23.67
N LEU B 178 -0.71 -34.06 -22.59
CA LEU B 178 -1.09 -35.47 -22.66
C LEU B 178 -2.61 -35.57 -22.76
N THR B 179 -3.08 -36.29 -23.77
CA THR B 179 -4.50 -36.37 -24.08
C THR B 179 -4.98 -37.82 -23.98
N LEU B 180 -6.11 -38.03 -23.31
CA LEU B 180 -6.73 -39.34 -23.21
C LEU B 180 -8.24 -39.19 -23.29
N SER B 181 -8.90 -40.29 -23.61
CA SER B 181 -10.35 -40.30 -23.54
C SER B 181 -10.82 -40.23 -22.09
N LYS B 182 -12.07 -39.82 -21.90
CA LYS B 182 -12.62 -39.77 -20.55
C LYS B 182 -12.69 -41.15 -19.93
N ALA B 183 -12.82 -42.19 -20.75
CA ALA B 183 -12.84 -43.56 -20.25
C ALA B 183 -11.50 -43.94 -19.63
N ASP B 184 -10.41 -43.77 -20.38
CA ASP B 184 -9.09 -44.11 -19.85
C ASP B 184 -8.67 -43.17 -18.73
N TYR B 185 -9.15 -41.93 -18.73
CA TYR B 185 -8.76 -40.99 -17.68
C TYR B 185 -9.27 -41.45 -16.32
N GLU B 186 -10.49 -41.98 -16.27
CA GLU B 186 -11.05 -42.48 -15.03
C GLU B 186 -10.60 -43.90 -14.70
N LYS B 187 -9.95 -44.59 -15.63
CA LYS B 187 -9.40 -45.93 -15.40
C LYS B 187 -8.12 -45.93 -14.58
N HIS B 188 -7.52 -44.77 -14.35
CA HIS B 188 -6.27 -44.66 -13.62
C HIS B 188 -6.38 -43.54 -12.58
N LYS B 189 -5.29 -43.31 -11.85
CA LYS B 189 -5.34 -42.40 -10.71
C LYS B 189 -4.23 -41.35 -10.74
N VAL B 190 -2.97 -41.77 -10.69
CA VAL B 190 -1.85 -40.85 -10.51
C VAL B 190 -1.26 -40.51 -11.87
N TYR B 191 -1.29 -39.22 -12.22
CA TYR B 191 -0.69 -38.72 -13.45
C TYR B 191 0.51 -37.86 -13.09
N ALA B 192 1.67 -38.18 -13.69
CA ALA B 192 2.91 -37.52 -13.34
C ALA B 192 3.59 -36.98 -14.59
N CYS B 193 4.36 -35.92 -14.38
CA CYS B 193 5.16 -35.29 -15.44
C CYS B 193 6.60 -35.26 -14.96
N GLU B 194 7.47 -36.02 -15.64
CA GLU B 194 8.87 -36.13 -15.28
C GLU B 194 9.71 -35.25 -16.20
N VAL B 195 10.58 -34.44 -15.60
CA VAL B 195 11.34 -33.43 -16.33
C VAL B 195 12.82 -33.68 -16.14
N THR B 196 13.58 -33.59 -17.23
CA THR B 196 15.02 -33.73 -17.23
C THR B 196 15.64 -32.52 -17.90
N HIS B 197 16.58 -31.88 -17.22
CA HIS B 197 17.19 -30.67 -17.75
C HIS B 197 18.60 -30.51 -17.22
N GLN B 198 19.40 -29.70 -17.94
CA GLN B 198 20.79 -29.47 -17.57
C GLN B 198 20.91 -28.85 -16.18
N GLY B 199 20.08 -27.85 -15.90
CA GLY B 199 20.13 -27.17 -14.62
C GLY B 199 19.57 -27.94 -13.44
N LEU B 200 19.08 -29.16 -13.67
CA LEU B 200 18.52 -29.99 -12.62
C LEU B 200 19.51 -31.09 -12.25
N SER B 201 19.79 -31.23 -10.95
CA SER B 201 20.64 -32.32 -10.48
C SER B 201 19.95 -33.67 -10.69
N SER B 202 18.75 -33.82 -10.14
CA SER B 202 17.93 -35.00 -10.28
C SER B 202 16.69 -34.69 -11.11
N PRO B 203 16.13 -35.68 -11.81
CA PRO B 203 14.88 -35.43 -12.55
C PRO B 203 13.76 -35.07 -11.59
N VAL B 204 13.07 -33.99 -11.90
CA VAL B 204 11.97 -33.50 -11.08
C VAL B 204 10.66 -34.05 -11.65
N THR B 205 9.72 -34.36 -10.76
CA THR B 205 8.43 -34.92 -11.17
C THR B 205 7.32 -34.21 -10.41
N LYS B 206 6.43 -33.56 -11.16
CA LYS B 206 5.17 -33.05 -10.62
C LYS B 206 4.07 -34.05 -10.95
N SER B 207 3.07 -34.12 -10.09
CA SER B 207 2.04 -35.14 -10.25
C SER B 207 0.78 -34.73 -9.49
N PHE B 208 -0.26 -35.55 -9.63
CA PHE B 208 -1.51 -35.41 -8.90
C PHE B 208 -2.27 -36.72 -9.02
N ASN B 209 -3.23 -36.92 -8.12
CA ASN B 209 -4.13 -38.06 -8.19
C ASN B 209 -5.52 -37.60 -8.57
N ARG B 210 -6.24 -38.43 -9.32
CA ARG B 210 -7.56 -38.08 -9.81
C ARG B 210 -8.52 -37.99 -8.63
N GLU B 211 -8.79 -36.77 -8.18
CA GLU B 211 -9.68 -36.55 -7.04
C GLU B 211 -9.04 -35.58 -6.04
N GLU C 1 -10.43 -14.61 3.46
CA GLU C 1 -10.79 -14.44 4.87
C GLU C 1 -10.53 -13.01 5.32
N VAL C 2 -10.94 -12.71 6.55
CA VAL C 2 -10.72 -11.38 7.13
C VAL C 2 -9.30 -11.30 7.66
N GLN C 3 -8.67 -10.14 7.47
CA GLN C 3 -7.33 -9.87 7.97
C GLN C 3 -7.29 -8.49 8.59
N LEU C 4 -6.63 -8.36 9.74
CA LEU C 4 -6.42 -7.09 10.42
C LEU C 4 -4.91 -6.90 10.59
N GLN C 5 -4.31 -6.13 9.69
CA GLN C 5 -2.86 -5.91 9.66
C GLN C 5 -2.53 -4.61 10.38
N GLN C 6 -1.90 -4.72 11.55
CA GLN C 6 -1.49 -3.57 12.33
C GLN C 6 -0.03 -3.19 12.03
N SER C 7 0.31 -1.94 12.31
CA SER C 7 1.67 -1.46 12.06
C SER C 7 2.64 -2.04 13.09
N GLY C 8 3.94 -1.97 12.75
CA GLY C 8 4.97 -2.65 13.49
C GLY C 8 5.23 -2.10 14.89
N PRO C 9 6.03 -2.82 15.67
CA PRO C 9 6.34 -2.36 17.03
C PRO C 9 7.22 -1.11 17.02
N GLU C 10 7.06 -0.29 18.05
CA GLU C 10 7.75 0.99 18.12
C GLU C 10 8.34 1.17 19.52
N LEU C 11 9.56 1.72 19.56
CA LEU C 11 10.16 2.26 20.77
C LEU C 11 10.05 3.78 20.69
N VAL C 12 9.20 4.37 21.53
CA VAL C 12 8.85 5.78 21.44
C VAL C 12 9.27 6.50 22.72
N LYS C 13 9.53 7.82 22.59
CA LYS C 13 9.99 8.64 23.68
C LYS C 13 8.83 9.07 24.58
N PRO C 14 9.05 9.17 25.89
CA PRO C 14 8.00 9.68 26.78
C PRO C 14 7.70 11.14 26.49
N GLY C 15 6.41 11.48 26.57
CA GLY C 15 5.94 12.79 26.22
C GLY C 15 5.58 12.98 24.76
N ALA C 16 6.17 12.19 23.86
CA ALA C 16 5.85 12.27 22.45
C ALA C 16 4.48 11.66 22.19
N SER C 17 4.11 11.58 20.91
CA SER C 17 2.87 10.96 20.50
C SER C 17 3.15 10.00 19.34
N MET C 18 2.25 9.04 19.18
CA MET C 18 2.41 8.00 18.17
C MET C 18 1.04 7.61 17.62
N LYS C 19 1.06 6.94 16.47
CA LYS C 19 -0.16 6.52 15.79
C LYS C 19 -0.03 5.06 15.41
N ILE C 20 -1.05 4.27 15.72
CA ILE C 20 -1.13 2.85 15.38
C ILE C 20 -2.20 2.69 14.32
N SER C 21 -1.82 2.18 13.14
CA SER C 21 -2.76 1.95 12.06
C SER C 21 -3.11 0.47 11.97
N CYS C 22 -4.38 0.20 11.70
CA CYS C 22 -4.89 -1.17 11.55
C CYS C 22 -5.69 -1.22 10.25
N LYS C 23 -5.20 -1.97 9.27
CA LYS C 23 -5.85 -2.10 7.97
C LYS C 23 -6.68 -3.38 7.93
N ALA C 24 -7.88 -3.27 7.36
CA ALA C 24 -8.83 -4.37 7.29
C ALA C 24 -8.93 -4.91 5.86
N SER C 25 -9.04 -6.23 5.74
CA SER C 25 -9.12 -6.90 4.45
C SER C 25 -10.14 -8.03 4.53
N GLY C 26 -10.64 -8.43 3.37
CA GLY C 26 -11.53 -9.56 3.25
C GLY C 26 -12.98 -9.33 3.66
N TYR C 27 -13.36 -8.10 4.01
CA TYR C 27 -14.73 -7.81 4.38
C TYR C 27 -15.03 -6.34 4.13
N SER C 28 -16.32 -6.01 4.07
CA SER C 28 -16.75 -4.64 3.86
C SER C 28 -16.42 -3.79 5.07
N PHE C 29 -15.59 -2.75 4.87
CA PHE C 29 -15.01 -2.01 5.99
C PHE C 29 -16.08 -1.24 6.77
N THR C 30 -17.04 -0.64 6.07
CA THR C 30 -18.04 0.17 6.75
C THR C 30 -19.12 -0.66 7.44
N GLY C 31 -19.13 -1.98 7.23
CA GLY C 31 -20.15 -2.85 7.80
C GLY C 31 -19.96 -3.21 9.26
N TYR C 32 -18.78 -2.98 9.82
CA TYR C 32 -18.51 -3.33 11.22
C TYR C 32 -17.72 -2.22 11.88
N THR C 33 -17.92 -2.06 13.18
CA THR C 33 -17.11 -1.14 13.94
C THR C 33 -15.69 -1.69 14.11
N MET C 34 -14.77 -0.81 14.47
CA MET C 34 -13.39 -1.19 14.77
C MET C 34 -13.11 -0.86 16.23
N ASN C 35 -12.86 -1.90 17.03
CA ASN C 35 -12.57 -1.76 18.46
C ASN C 35 -11.06 -1.68 18.71
N TRP C 36 -10.70 -1.26 19.93
CA TRP C 36 -9.30 -1.15 20.33
C TRP C 36 -9.13 -1.63 21.76
N VAL C 37 -8.21 -2.57 21.98
CA VAL C 37 -7.99 -3.19 23.28
C VAL C 37 -6.51 -3.10 23.65
N LYS C 38 -6.25 -2.79 24.92
CA LYS C 38 -4.90 -2.69 25.45
C LYS C 38 -4.58 -3.90 26.33
N GLN C 39 -3.39 -4.46 26.14
CA GLN C 39 -2.93 -5.61 26.92
C GLN C 39 -1.57 -5.27 27.51
N SER C 40 -1.52 -5.08 28.84
CA SER C 40 -0.30 -4.67 29.51
C SER C 40 -0.03 -5.60 30.69
N HIS C 41 1.14 -5.41 31.30
CA HIS C 41 1.49 -6.13 32.51
C HIS C 41 0.89 -5.41 33.72
N GLY C 42 0.09 -6.14 34.50
CA GLY C 42 -0.52 -5.60 35.70
C GLY C 42 -1.94 -5.10 35.54
N GLU C 43 -2.45 -5.02 34.31
CA GLU C 43 -3.81 -4.57 34.08
C GLU C 43 -4.61 -5.47 33.14
N ASN C 44 -3.99 -6.50 32.58
CA ASN C 44 -4.67 -7.52 31.75
C ASN C 44 -5.24 -6.83 30.51
N LEU C 45 -6.50 -7.07 30.13
CA LEU C 45 -7.09 -6.54 28.93
C LEU C 45 -8.05 -5.39 29.27
N GLU C 46 -7.92 -4.28 28.55
CA GLU C 46 -8.79 -3.12 28.72
C GLU C 46 -9.35 -2.70 27.36
N TRP C 47 -10.67 -2.52 27.30
CA TRP C 47 -11.31 -2.00 26.10
C TRP C 47 -11.08 -0.49 26.06
N ILE C 48 -10.40 -0.02 25.02
CA ILE C 48 -10.15 1.41 24.87
C ILE C 48 -11.36 2.12 24.27
N GLY C 49 -12.00 1.48 23.30
CA GLY C 49 -13.14 2.09 22.64
C GLY C 49 -13.32 1.49 21.26
N ARG C 50 -14.26 2.08 20.52
CA ARG C 50 -14.55 1.63 19.16
C ARG C 50 -14.97 2.82 18.32
N ILE C 51 -14.87 2.64 17.00
CA ILE C 51 -15.29 3.64 16.03
C ILE C 51 -16.14 2.96 14.97
N ASN C 52 -17.25 3.61 14.61
CA ASN C 52 -18.07 3.14 13.50
C ASN C 52 -17.56 3.80 12.22
N PRO C 53 -16.93 3.06 11.31
CA PRO C 53 -16.29 3.71 10.16
C PRO C 53 -17.25 4.40 9.21
N HIS C 54 -18.55 4.08 9.28
CA HIS C 54 -19.51 4.68 8.36
C HIS C 54 -19.71 6.16 8.65
N ASN C 55 -19.99 6.52 9.90
CA ASN C 55 -20.21 7.90 10.29
C ASN C 55 -19.18 8.44 11.26
N GLY C 56 -18.15 7.66 11.60
CA GLY C 56 -17.16 8.12 12.55
C GLY C 56 -17.62 8.16 13.98
N GLY C 57 -18.75 7.55 14.30
CA GLY C 57 -19.21 7.54 15.67
C GLY C 57 -18.26 6.79 16.59
N THR C 58 -18.16 7.26 17.83
CA THR C 58 -17.19 6.74 18.77
C THR C 58 -17.85 6.41 20.10
N ASP C 59 -17.34 5.36 20.73
CA ASP C 59 -17.74 4.98 22.08
C ASP C 59 -16.49 4.67 22.88
N TYR C 60 -16.27 5.40 23.96
CA TYR C 60 -15.00 5.38 24.68
C TYR C 60 -15.15 4.78 26.07
N ASN C 61 -14.08 4.12 26.51
CA ASN C 61 -13.77 4.01 27.92
C ASN C 61 -13.19 5.35 28.35
N GLN C 62 -13.92 6.09 29.18
CA GLN C 62 -13.53 7.46 29.50
C GLN C 62 -12.16 7.55 30.17
N LYS C 63 -11.60 6.42 30.61
CA LYS C 63 -10.21 6.40 31.05
C LYS C 63 -9.26 6.72 29.90
N PHE C 64 -9.67 6.42 28.67
CA PHE C 64 -8.84 6.65 27.48
C PHE C 64 -9.43 7.73 26.56
N LYS C 65 -10.36 8.54 27.07
CA LYS C 65 -11.08 9.50 26.22
C LYS C 65 -10.12 10.50 25.59
N ASP C 66 -9.42 11.27 26.42
CA ASP C 66 -8.47 12.28 25.95
C ASP C 66 -7.08 11.70 25.73
N LYS C 67 -6.96 10.38 25.67
CA LYS C 67 -5.69 9.70 25.48
C LYS C 67 -5.56 9.01 24.13
N ALA C 68 -6.64 8.42 23.62
CA ALA C 68 -6.60 7.57 22.42
C ALA C 68 -7.62 8.04 21.38
N PRO C 69 -7.34 9.13 20.67
CA PRO C 69 -8.25 9.56 19.60
C PRO C 69 -8.33 8.54 18.48
N LEU C 70 -9.55 8.25 18.04
CA LEU C 70 -9.81 7.24 17.02
C LEU C 70 -10.31 7.90 15.74
N THR C 71 -9.67 7.57 14.62
CA THR C 71 -10.05 8.08 13.31
C THR C 71 -10.08 6.92 12.31
N VAL C 72 -10.65 7.19 11.13
CA VAL C 72 -10.80 6.18 10.09
C VAL C 72 -10.52 6.81 8.73
N ASP C 73 -10.15 5.97 7.78
CA ASP C 73 -9.93 6.33 6.39
C ASP C 73 -10.59 5.25 5.54
N LYS C 74 -11.83 5.50 5.10
CA LYS C 74 -12.59 4.47 4.38
C LYS C 74 -11.93 4.08 3.06
N SER C 75 -11.17 5.00 2.44
CA SER C 75 -10.54 4.70 1.17
C SER C 75 -9.33 3.78 1.32
N SER C 76 -8.84 3.58 2.54
CA SER C 76 -7.72 2.69 2.81
C SER C 76 -8.13 1.47 3.63
N ASN C 77 -9.40 1.37 4.03
CA ASN C 77 -9.85 0.35 4.98
C ASN C 77 -8.99 0.34 6.23
N THR C 78 -8.64 1.54 6.70
CA THR C 78 -7.67 1.70 7.77
C THR C 78 -8.28 2.52 8.90
N ALA C 79 -8.19 2.00 10.12
CA ALA C 79 -8.51 2.76 11.32
C ALA C 79 -7.22 3.15 12.01
N TYR C 80 -7.23 4.32 12.66
CA TYR C 80 -6.07 4.81 13.38
C TYR C 80 -6.42 4.98 14.84
N MET C 81 -5.46 4.65 15.70
CA MET C 81 -5.52 5.00 17.12
C MET C 81 -4.26 5.79 17.45
N GLU C 82 -4.44 7.01 17.95
CA GLU C 82 -3.33 7.82 18.41
C GLU C 82 -3.18 7.68 19.91
N LEU C 83 -1.95 7.88 20.39
CA LEU C 83 -1.67 7.91 21.82
C LEU C 83 -0.91 9.20 22.10
N LEU C 84 -1.54 10.10 22.86
CA LEU C 84 -1.02 11.44 23.09
C LEU C 84 -0.29 11.51 24.43
N SER C 85 0.84 12.22 24.44
CA SER C 85 1.64 12.44 25.65
C SER C 85 1.95 11.11 26.34
N LEU C 86 2.85 10.37 25.70
CA LEU C 86 3.15 9.02 26.14
C LEU C 86 3.87 9.02 27.48
N THR C 87 3.39 8.18 28.40
CA THR C 87 4.04 7.94 29.67
C THR C 87 4.47 6.47 29.73
N SER C 88 5.11 6.11 30.84
CA SER C 88 5.58 4.74 31.01
C SER C 88 4.43 3.75 31.08
N GLY C 89 3.29 4.16 31.64
CA GLY C 89 2.12 3.30 31.72
C GLY C 89 1.47 2.97 30.38
N ASP C 90 1.84 3.69 29.32
CA ASP C 90 1.29 3.42 28.00
C ASP C 90 2.04 2.33 27.25
N SER C 91 3.05 1.72 27.87
CA SER C 91 3.79 0.63 27.24
C SER C 91 2.98 -0.66 27.34
N ALA C 92 2.69 -1.29 26.21
CA ALA C 92 1.80 -2.44 26.15
C ALA C 92 1.76 -2.94 24.70
N VAL C 93 0.95 -3.98 24.49
CA VAL C 93 0.58 -4.44 23.16
C VAL C 93 -0.89 -4.04 22.94
N TYR C 94 -1.13 -3.30 21.86
CA TYR C 94 -2.45 -2.79 21.53
C TYR C 94 -3.04 -3.59 20.36
N TYR C 95 -4.35 -3.83 20.43
CA TYR C 95 -5.05 -4.63 19.43
C TYR C 95 -6.17 -3.83 18.80
N CYS C 96 -6.38 -4.05 17.51
CA CYS C 96 -7.62 -3.64 16.86
C CYS C 96 -8.48 -4.89 16.65
N ALA C 97 -9.77 -4.78 16.94
CA ALA C 97 -10.67 -5.92 16.87
C ALA C 97 -11.93 -5.54 16.10
N ARG C 98 -12.29 -6.37 15.12
CA ARG C 98 -13.53 -6.17 14.39
C ARG C 98 -14.73 -6.59 15.22
N GLY C 99 -15.87 -5.96 14.96
CA GLY C 99 -17.09 -6.33 15.63
C GLY C 99 -18.31 -5.65 15.07
N TYR C 100 -19.31 -6.43 14.69
CA TYR C 100 -20.60 -5.86 14.31
C TYR C 100 -21.14 -4.99 15.43
N TYR C 101 -21.88 -3.94 15.05
CA TYR C 101 -22.25 -2.90 16.01
C TYR C 101 -23.00 -3.45 17.21
N TYR C 102 -23.81 -4.51 17.03
CA TYR C 102 -24.59 -5.06 18.11
C TYR C 102 -24.04 -6.37 18.65
N TYR C 103 -23.04 -6.96 18.01
CA TYR C 103 -22.48 -8.23 18.44
C TYR C 103 -21.19 -8.01 19.23
N SER C 104 -20.49 -9.09 19.51
CA SER C 104 -19.24 -9.06 20.26
C SER C 104 -18.06 -8.92 19.30
N LEU C 105 -16.85 -8.93 19.86
CA LEU C 105 -15.63 -8.94 19.07
C LEU C 105 -15.41 -10.34 18.46
N ASP C 106 -15.22 -10.38 17.15
CA ASP C 106 -14.98 -11.65 16.44
C ASP C 106 -13.51 -11.84 16.05
N TYR C 107 -12.93 -10.89 15.33
CA TYR C 107 -11.57 -11.03 14.81
C TYR C 107 -10.66 -9.97 15.40
N TRP C 108 -9.42 -10.37 15.71
CA TRP C 108 -8.41 -9.51 16.29
C TRP C 108 -7.24 -9.35 15.33
N GLY C 109 -6.53 -8.25 15.45
CA GLY C 109 -5.27 -8.07 14.76
C GLY C 109 -4.14 -8.78 15.48
N GLN C 110 -2.96 -8.77 14.85
CA GLN C 110 -1.80 -9.44 15.43
C GLN C 110 -1.23 -8.70 16.64
N GLY C 111 -1.50 -7.42 16.77
CA GLY C 111 -1.03 -6.67 17.91
C GLY C 111 0.12 -5.74 17.56
N THR C 112 0.30 -4.73 18.42
CA THR C 112 1.33 -3.72 18.22
C THR C 112 2.00 -3.47 19.57
N SER C 113 3.26 -3.88 19.69
CA SER C 113 4.01 -3.78 20.94
C SER C 113 4.68 -2.41 21.06
N VAL C 114 4.29 -1.65 22.08
CA VAL C 114 4.77 -0.29 22.29
C VAL C 114 5.63 -0.24 23.56
N THR C 115 6.88 0.18 23.42
CA THR C 115 7.78 0.42 24.55
C THR C 115 8.06 1.91 24.65
N VAL C 116 7.78 2.50 25.81
CA VAL C 116 7.94 3.93 26.04
C VAL C 116 9.14 4.12 26.97
N SER C 117 10.25 4.58 26.43
CA SER C 117 11.43 4.88 27.23
C SER C 117 12.32 5.85 26.46
N SER C 118 13.03 6.69 27.20
CA SER C 118 13.97 7.61 26.59
C SER C 118 15.30 6.96 26.24
N ALA C 119 15.54 5.73 26.68
CA ALA C 119 16.83 5.09 26.45
C ALA C 119 16.97 4.66 25.00
N SER C 120 18.22 4.54 24.56
CA SER C 120 18.53 4.10 23.22
C SER C 120 18.67 2.59 23.17
N THR C 121 18.73 2.04 21.96
CA THR C 121 18.86 0.61 21.81
C THR C 121 20.22 0.14 22.32
N LYS C 122 20.24 -1.08 22.86
CA LYS C 122 21.48 -1.68 23.34
C LYS C 122 21.48 -3.15 22.91
N GLY C 123 22.50 -3.52 22.14
CA GLY C 123 22.66 -4.90 21.74
C GLY C 123 23.14 -5.76 22.89
N PRO C 124 22.78 -7.04 22.87
CA PRO C 124 23.17 -7.94 23.94
C PRO C 124 24.61 -8.40 23.80
N SER C 125 25.16 -8.86 24.92
CA SER C 125 26.37 -9.66 24.92
C SER C 125 25.96 -11.12 24.95
N VAL C 126 26.66 -11.95 24.17
CA VAL C 126 26.35 -13.36 24.05
C VAL C 126 27.54 -14.15 24.59
N PHE C 127 27.33 -14.84 25.70
CA PHE C 127 28.37 -15.66 26.29
C PHE C 127 28.01 -17.14 26.23
N PRO C 128 28.97 -18.02 26.02
CA PRO C 128 28.66 -19.46 25.97
C PRO C 128 28.53 -20.04 27.37
N LEU C 129 27.56 -20.93 27.52
CA LEU C 129 27.40 -21.75 28.72
C LEU C 129 27.99 -23.12 28.39
N ALA C 130 29.26 -23.32 28.76
CA ALA C 130 30.05 -24.45 28.28
C ALA C 130 29.71 -25.73 29.01
N PRO C 131 29.64 -26.86 28.30
CA PRO C 131 29.41 -28.15 28.97
C PRO C 131 30.68 -28.67 29.65
N SER C 132 30.49 -29.25 30.82
CA SER C 132 31.59 -29.74 31.63
C SER C 132 31.14 -30.99 32.36
N SER C 133 31.98 -31.46 33.29
CA SER C 133 31.59 -32.57 34.15
C SER C 133 30.43 -32.19 35.07
N LYS C 134 30.35 -30.93 35.48
CA LYS C 134 29.25 -30.44 36.30
C LYS C 134 28.03 -30.03 35.46
N SER C 135 27.96 -30.49 34.21
CA SER C 135 26.81 -30.28 33.34
C SER C 135 26.39 -31.56 32.63
N THR C 136 27.02 -32.69 32.95
CA THR C 136 26.65 -33.99 32.40
C THR C 136 25.80 -34.76 33.39
N SER C 137 24.95 -35.63 32.86
CA SER C 137 24.03 -36.40 33.70
C SER C 137 23.60 -37.64 32.92
N GLY C 138 24.16 -38.78 33.29
CA GLY C 138 23.81 -40.06 32.69
C GLY C 138 23.91 -40.08 31.18
N GLY C 139 25.05 -39.65 30.65
CA GLY C 139 25.20 -39.59 29.22
C GLY C 139 24.47 -38.44 28.56
N THR C 140 24.06 -37.44 29.33
CA THR C 140 23.35 -36.28 28.79
C THR C 140 24.04 -35.03 29.30
N ALA C 141 24.45 -34.16 28.37
CA ALA C 141 25.08 -32.91 28.68
C ALA C 141 24.17 -31.75 28.32
N ALA C 142 24.35 -30.64 29.02
CA ALA C 142 23.60 -29.42 28.78
C ALA C 142 24.58 -28.32 28.37
N LEU C 143 24.22 -27.58 27.33
CA LEU C 143 25.00 -26.41 26.93
C LEU C 143 24.02 -25.34 26.46
N GLY C 144 24.46 -24.09 26.53
CA GLY C 144 23.60 -23.00 26.12
C GLY C 144 24.34 -21.70 25.90
N CYS C 145 23.58 -20.61 25.79
CA CYS C 145 24.11 -19.26 25.68
C CYS C 145 23.39 -18.33 26.63
N LEU C 146 24.15 -17.35 27.13
CA LEU C 146 23.63 -16.24 27.93
C LEU C 146 23.55 -15.01 27.03
N VAL C 147 22.35 -14.50 26.82
CA VAL C 147 22.12 -13.31 26.00
C VAL C 147 21.74 -12.19 26.97
N LYS C 148 22.74 -11.36 27.33
CA LYS C 148 22.67 -10.51 28.51
C LYS C 148 22.75 -9.03 28.15
N ASP C 149 21.93 -8.23 28.83
CA ASP C 149 22.03 -6.76 28.86
C ASP C 149 21.70 -6.15 27.50
N TYR C 150 20.43 -6.29 27.12
CA TYR C 150 19.93 -5.72 25.88
C TYR C 150 18.64 -4.96 26.13
N PHE C 151 18.27 -4.10 25.18
CA PHE C 151 17.08 -3.27 25.28
C PHE C 151 16.77 -2.65 23.92
N PRO C 152 15.51 -2.71 23.47
CA PRO C 152 14.44 -3.37 24.22
C PRO C 152 14.21 -4.79 23.72
N GLU C 153 12.98 -5.29 23.89
CA GLU C 153 12.59 -6.61 23.42
C GLU C 153 12.23 -6.58 21.93
N PRO C 154 12.36 -7.72 21.23
CA PRO C 154 12.83 -9.00 21.74
C PRO C 154 14.15 -9.41 21.09
N VAL C 155 14.64 -10.60 21.44
CA VAL C 155 15.71 -11.24 20.69
C VAL C 155 15.19 -12.60 20.23
N THR C 156 15.87 -13.17 19.25
CA THR C 156 15.62 -14.52 18.80
C THR C 156 16.90 -15.33 18.92
N VAL C 157 16.75 -16.60 19.31
CA VAL C 157 17.87 -17.53 19.44
C VAL C 157 17.52 -18.81 18.70
N SER C 158 18.40 -19.25 17.82
CA SER C 158 18.30 -20.56 17.22
C SER C 158 19.65 -21.26 17.33
N TRP C 159 19.62 -22.58 17.13
CA TRP C 159 20.81 -23.41 17.29
C TRP C 159 21.17 -24.04 15.96
N ASN C 160 22.43 -23.89 15.55
CA ASN C 160 22.96 -24.46 14.32
C ASN C 160 22.08 -24.10 13.13
N SER C 161 21.77 -22.81 13.01
CA SER C 161 20.95 -22.26 11.94
C SER C 161 19.59 -22.93 11.85
N GLY C 162 19.10 -23.51 12.95
CA GLY C 162 17.80 -24.16 12.97
C GLY C 162 17.83 -25.65 12.80
N ALA C 163 19.00 -26.26 12.57
CA ALA C 163 19.13 -27.70 12.42
C ALA C 163 19.00 -28.46 13.73
N LEU C 164 19.05 -27.78 14.87
CA LEU C 164 18.95 -28.40 16.18
C LEU C 164 17.75 -27.81 16.89
N THR C 165 16.74 -28.63 17.12
CA THR C 165 15.51 -28.18 17.75
C THR C 165 15.09 -29.01 18.95
N SER C 166 15.29 -30.33 18.90
CA SER C 166 14.90 -31.15 20.04
C SER C 166 15.83 -30.91 21.21
N GLY C 167 15.24 -30.66 22.38
CA GLY C 167 15.99 -30.38 23.58
C GLY C 167 16.32 -28.93 23.82
N VAL C 168 15.86 -28.03 22.97
CA VAL C 168 16.15 -26.61 23.11
C VAL C 168 15.14 -25.97 24.06
N HIS C 169 15.64 -25.23 25.05
CA HIS C 169 14.82 -24.50 26.01
C HIS C 169 15.28 -23.04 26.00
N THR C 170 14.51 -22.18 25.34
CA THR C 170 14.77 -20.74 25.36
C THR C 170 13.92 -20.12 26.46
N PHE C 171 14.57 -19.50 27.43
CA PHE C 171 13.84 -19.00 28.58
C PHE C 171 13.28 -17.62 28.32
N PRO C 172 12.12 -17.30 28.91
CA PRO C 172 11.57 -15.95 28.74
C PRO C 172 12.51 -14.91 29.32
N ALA C 173 12.57 -13.75 28.66
CA ALA C 173 13.45 -12.68 29.10
C ALA C 173 13.01 -12.12 30.44
N VAL C 174 13.98 -11.77 31.27
CA VAL C 174 13.71 -11.16 32.57
C VAL C 174 14.39 -9.81 32.64
N LEU C 175 13.73 -8.85 33.27
CA LEU C 175 14.26 -7.51 33.43
C LEU C 175 15.19 -7.50 34.64
N GLN C 176 16.46 -7.18 34.39
CA GLN C 176 17.47 -7.13 35.45
C GLN C 176 17.36 -5.82 36.23
N SER C 177 18.13 -5.74 37.32
CA SER C 177 18.09 -4.56 38.17
C SER C 177 18.59 -3.31 37.46
N SER C 178 19.42 -3.46 36.42
CA SER C 178 19.89 -2.35 35.63
C SER C 178 18.88 -1.86 34.61
N GLY C 179 17.69 -2.46 34.54
CA GLY C 179 16.71 -2.12 33.54
C GLY C 179 17.00 -2.67 32.17
N LEU C 180 17.98 -3.56 32.04
CA LEU C 180 18.28 -4.23 30.78
C LEU C 180 17.83 -5.68 30.87
N TYR C 181 17.40 -6.23 29.73
CA TYR C 181 16.91 -7.59 29.72
C TYR C 181 18.06 -8.58 29.61
N SER C 182 17.81 -9.80 30.07
CA SER C 182 18.75 -10.89 29.89
C SER C 182 17.97 -12.20 29.80
N LEU C 183 18.30 -13.02 28.80
CA LEU C 183 17.74 -14.37 28.73
C LEU C 183 18.84 -15.37 28.45
N SER C 184 18.46 -16.64 28.49
CA SER C 184 19.35 -17.75 28.18
C SER C 184 18.58 -18.80 27.40
N SER C 185 19.29 -19.47 26.50
CA SER C 185 18.72 -20.56 25.72
C SER C 185 19.68 -21.73 25.87
N VAL C 186 19.14 -22.87 26.30
CA VAL C 186 19.96 -24.04 26.60
C VAL C 186 19.42 -25.23 25.80
N VAL C 187 20.28 -26.21 25.57
CA VAL C 187 19.90 -27.43 24.88
C VAL C 187 20.61 -28.61 25.52
N THR C 188 19.87 -29.71 25.67
CA THR C 188 20.40 -30.97 26.18
C THR C 188 20.82 -31.85 25.01
N VAL C 189 22.04 -32.38 25.08
CA VAL C 189 22.59 -33.17 23.99
C VAL C 189 23.16 -34.46 24.56
N PRO C 190 23.32 -35.50 23.74
CA PRO C 190 24.03 -36.69 24.21
C PRO C 190 25.48 -36.36 24.50
N SER C 191 25.88 -36.59 25.76
CA SER C 191 27.24 -36.25 26.18
C SER C 191 28.31 -36.94 25.34
N SER C 192 27.97 -38.04 24.65
CA SER C 192 28.94 -38.68 23.77
C SER C 192 29.37 -37.76 22.64
N SER C 193 28.52 -36.81 22.25
CA SER C 193 28.81 -35.94 21.12
C SER C 193 29.78 -34.81 21.45
N LEU C 194 30.00 -34.52 22.73
CA LEU C 194 30.87 -33.42 23.10
C LEU C 194 32.28 -33.65 22.59
N GLY C 195 32.86 -32.62 21.97
CA GLY C 195 34.21 -32.66 21.48
C GLY C 195 34.32 -32.80 19.97
N THR C 196 33.27 -33.24 19.29
CA THR C 196 33.35 -33.43 17.85
C THR C 196 32.21 -32.72 17.12
N GLN C 197 31.05 -32.63 17.76
CA GLN C 197 29.89 -31.95 17.17
C GLN C 197 29.96 -30.46 17.45
N THR C 198 29.72 -29.65 16.42
CA THR C 198 29.76 -28.21 16.55
C THR C 198 28.39 -27.68 16.98
N TYR C 199 28.38 -26.83 18.00
CA TYR C 199 27.17 -26.21 18.51
C TYR C 199 27.33 -24.70 18.49
N ILE C 200 26.45 -24.01 17.76
CA ILE C 200 26.56 -22.59 17.54
C ILE C 200 25.23 -21.92 17.91
N CYS C 201 25.31 -20.82 18.66
CA CYS C 201 24.20 -19.93 18.90
C CYS C 201 23.96 -19.00 17.72
N ASN C 202 22.68 -18.73 17.45
CA ASN C 202 22.28 -17.78 16.42
C ASN C 202 21.38 -16.74 17.09
N VAL C 203 21.97 -15.63 17.51
CA VAL C 203 21.29 -14.59 18.27
C VAL C 203 21.06 -13.39 17.36
N ASN C 204 19.83 -12.88 17.35
CA ASN C 204 19.49 -11.68 16.59
C ASN C 204 18.73 -10.71 17.47
N HIS C 205 19.12 -9.44 17.42
CA HIS C 205 18.44 -8.36 18.13
C HIS C 205 18.26 -7.22 17.13
N LYS C 206 17.15 -7.26 16.39
CA LYS C 206 16.96 -6.29 15.32
C LYS C 206 16.91 -4.83 15.79
N PRO C 207 16.31 -4.47 16.95
CA PRO C 207 16.27 -3.05 17.32
C PRO C 207 17.63 -2.37 17.33
N SER C 208 18.72 -3.10 17.53
CA SER C 208 20.06 -2.55 17.52
C SER C 208 20.92 -3.11 16.39
N ASN C 209 20.32 -3.90 15.48
CA ASN C 209 21.05 -4.47 14.35
C ASN C 209 22.23 -5.34 14.80
N THR C 210 21.97 -6.18 15.79
CA THR C 210 22.95 -7.11 16.33
C THR C 210 22.65 -8.52 15.82
N LYS C 211 23.67 -9.18 15.28
CA LYS C 211 23.58 -10.56 14.84
C LYS C 211 24.85 -11.27 15.28
N VAL C 212 24.72 -12.30 16.12
CA VAL C 212 25.87 -12.97 16.70
C VAL C 212 25.75 -14.47 16.52
N ASP C 213 26.81 -15.08 15.98
CA ASP C 213 26.98 -16.53 15.95
C ASP C 213 28.05 -16.90 16.97
N LYS C 214 27.67 -17.67 17.98
CA LYS C 214 28.55 -18.00 19.09
C LYS C 214 28.78 -19.49 19.18
N LYS C 215 30.02 -19.93 19.00
CA LYS C 215 30.37 -21.34 19.10
C LYS C 215 30.56 -21.71 20.56
N VAL C 216 29.91 -22.80 20.98
CA VAL C 216 29.96 -23.25 22.36
C VAL C 216 30.78 -24.54 22.40
N GLU C 217 31.87 -24.51 23.16
CA GLU C 217 32.79 -25.62 23.27
C GLU C 217 32.93 -26.05 24.72
N PRO C 218 33.21 -27.32 24.98
CA PRO C 218 33.33 -27.80 26.36
C PRO C 218 34.67 -27.47 26.97
N LYS C 219 34.69 -27.51 28.31
CA LYS C 219 35.93 -27.39 29.10
C LYS C 219 36.81 -26.21 28.71
N GLU D 1 5.08 31.93 27.39
CA GLU D 1 4.00 32.73 26.80
C GLU D 1 2.63 32.24 27.27
N VAL D 2 1.61 33.06 27.03
CA VAL D 2 0.25 32.77 27.43
C VAL D 2 -0.47 32.15 26.24
N GLN D 3 -1.02 30.95 26.42
CA GLN D 3 -1.81 30.33 25.37
C GLN D 3 -3.06 29.73 25.98
N LEU D 4 -4.19 29.89 25.28
CA LEU D 4 -5.47 29.35 25.70
C LEU D 4 -5.89 28.34 24.63
N GLN D 5 -5.96 27.07 25.02
CA GLN D 5 -6.31 25.98 24.11
C GLN D 5 -7.77 25.61 24.30
N GLN D 6 -8.57 25.78 23.24
CA GLN D 6 -9.99 25.47 23.28
C GLN D 6 -10.26 24.10 22.68
N SER D 7 -11.42 23.54 23.06
CA SER D 7 -11.82 22.24 22.55
C SER D 7 -12.11 22.30 21.05
N GLY D 8 -12.10 21.12 20.41
CA GLY D 8 -12.22 21.04 18.98
C GLY D 8 -13.63 21.34 18.51
N PRO D 9 -13.80 21.37 17.18
CA PRO D 9 -15.12 21.70 16.62
C PRO D 9 -16.16 20.66 16.96
N GLU D 10 -17.42 21.09 16.97
CA GLU D 10 -18.52 20.24 17.37
C GLU D 10 -19.73 20.48 16.46
N LEU D 11 -20.40 19.38 16.11
CA LEU D 11 -21.69 19.43 15.43
C LEU D 11 -22.74 18.99 16.43
N VAL D 12 -23.78 19.81 16.62
CA VAL D 12 -24.80 19.58 17.64
C VAL D 12 -26.18 19.75 17.03
N LYS D 13 -27.16 19.00 17.60
CA LYS D 13 -28.55 19.04 17.18
C LYS D 13 -29.30 20.16 17.90
N PRO D 14 -30.28 20.77 17.23
CA PRO D 14 -31.08 21.82 17.86
C PRO D 14 -31.79 21.31 19.11
N GLY D 15 -31.98 22.20 20.07
CA GLY D 15 -32.62 21.86 21.32
C GLY D 15 -31.73 21.19 22.34
N ALA D 16 -30.55 20.71 21.95
CA ALA D 16 -29.63 20.08 22.89
C ALA D 16 -28.76 21.13 23.57
N SER D 17 -27.76 20.69 24.32
CA SER D 17 -26.82 21.58 24.96
C SER D 17 -25.41 21.06 24.73
N MET D 18 -24.44 21.94 24.92
CA MET D 18 -23.04 21.60 24.64
C MET D 18 -22.14 22.46 25.53
N LYS D 19 -20.89 22.05 25.65
CA LYS D 19 -19.95 22.70 26.55
C LYS D 19 -18.61 22.89 25.84
N ILE D 20 -18.05 24.09 25.94
CA ILE D 20 -16.75 24.42 25.37
C ILE D 20 -15.75 24.56 26.50
N SER D 21 -14.54 24.08 26.27
CA SER D 21 -13.45 24.18 27.24
C SER D 21 -12.38 25.13 26.73
N CYS D 22 -11.66 25.73 27.68
CA CYS D 22 -10.59 26.67 27.39
C CYS D 22 -9.50 26.44 28.43
N LYS D 23 -8.47 25.70 28.06
CA LYS D 23 -7.36 25.38 28.98
C LYS D 23 -6.32 26.49 28.93
N ALA D 24 -6.13 27.18 30.05
CA ALA D 24 -5.19 28.29 30.14
C ALA D 24 -3.83 27.79 30.62
N SER D 25 -2.78 28.43 30.11
CA SER D 25 -1.43 28.06 30.52
C SER D 25 -0.50 29.25 30.30
N GLY D 26 0.60 29.24 31.05
CA GLY D 26 1.60 30.30 30.98
C GLY D 26 1.38 31.45 31.93
N TYR D 27 0.39 31.36 32.82
CA TYR D 27 0.14 32.39 33.82
C TYR D 27 -0.61 31.74 34.98
N SER D 28 -0.89 32.53 36.01
CA SER D 28 -1.62 32.06 37.19
C SER D 28 -3.11 32.21 36.92
N PHE D 29 -3.80 31.07 36.84
CA PHE D 29 -5.20 31.04 36.39
C PHE D 29 -6.10 31.93 37.24
N THR D 30 -5.79 32.06 38.53
CA THR D 30 -6.65 32.83 39.44
C THR D 30 -6.45 34.33 39.34
N GLY D 31 -5.46 34.80 38.60
CA GLY D 31 -5.18 36.23 38.56
C GLY D 31 -5.92 37.01 37.51
N TYR D 32 -6.58 36.34 36.58
CA TYR D 32 -7.23 37.01 35.46
C TYR D 32 -8.63 36.44 35.25
N THR D 33 -9.54 37.29 34.79
CA THR D 33 -10.85 36.81 34.38
C THR D 33 -10.77 36.15 33.01
N MET D 34 -11.75 35.31 32.73
CA MET D 34 -11.87 34.66 31.44
C MET D 34 -13.14 35.15 30.76
N ASN D 35 -13.00 35.61 29.52
CA ASN D 35 -14.11 36.14 28.75
C ASN D 35 -14.48 35.17 27.62
N TRP D 36 -15.68 35.36 27.09
CA TRP D 36 -16.15 34.58 25.96
C TRP D 36 -16.75 35.51 24.92
N VAL D 37 -16.39 35.29 23.66
CA VAL D 37 -16.80 36.14 22.55
C VAL D 37 -17.35 35.27 21.44
N LYS D 38 -18.46 35.70 20.84
CA LYS D 38 -19.10 35.02 19.73
C LYS D 38 -18.79 35.75 18.44
N GLN D 39 -18.42 35.00 17.40
CA GLN D 39 -18.21 35.57 16.06
C GLN D 39 -19.01 34.74 15.07
N SER D 40 -19.92 35.40 14.35
CA SER D 40 -20.80 34.73 13.42
C SER D 40 -20.84 35.50 12.11
N HIS D 41 -21.67 35.01 11.19
CA HIS D 41 -21.91 35.68 9.92
C HIS D 41 -22.95 36.79 10.04
N GLY D 42 -23.76 36.77 11.09
CA GLY D 42 -24.84 37.74 11.24
C GLY D 42 -24.44 39.02 11.94
N GLU D 43 -23.94 38.94 13.17
CA GLU D 43 -23.60 40.11 13.96
C GLU D 43 -22.10 40.25 14.24
N ASN D 44 -21.29 39.33 13.72
CA ASN D 44 -19.84 39.32 13.93
C ASN D 44 -19.48 39.20 15.41
N LEU D 45 -18.62 40.10 15.90
CA LEU D 45 -18.03 39.97 17.23
C LEU D 45 -19.02 40.43 18.30
N GLU D 46 -19.39 39.52 19.21
CA GLU D 46 -20.29 39.81 20.33
C GLU D 46 -19.66 39.30 21.62
N TRP D 47 -19.66 40.15 22.65
CA TRP D 47 -19.16 39.76 23.96
C TRP D 47 -20.26 39.03 24.73
N ILE D 48 -19.98 37.81 25.15
CA ILE D 48 -20.96 37.00 25.90
C ILE D 48 -20.91 37.31 27.38
N GLY D 49 -19.72 37.35 27.96
CA GLY D 49 -19.59 37.57 29.39
C GLY D 49 -18.24 37.10 29.87
N ARG D 50 -18.03 37.25 31.18
CA ARG D 50 -16.76 36.88 31.81
C ARG D 50 -17.03 36.28 33.18
N ILE D 51 -16.05 35.51 33.66
CA ILE D 51 -16.09 34.90 34.98
C ILE D 51 -14.75 35.10 35.65
N ASN D 52 -14.77 35.42 36.94
CA ASN D 52 -13.55 35.56 37.72
C ASN D 52 -13.26 34.24 38.43
N PRO D 53 -12.25 33.47 38.01
CA PRO D 53 -12.03 32.15 38.61
C PRO D 53 -11.65 32.21 40.08
N HIS D 54 -11.21 33.37 40.57
CA HIS D 54 -10.87 33.50 41.98
C HIS D 54 -12.09 33.26 42.86
N ASN D 55 -13.20 33.92 42.56
CA ASN D 55 -14.40 33.87 43.40
C ASN D 55 -15.64 33.38 42.66
N GLY D 56 -15.55 33.08 41.37
CA GLY D 56 -16.69 32.59 40.61
C GLY D 56 -17.68 33.64 40.17
N GLY D 57 -17.46 34.91 40.49
CA GLY D 57 -18.40 35.94 40.08
C GLY D 57 -18.40 36.14 38.57
N THR D 58 -19.58 36.41 38.02
CA THR D 58 -19.75 36.52 36.58
C THR D 58 -20.46 37.82 36.22
N ASP D 59 -20.11 38.35 35.04
CA ASP D 59 -20.77 39.47 34.42
C ASP D 59 -21.29 39.02 33.06
N TYR D 60 -22.52 39.39 32.74
CA TYR D 60 -23.22 38.83 31.58
C TYR D 60 -23.77 39.93 30.68
N ASN D 61 -23.54 39.79 29.38
CA ASN D 61 -24.37 40.47 28.39
C ASN D 61 -25.76 39.86 28.45
N GLN D 62 -26.76 40.67 28.81
CA GLN D 62 -28.08 40.14 29.13
C GLN D 62 -28.73 39.40 27.97
N LYS D 63 -28.24 39.61 26.74
CA LYS D 63 -28.72 38.81 25.62
C LYS D 63 -28.36 37.34 25.77
N PHE D 64 -27.33 37.02 26.56
CA PHE D 64 -26.84 35.66 26.72
C PHE D 64 -26.95 35.16 28.16
N LYS D 65 -27.75 35.82 29.01
CA LYS D 65 -27.76 35.48 30.43
C LYS D 65 -28.19 34.03 30.65
N ASP D 66 -29.34 33.63 30.12
CA ASP D 66 -29.80 32.25 30.26
C ASP D 66 -29.18 31.31 29.25
N LYS D 67 -28.46 31.85 28.26
CA LYS D 67 -27.95 31.04 27.16
C LYS D 67 -26.64 30.33 27.53
N ALA D 68 -25.71 31.04 28.17
CA ALA D 68 -24.34 30.58 28.32
C ALA D 68 -23.87 30.63 29.77
N PRO D 69 -24.14 29.57 30.54
CA PRO D 69 -23.56 29.48 31.89
C PRO D 69 -22.04 29.30 31.83
N LEU D 70 -21.34 30.07 32.67
CA LEU D 70 -19.88 30.07 32.75
C LEU D 70 -19.43 29.42 34.05
N THR D 71 -18.49 28.48 33.94
CA THR D 71 -17.92 27.80 35.09
C THR D 71 -16.41 27.67 34.90
N VAL D 72 -15.71 27.43 36.01
CA VAL D 72 -14.25 27.27 36.00
C VAL D 72 -13.87 26.07 36.85
N ASP D 73 -12.72 25.48 36.54
CA ASP D 73 -12.15 24.35 37.27
C ASP D 73 -10.72 24.74 37.64
N LYS D 74 -10.55 25.29 38.85
CA LYS D 74 -9.24 25.78 39.25
C LYS D 74 -8.19 24.67 39.30
N SER D 75 -8.62 23.41 39.50
CA SER D 75 -7.66 22.33 39.62
C SER D 75 -6.90 22.10 38.31
N SER D 76 -7.54 22.33 37.17
CA SER D 76 -6.91 22.10 35.88
C SER D 76 -6.67 23.38 35.08
N ASN D 77 -6.89 24.56 35.68
CA ASN D 77 -6.68 25.85 35.02
C ASN D 77 -7.48 25.92 33.72
N THR D 78 -8.75 25.52 33.81
CA THR D 78 -9.62 25.41 32.65
C THR D 78 -10.93 26.12 32.95
N ALA D 79 -11.37 26.96 32.01
CA ALA D 79 -12.68 27.59 32.08
C ALA D 79 -13.65 26.86 31.16
N TYR D 80 -14.94 27.06 31.41
CA TYR D 80 -15.97 26.33 30.69
C TYR D 80 -17.14 27.25 30.35
N MET D 81 -17.67 27.11 29.14
CA MET D 81 -18.90 27.78 28.75
C MET D 81 -19.86 26.75 28.18
N GLU D 82 -21.06 26.72 28.73
CA GLU D 82 -22.11 25.82 28.27
C GLU D 82 -23.13 26.60 27.46
N LEU D 83 -23.65 25.99 26.40
CA LEU D 83 -24.66 26.61 25.56
C LEU D 83 -25.90 25.72 25.57
N LEU D 84 -27.02 26.28 26.01
CA LEU D 84 -28.24 25.51 26.24
C LEU D 84 -29.30 25.84 25.20
N SER D 85 -30.14 24.85 24.89
CA SER D 85 -31.27 24.99 23.98
C SER D 85 -30.83 25.57 22.64
N LEU D 86 -29.96 24.81 21.97
CA LEU D 86 -29.28 25.32 20.80
C LEU D 86 -30.25 25.52 19.64
N THR D 87 -30.08 26.64 18.95
CA THR D 87 -30.78 26.93 17.71
C THR D 87 -29.76 27.23 16.61
N SER D 88 -30.26 27.39 15.38
CA SER D 88 -29.35 27.65 14.27
C SER D 88 -28.60 28.97 14.45
N GLY D 89 -29.20 29.94 15.14
CA GLY D 89 -28.55 31.20 15.42
C GLY D 89 -27.34 31.10 16.33
N ASP D 90 -27.13 29.95 16.96
CA ASP D 90 -25.96 29.72 17.80
C ASP D 90 -24.77 29.19 17.02
N SER D 91 -24.96 28.78 15.77
CA SER D 91 -23.86 28.32 14.92
C SER D 91 -22.90 29.48 14.66
N ALA D 92 -21.68 29.36 15.19
CA ALA D 92 -20.71 30.44 15.10
C ALA D 92 -19.37 29.89 15.57
N VAL D 93 -18.36 30.76 15.52
CA VAL D 93 -17.06 30.50 16.13
C VAL D 93 -17.05 31.19 17.48
N TYR D 94 -16.69 30.45 18.53
CA TYR D 94 -16.69 30.95 19.90
C TYR D 94 -15.26 31.04 20.42
N TYR D 95 -14.89 32.19 20.97
CA TYR D 95 -13.56 32.42 21.50
C TYR D 95 -13.60 32.56 23.02
N CYS D 96 -12.56 32.07 23.68
CA CYS D 96 -12.25 32.51 25.04
C CYS D 96 -11.11 33.52 24.98
N ALA D 97 -11.13 34.47 25.90
CA ALA D 97 -10.15 35.55 25.90
C ALA D 97 -9.83 35.95 27.34
N ARG D 98 -8.55 35.94 27.68
CA ARG D 98 -8.10 36.39 28.99
C ARG D 98 -8.16 37.91 29.09
N GLY D 99 -8.40 38.38 30.31
CA GLY D 99 -8.40 39.80 30.61
C GLY D 99 -8.32 40.09 32.10
N TYR D 100 -7.38 40.94 32.50
CA TYR D 100 -7.36 41.40 33.88
C TYR D 100 -8.65 42.14 34.20
N TYR D 101 -9.08 42.02 35.45
CA TYR D 101 -10.41 42.50 35.86
C TYR D 101 -10.65 43.96 35.47
N TYR D 102 -9.59 44.78 35.47
CA TYR D 102 -9.74 46.19 35.12
C TYR D 102 -9.16 46.54 33.76
N TYR D 103 -8.40 45.65 33.13
CA TYR D 103 -7.88 45.88 31.79
C TYR D 103 -8.81 45.25 30.76
N SER D 104 -8.43 45.35 29.50
CA SER D 104 -9.22 44.83 28.39
C SER D 104 -8.70 43.45 27.99
N LEU D 105 -9.46 42.80 27.11
CA LEU D 105 -9.06 41.51 26.55
C LEU D 105 -7.67 41.60 25.93
N ASP D 106 -6.80 40.64 26.29
CA ASP D 106 -5.45 40.60 25.73
C ASP D 106 -5.21 39.35 24.89
N TYR D 107 -5.34 38.16 25.46
CA TYR D 107 -5.01 36.92 24.78
C TYR D 107 -6.28 36.14 24.45
N TRP D 108 -6.43 35.78 23.18
CA TRP D 108 -7.58 35.02 22.72
C TRP D 108 -7.19 33.56 22.50
N GLY D 109 -8.17 32.67 22.68
CA GLY D 109 -8.00 31.29 22.29
C GLY D 109 -8.11 31.11 20.79
N GLN D 110 -7.90 29.87 20.35
CA GLN D 110 -7.90 29.59 18.91
C GLN D 110 -9.31 29.52 18.32
N GLY D 111 -10.34 29.56 19.14
CA GLY D 111 -11.71 29.52 18.66
C GLY D 111 -12.24 28.09 18.55
N THR D 112 -13.56 27.99 18.61
CA THR D 112 -14.26 26.71 18.48
C THR D 112 -15.41 26.89 17.50
N SER D 113 -15.41 26.06 16.45
CA SER D 113 -16.48 26.08 15.45
C SER D 113 -17.62 25.18 15.91
N VAL D 114 -18.81 25.76 16.06
CA VAL D 114 -20.00 25.02 16.46
C VAL D 114 -21.02 25.15 15.35
N THR D 115 -21.46 24.02 14.82
CA THR D 115 -22.52 23.96 13.83
C THR D 115 -23.74 23.30 14.47
N VAL D 116 -24.86 24.03 14.50
CA VAL D 116 -26.13 23.52 14.99
C VAL D 116 -26.93 23.07 13.78
N SER D 117 -27.19 21.77 13.67
CA SER D 117 -27.89 21.24 12.52
C SER D 117 -28.52 19.90 12.88
N SER D 118 -29.62 19.58 12.19
CA SER D 118 -30.24 18.27 12.34
C SER D 118 -29.55 17.20 11.52
N ALA D 119 -28.73 17.59 10.55
CA ALA D 119 -28.11 16.64 9.65
C ALA D 119 -26.97 15.91 10.34
N SER D 120 -26.74 14.68 9.90
CA SER D 120 -25.62 13.88 10.35
C SER D 120 -24.33 14.39 9.72
N THR D 121 -23.21 14.11 10.39
CA THR D 121 -21.92 14.47 9.85
C THR D 121 -21.57 13.57 8.67
N LYS D 122 -20.73 14.09 7.78
CA LYS D 122 -20.22 13.33 6.64
C LYS D 122 -18.76 13.64 6.43
N GLY D 123 -17.93 12.59 6.41
CA GLY D 123 -16.51 12.75 6.15
C GLY D 123 -16.22 13.03 4.69
N PRO D 124 -15.13 13.74 4.41
CA PRO D 124 -14.82 14.11 3.03
C PRO D 124 -14.23 12.98 2.22
N SER D 125 -14.41 13.08 0.91
CA SER D 125 -13.70 12.25 -0.05
C SER D 125 -12.46 13.03 -0.51
N VAL D 126 -11.29 12.44 -0.32
CA VAL D 126 -10.02 13.07 -0.69
C VAL D 126 -9.55 12.47 -2.02
N PHE D 127 -9.40 13.31 -3.04
CA PHE D 127 -8.95 12.88 -4.36
C PHE D 127 -7.70 13.64 -4.78
N PRO D 128 -6.72 12.98 -5.39
CA PRO D 128 -5.50 13.68 -5.79
C PRO D 128 -5.71 14.53 -7.03
N LEU D 129 -5.04 15.68 -7.06
CA LEU D 129 -4.97 16.53 -8.25
C LEU D 129 -3.58 16.31 -8.83
N ALA D 130 -3.47 15.32 -9.71
CA ALA D 130 -2.15 14.82 -10.11
C ALA D 130 -1.44 15.82 -11.01
N PRO D 131 -0.13 15.98 -10.86
CA PRO D 131 0.62 16.87 -11.74
C PRO D 131 0.93 16.22 -13.07
N SER D 132 0.74 16.99 -14.15
CA SER D 132 1.16 16.57 -15.47
C SER D 132 2.02 17.67 -16.08
N SER D 133 1.88 17.87 -17.39
CA SER D 133 2.45 19.04 -18.04
C SER D 133 1.41 20.09 -18.42
N LYS D 134 0.12 19.70 -18.48
CA LYS D 134 -0.97 20.66 -18.45
C LYS D 134 -1.05 21.38 -17.11
N SER D 135 -0.24 20.97 -16.14
CA SER D 135 -0.11 21.64 -14.84
C SER D 135 1.30 22.17 -14.61
N THR D 136 2.09 22.32 -15.67
CA THR D 136 3.48 22.77 -15.58
C THR D 136 3.65 24.10 -16.31
N SER D 137 4.47 24.99 -15.73
CA SER D 137 4.67 26.33 -16.28
C SER D 137 6.10 26.76 -15.97
N GLY D 138 7.00 26.54 -16.93
CA GLY D 138 8.39 26.95 -16.77
C GLY D 138 9.11 26.28 -15.62
N GLY D 139 9.25 24.95 -15.69
CA GLY D 139 9.99 24.22 -14.68
C GLY D 139 9.31 24.17 -13.34
N THR D 140 8.04 24.58 -13.30
CA THR D 140 7.25 24.60 -12.08
C THR D 140 5.99 23.77 -12.32
N ALA D 141 5.73 22.80 -11.45
CA ALA D 141 4.55 21.96 -11.55
C ALA D 141 3.61 22.25 -10.39
N ALA D 142 2.31 22.05 -10.66
CA ALA D 142 1.26 22.29 -9.67
C ALA D 142 0.52 20.98 -9.42
N LEU D 143 0.38 20.63 -8.15
CA LEU D 143 -0.36 19.45 -7.73
C LEU D 143 -1.18 19.79 -6.51
N GLY D 144 -2.23 19.00 -6.26
CA GLY D 144 -3.05 19.30 -5.13
C GLY D 144 -3.95 18.16 -4.69
N CYS D 145 -4.86 18.48 -3.78
CA CYS D 145 -5.81 17.54 -3.21
C CYS D 145 -7.20 18.15 -3.23
N LEU D 146 -8.18 17.34 -3.63
CA LEU D 146 -9.58 17.76 -3.64
C LEU D 146 -10.30 17.13 -2.44
N VAL D 147 -10.84 17.97 -1.58
CA VAL D 147 -11.48 17.53 -0.34
C VAL D 147 -12.96 17.84 -0.47
N LYS D 148 -13.75 16.81 -0.82
CA LYS D 148 -15.08 17.00 -1.39
C LYS D 148 -16.15 16.31 -0.54
N ASP D 149 -17.32 16.97 -0.46
CA ASP D 149 -18.56 16.38 0.05
C ASP D 149 -18.44 15.97 1.52
N TYR D 150 -18.32 17.00 2.38
CA TYR D 150 -18.24 16.78 3.81
C TYR D 150 -19.16 17.77 4.52
N PHE D 151 -19.39 17.51 5.82
CA PHE D 151 -20.21 18.37 6.68
C PHE D 151 -19.98 18.02 8.14
N PRO D 152 -19.84 19.02 9.03
CA PRO D 152 -19.79 20.45 8.71
C PRO D 152 -18.37 20.96 8.58
N GLU D 153 -18.20 22.28 8.65
CA GLU D 153 -16.87 22.85 8.74
C GLU D 153 -16.30 22.57 10.14
N PRO D 154 -14.96 22.57 10.29
CA PRO D 154 -13.94 22.73 9.26
C PRO D 154 -13.17 21.46 8.94
N VAL D 155 -12.21 21.59 8.03
CA VAL D 155 -11.21 20.56 7.78
C VAL D 155 -9.84 21.23 7.81
N THR D 156 -8.82 20.44 8.11
CA THR D 156 -7.44 20.90 8.05
C THR D 156 -6.69 20.11 6.99
N VAL D 157 -5.84 20.80 6.24
CA VAL D 157 -5.02 20.18 5.21
C VAL D 157 -3.58 20.60 5.45
N SER D 158 -2.67 19.62 5.48
CA SER D 158 -1.25 19.86 5.50
C SER D 158 -0.59 19.04 4.42
N TRP D 159 0.65 19.40 4.08
CA TRP D 159 1.41 18.69 3.04
C TRP D 159 2.69 18.15 3.65
N ASN D 160 2.92 16.84 3.48
CA ASN D 160 4.08 16.15 4.04
C ASN D 160 4.19 16.37 5.54
N SER D 161 3.05 16.28 6.23
CA SER D 161 2.98 16.39 7.68
C SER D 161 3.59 17.69 8.18
N GLY D 162 3.30 18.78 7.49
CA GLY D 162 3.79 20.09 7.86
C GLY D 162 5.11 20.50 7.25
N ALA D 163 5.82 19.58 6.60
CA ALA D 163 7.12 19.91 6.01
C ALA D 163 6.98 20.92 4.88
N LEU D 164 6.04 20.67 3.97
CA LEU D 164 5.79 21.59 2.87
C LEU D 164 5.02 22.81 3.36
N THR D 165 5.37 23.97 2.82
CA THR D 165 4.73 25.21 3.25
C THR D 165 4.76 26.25 2.14
N SER D 166 5.91 26.42 1.51
CA SER D 166 6.05 27.40 0.45
C SER D 166 5.22 27.00 -0.76
N GLY D 167 4.42 27.92 -1.28
CA GLY D 167 3.66 27.68 -2.49
C GLY D 167 2.40 26.89 -2.30
N VAL D 168 1.91 26.78 -1.06
CA VAL D 168 0.72 26.00 -0.75
C VAL D 168 -0.45 26.96 -0.63
N HIS D 169 -1.48 26.74 -1.44
CA HIS D 169 -2.72 27.49 -1.36
C HIS D 169 -3.84 26.53 -0.97
N THR D 170 -4.50 26.81 0.14
CA THR D 170 -5.67 26.05 0.57
C THR D 170 -6.89 26.96 0.44
N PHE D 171 -7.80 26.60 -0.44
CA PHE D 171 -8.90 27.49 -0.79
C PHE D 171 -10.04 27.35 0.22
N PRO D 172 -10.80 28.43 0.42
CA PRO D 172 -11.98 28.35 1.28
C PRO D 172 -13.00 27.35 0.73
N ALA D 173 -13.66 26.66 1.66
CA ALA D 173 -14.66 25.68 1.27
C ALA D 173 -15.85 26.36 0.60
N VAL D 174 -16.44 25.68 -0.38
CA VAL D 174 -17.64 26.15 -1.06
C VAL D 174 -18.79 25.22 -0.70
N LEU D 175 -19.97 25.80 -0.54
CA LEU D 175 -21.19 25.06 -0.23
C LEU D 175 -21.86 24.68 -1.54
N GLN D 176 -21.81 23.40 -1.89
CA GLN D 176 -22.37 22.89 -3.13
C GLN D 176 -23.90 22.80 -3.05
N SER D 177 -24.51 22.54 -4.19
CA SER D 177 -25.97 22.38 -4.23
C SER D 177 -26.42 21.15 -3.45
N SER D 178 -25.52 20.18 -3.24
CA SER D 178 -25.78 19.03 -2.39
C SER D 178 -26.00 19.40 -0.93
N GLY D 179 -25.67 20.63 -0.53
CA GLY D 179 -25.68 20.97 0.87
C GLY D 179 -24.41 20.58 1.62
N LEU D 180 -23.42 20.03 0.94
CA LEU D 180 -22.15 19.63 1.52
C LEU D 180 -21.03 20.55 1.06
N TYR D 181 -19.92 20.51 1.80
CA TYR D 181 -18.80 21.39 1.52
C TYR D 181 -17.75 20.70 0.65
N SER D 182 -16.99 21.51 -0.07
CA SER D 182 -15.86 21.02 -0.86
C SER D 182 -14.78 22.08 -0.86
N LEU D 183 -13.52 21.65 -0.81
CA LEU D 183 -12.40 22.57 -0.95
C LEU D 183 -11.23 21.86 -1.61
N SER D 184 -10.23 22.65 -1.96
CA SER D 184 -9.03 22.16 -2.60
C SER D 184 -7.82 22.77 -1.92
N SER D 185 -6.69 22.07 -2.03
CA SER D 185 -5.42 22.54 -1.52
C SER D 185 -4.38 22.22 -2.57
N VAL D 186 -3.60 23.22 -2.98
CA VAL D 186 -2.70 23.08 -4.12
C VAL D 186 -1.30 23.53 -3.72
N VAL D 187 -0.30 23.00 -4.42
CA VAL D 187 1.11 23.34 -4.19
C VAL D 187 1.77 23.58 -5.53
N THR D 188 2.67 24.57 -5.57
CA THR D 188 3.57 24.77 -6.68
C THR D 188 4.92 24.16 -6.32
N VAL D 189 5.41 23.27 -7.18
CA VAL D 189 6.58 22.47 -6.86
C VAL D 189 7.50 22.44 -8.08
N PRO D 190 8.81 22.52 -7.88
CA PRO D 190 9.73 22.38 -9.02
C PRO D 190 9.56 21.04 -9.70
N SER D 191 9.38 21.08 -11.02
CA SER D 191 9.22 19.85 -11.81
C SER D 191 10.44 18.94 -11.73
N SER D 192 11.57 19.43 -11.20
CA SER D 192 12.73 18.57 -11.01
C SER D 192 12.48 17.49 -9.96
N SER D 193 11.53 17.70 -9.04
CA SER D 193 11.42 16.89 -7.84
C SER D 193 10.29 15.87 -7.91
N LEU D 194 9.51 15.86 -8.99
CA LEU D 194 8.37 14.95 -9.04
C LEU D 194 8.77 13.50 -9.23
N GLY D 195 9.92 13.25 -9.85
CA GLY D 195 10.38 11.87 -9.97
C GLY D 195 10.79 11.29 -8.65
N THR D 196 11.52 12.08 -7.85
CA THR D 196 12.11 11.59 -6.60
C THR D 196 11.28 11.99 -5.38
N GLN D 197 11.08 13.29 -5.18
CA GLN D 197 10.38 13.76 -3.98
C GLN D 197 8.90 13.34 -4.01
N THR D 198 8.42 12.81 -2.90
CA THR D 198 7.04 12.37 -2.77
C THR D 198 6.24 13.40 -1.98
N TYR D 199 4.99 13.61 -2.42
CA TYR D 199 4.11 14.61 -1.85
C TYR D 199 2.82 13.95 -1.37
N ILE D 200 2.47 14.18 -0.11
CA ILE D 200 1.28 13.61 0.50
C ILE D 200 0.52 14.74 1.20
N CYS D 201 -0.79 14.78 1.01
CA CYS D 201 -1.62 15.74 1.73
C CYS D 201 -2.34 15.03 2.88
N ASN D 202 -2.40 15.71 4.03
CA ASN D 202 -2.97 15.16 5.25
C ASN D 202 -4.25 15.90 5.56
N VAL D 203 -5.39 15.23 5.35
CA VAL D 203 -6.71 15.80 5.57
C VAL D 203 -7.25 15.28 6.90
N ASN D 204 -7.73 16.19 7.76
CA ASN D 204 -8.35 15.82 9.02
C ASN D 204 -9.72 16.49 9.13
N HIS D 205 -10.72 15.70 9.53
CA HIS D 205 -12.08 16.19 9.74
C HIS D 205 -12.56 15.67 11.09
N LYS D 206 -12.42 16.50 12.13
CA LYS D 206 -12.75 16.06 13.48
C LYS D 206 -14.21 15.63 13.63
N PRO D 207 -15.22 16.38 13.17
CA PRO D 207 -16.61 15.97 13.45
C PRO D 207 -16.96 14.58 12.96
N SER D 208 -16.28 14.07 11.93
CA SER D 208 -16.51 12.72 11.42
C SER D 208 -15.40 11.76 11.78
N ASN D 209 -14.38 12.20 12.51
CA ASN D 209 -13.22 11.39 12.89
C ASN D 209 -12.55 10.78 11.67
N THR D 210 -12.30 11.61 10.68
CA THR D 210 -11.70 11.21 9.41
C THR D 210 -10.26 11.71 9.35
N LYS D 211 -9.34 10.80 9.04
CA LYS D 211 -7.93 11.14 8.83
C LYS D 211 -7.47 10.44 7.57
N VAL D 212 -6.98 11.21 6.60
CA VAL D 212 -6.57 10.68 5.31
C VAL D 212 -5.19 11.21 4.96
N ASP D 213 -4.29 10.32 4.56
CA ASP D 213 -2.98 10.66 4.02
C ASP D 213 -2.96 10.15 2.58
N LYS D 214 -3.28 11.03 1.63
CA LYS D 214 -3.34 10.64 0.23
C LYS D 214 -2.09 11.13 -0.49
N LYS D 215 -1.50 10.25 -1.30
CA LYS D 215 -0.28 10.55 -2.04
C LYS D 215 -0.64 10.95 -3.46
N VAL D 216 -0.13 12.10 -3.88
CA VAL D 216 -0.38 12.64 -5.21
C VAL D 216 0.77 12.25 -6.13
N GLU D 217 0.47 11.44 -7.16
CA GLU D 217 1.52 10.95 -8.03
C GLU D 217 1.36 11.51 -9.44
N PRO D 218 2.47 11.78 -10.13
CA PRO D 218 2.37 12.37 -11.47
C PRO D 218 1.87 11.36 -12.51
N LYS D 219 0.95 11.83 -13.34
CA LYS D 219 0.43 11.08 -14.49
C LYS D 219 0.04 9.64 -14.17
N GLN E 1 -24.91 49.03 25.61
CA GLN E 1 -25.56 49.29 24.33
C GLN E 1 -24.85 50.41 23.57
N ILE E 2 -23.60 50.67 23.95
CA ILE E 2 -22.79 51.63 23.21
C ILE E 2 -22.46 51.02 21.85
N VAL E 3 -22.85 51.72 20.78
CA VAL E 3 -22.65 51.25 19.40
C VAL E 3 -21.37 51.88 18.86
N LEU E 4 -20.49 51.04 18.33
CA LEU E 4 -19.22 51.49 17.75
C LEU E 4 -19.32 51.40 16.24
N THR E 5 -19.11 52.53 15.56
CA THR E 5 -19.23 52.61 14.10
C THR E 5 -17.85 52.87 13.52
N GLN E 6 -17.38 51.98 12.66
CA GLN E 6 -16.07 52.07 12.06
C GLN E 6 -16.19 52.49 10.60
N SER E 7 -15.28 53.37 10.17
CA SER E 7 -15.23 53.83 8.80
C SER E 7 -13.77 53.87 8.35
N PRO E 8 -13.48 53.38 7.13
CA PRO E 8 -14.49 52.74 6.29
C PRO E 8 -14.55 51.24 6.52
N ALA E 9 -15.63 50.60 6.06
CA ALA E 9 -15.76 49.15 6.22
C ALA E 9 -14.69 48.42 5.42
N ILE E 10 -14.40 48.88 4.21
CA ILE E 10 -13.38 48.27 3.37
C ILE E 10 -12.71 49.39 2.57
N MET E 11 -11.38 49.31 2.42
CA MET E 11 -10.66 50.36 1.69
C MET E 11 -9.37 49.78 1.11
N SER E 12 -9.11 50.11 -0.15
CA SER E 12 -7.84 49.74 -0.79
C SER E 12 -6.78 50.79 -0.48
N VAL E 13 -5.57 50.33 -0.18
CA VAL E 13 -4.44 51.19 0.13
C VAL E 13 -3.23 50.69 -0.64
N SER E 14 -2.46 51.63 -1.25
CA SER E 14 -1.19 51.24 -1.86
C SER E 14 -0.08 51.30 -0.81
N PRO E 15 0.97 50.50 -0.95
CA PRO E 15 1.96 50.39 0.13
C PRO E 15 2.64 51.72 0.43
N GLY E 16 3.18 51.80 1.64
CA GLY E 16 3.91 52.98 2.09
C GLY E 16 3.02 54.16 2.44
N GLU E 17 1.78 54.13 1.97
CA GLU E 17 0.85 55.23 2.16
C GLU E 17 0.31 55.25 3.59
N LYS E 18 0.11 56.45 4.11
CA LYS E 18 -0.55 56.59 5.40
C LYS E 18 -2.03 56.25 5.28
N VAL E 19 -2.58 55.68 6.33
CA VAL E 19 -4.00 55.29 6.34
C VAL E 19 -4.55 55.52 7.73
N THR E 20 -5.82 55.89 7.81
CA THR E 20 -6.46 56.22 9.07
C THR E 20 -7.91 55.73 9.05
N MET E 21 -8.27 54.92 10.05
CA MET E 21 -9.63 54.45 10.25
C MET E 21 -10.16 55.04 11.55
N THR E 22 -11.48 55.17 11.64
CA THR E 22 -12.12 55.85 12.75
C THR E 22 -13.13 54.92 13.43
N CYS E 23 -13.25 55.09 14.74
CA CYS E 23 -14.27 54.43 15.53
C CYS E 23 -15.08 55.50 16.26
N SER E 24 -16.40 55.47 16.09
CA SER E 24 -17.30 56.44 16.67
C SER E 24 -18.28 55.72 17.59
N ALA E 25 -18.47 56.27 18.80
CA ALA E 25 -19.33 55.66 19.80
C ALA E 25 -20.55 56.52 20.05
N SER E 26 -21.67 55.87 20.39
CA SER E 26 -22.89 56.59 20.71
C SER E 26 -22.72 57.41 21.98
N SER E 27 -22.38 56.75 23.08
CA SER E 27 -22.06 57.41 24.33
C SER E 27 -20.55 57.60 24.44
N SER E 28 -20.16 58.59 25.23
CA SER E 28 -18.75 58.88 25.42
C SER E 28 -18.12 57.82 26.33
N ILE E 29 -16.94 57.34 25.94
CA ILE E 29 -16.21 56.35 26.72
C ILE E 29 -14.84 56.93 27.09
N ARG E 30 -14.19 56.29 28.06
CA ARG E 30 -12.89 56.76 28.52
C ARG E 30 -11.74 56.20 27.69
N TYR E 31 -11.87 54.97 27.21
CA TYR E 31 -10.83 54.33 26.42
C TYR E 31 -11.45 53.57 25.26
N ILE E 32 -10.62 53.35 24.23
CA ILE E 32 -10.95 52.46 23.12
C ILE E 32 -9.84 51.42 23.03
N HIS E 33 -10.18 50.27 22.48
CA HIS E 33 -9.23 49.18 22.33
C HIS E 33 -9.36 48.61 20.93
N TRP E 34 -8.22 48.36 20.29
CA TRP E 34 -8.18 47.89 18.92
C TRP E 34 -7.64 46.47 18.84
N TYR E 35 -8.22 45.67 17.95
CA TYR E 35 -7.81 44.29 17.75
C TYR E 35 -7.67 44.00 16.27
N GLN E 36 -6.63 43.24 15.92
CA GLN E 36 -6.36 42.84 14.54
C GLN E 36 -6.70 41.37 14.35
N GLN E 37 -7.41 41.05 13.26
CA GLN E 37 -7.76 39.68 12.92
C GLN E 37 -7.44 39.42 11.46
N ARG E 38 -6.72 38.35 11.19
CA ARG E 38 -6.48 37.82 9.87
C ARG E 38 -7.43 36.67 9.59
N PRO E 39 -7.86 36.49 8.35
CA PRO E 39 -8.84 35.44 8.04
C PRO E 39 -8.33 34.07 8.45
N GLY E 40 -9.14 33.37 9.24
CA GLY E 40 -8.77 32.06 9.74
C GLY E 40 -8.00 32.05 11.05
N THR E 41 -7.67 33.21 11.60
CA THR E 41 -6.94 33.29 12.85
C THR E 41 -7.74 34.06 13.89
N SER E 42 -7.33 33.89 15.15
CA SER E 42 -7.97 34.59 16.24
C SER E 42 -7.63 36.07 16.24
N PRO E 43 -8.49 36.91 16.80
CA PRO E 43 -8.13 38.32 16.98
C PRO E 43 -6.93 38.45 17.90
N LYS E 44 -6.12 39.47 17.64
CA LYS E 44 -4.95 39.78 18.45
C LYS E 44 -5.06 41.19 18.98
N ARG E 45 -4.78 41.36 20.27
CA ARG E 45 -4.79 42.70 20.84
C ARG E 45 -3.72 43.54 20.19
N TRP E 46 -4.11 44.73 19.71
CA TRP E 46 -3.24 45.61 18.94
C TRP E 46 -2.95 46.91 19.68
N ILE E 47 -3.98 47.66 20.04
CA ILE E 47 -3.84 48.91 20.76
C ILE E 47 -4.83 48.92 21.91
N TYR E 48 -4.32 48.97 23.15
CA TYR E 48 -5.14 49.06 24.34
C TYR E 48 -5.01 50.44 24.97
N ASP E 49 -6.06 50.85 25.70
CA ASP E 49 -6.14 52.17 26.32
C ASP E 49 -5.86 53.27 25.30
N THR E 50 -6.63 53.24 24.21
CA THR E 50 -6.63 54.26 23.16
C THR E 50 -5.33 54.32 22.35
N SER E 51 -4.17 54.35 23.01
CA SER E 51 -2.95 54.66 22.31
C SER E 51 -1.74 53.80 22.66
N ASN E 52 -1.86 52.82 23.56
CA ASN E 52 -0.74 51.98 23.92
C ASN E 52 -0.68 50.78 22.98
N LEU E 53 0.48 50.58 22.36
CA LEU E 53 0.69 49.46 21.45
C LEU E 53 0.94 48.18 22.25
N ALA E 54 0.25 47.10 21.89
CA ALA E 54 0.47 45.84 22.56
C ALA E 54 1.86 45.28 22.22
N SER E 55 2.32 44.36 23.07
CA SER E 55 3.64 43.78 22.90
C SER E 55 3.82 43.16 21.53
N GLY E 56 4.67 43.77 20.70
CA GLY E 56 4.98 43.26 19.38
C GLY E 56 4.37 44.04 18.23
N VAL E 57 3.50 45.00 18.51
CA VAL E 57 2.89 45.79 17.43
C VAL E 57 3.93 46.74 16.86
N PRO E 58 4.11 46.79 15.54
CA PRO E 58 5.17 47.64 14.98
C PRO E 58 4.99 49.11 15.33
N ALA E 59 6.10 49.85 15.23
CA ALA E 59 6.08 51.27 15.56
C ALA E 59 5.24 52.09 14.57
N ARG E 60 4.98 51.56 13.38
CA ARG E 60 4.20 52.31 12.40
C ARG E 60 2.74 52.43 12.77
N PHE E 61 2.27 51.71 13.80
CA PHE E 61 0.89 51.79 14.24
C PHE E 61 0.76 52.83 15.35
N SER E 62 -0.35 53.56 15.32
CA SER E 62 -0.59 54.62 16.29
C SER E 62 -2.09 54.74 16.54
N GLY E 63 -2.45 55.12 17.76
CA GLY E 63 -3.84 55.36 18.10
C GLY E 63 -3.99 56.62 18.92
N SER E 64 -5.18 57.22 18.82
CA SER E 64 -5.48 58.47 19.51
C SER E 64 -6.98 58.67 19.52
N GLY E 65 -7.43 59.66 20.28
CA GLY E 65 -8.85 59.97 20.37
C GLY E 65 -9.35 60.27 21.77
N SER E 66 -10.62 60.68 21.87
CA SER E 66 -11.22 61.11 23.12
C SER E 66 -12.73 61.04 22.98
N GLY E 67 -13.41 60.95 24.12
CA GLY E 67 -14.86 61.02 24.16
C GLY E 67 -15.54 59.98 23.30
N THR E 68 -16.02 60.38 22.12
CA THR E 68 -16.74 59.49 21.23
C THR E 68 -16.06 59.28 19.88
N SER E 69 -14.86 59.84 19.68
CA SER E 69 -14.16 59.78 18.40
C SER E 69 -12.74 59.28 18.63
N TYR E 70 -12.40 58.17 18.00
CA TYR E 70 -11.05 57.61 18.10
C TYR E 70 -10.59 57.22 16.70
N SER E 71 -9.33 56.82 16.59
CA SER E 71 -8.78 56.51 15.28
C SER E 71 -7.51 55.68 15.42
N LEU E 72 -7.30 54.82 14.43
CA LEU E 72 -6.07 54.05 14.28
C LEU E 72 -5.35 54.53 13.02
N THR E 73 -4.02 54.55 13.07
CA THR E 73 -3.24 55.10 11.98
C THR E 73 -1.99 54.26 11.76
N ILE E 74 -1.69 53.95 10.49
CA ILE E 74 -0.46 53.29 10.10
C ILE E 74 0.41 54.32 9.39
N SER E 75 1.66 54.45 9.86
CA SER E 75 2.56 55.45 9.31
C SER E 75 2.91 55.13 7.85
N SER E 76 3.11 53.86 7.54
CA SER E 76 3.37 53.43 6.16
C SER E 76 2.84 52.02 6.00
N MET E 77 1.86 51.85 5.10
CA MET E 77 1.21 50.56 4.91
C MET E 77 2.20 49.50 4.45
N GLU E 78 2.09 48.30 5.03
CA GLU E 78 2.89 47.16 4.64
C GLU E 78 1.99 46.04 4.14
N ALA E 79 2.58 45.07 3.45
CA ALA E 79 1.82 43.93 2.95
C ALA E 79 1.25 43.11 4.09
N GLU E 80 2.01 42.95 5.18
CA GLU E 80 1.56 42.19 6.34
C GLU E 80 0.49 42.90 7.14
N ASP E 81 0.20 44.17 6.85
CA ASP E 81 -0.83 44.90 7.55
C ASP E 81 -2.22 44.69 6.94
N ALA E 82 -2.34 43.89 5.89
CA ALA E 82 -3.64 43.61 5.28
C ALA E 82 -4.41 42.67 6.20
N ALA E 83 -5.41 43.21 6.89
CA ALA E 83 -6.21 42.44 7.84
C ALA E 83 -7.46 43.25 8.16
N THR E 84 -8.25 42.76 9.11
CA THR E 84 -9.41 43.48 9.60
C THR E 84 -9.12 43.99 11.00
N TYR E 85 -9.58 45.21 11.29
CA TYR E 85 -9.30 45.88 12.55
C TYR E 85 -10.61 46.26 13.20
N TYR E 86 -10.84 45.80 14.43
CA TYR E 86 -12.05 46.06 15.17
C TYR E 86 -11.76 46.99 16.35
N CYS E 87 -12.68 47.88 16.66
CA CYS E 87 -12.60 48.64 17.90
C CYS E 87 -13.55 48.07 18.94
N HIS E 88 -13.23 48.34 20.20
CA HIS E 88 -13.85 47.63 21.30
C HIS E 88 -13.89 48.54 22.52
N GLN E 89 -15.04 48.59 23.19
CA GLN E 89 -15.20 49.35 24.43
C GLN E 89 -15.66 48.43 25.54
N ARG E 90 -15.04 48.58 26.72
CA ARG E 90 -15.47 47.91 27.94
C ARG E 90 -15.83 48.94 29.01
N ASN E 91 -16.32 50.10 28.58
CA ASN E 91 -16.63 51.18 29.49
C ASN E 91 -17.93 50.95 30.23
N SER E 92 -18.85 50.20 29.65
CA SER E 92 -20.12 49.89 30.30
C SER E 92 -20.68 48.61 29.69
N TYR E 93 -21.51 47.93 30.46
CA TYR E 93 -22.10 46.68 30.00
C TYR E 93 -23.26 46.97 29.06
N PRO E 94 -23.44 46.16 28.01
CA PRO E 94 -22.51 45.09 27.67
C PRO E 94 -21.32 45.60 26.87
N TRP E 95 -20.20 44.91 26.95
CA TRP E 95 -19.03 45.25 26.15
C TRP E 95 -19.32 44.98 24.68
N THR E 96 -18.94 45.90 23.81
CA THR E 96 -19.31 45.82 22.40
C THR E 96 -18.08 45.97 21.51
N PHE E 97 -18.25 45.57 20.25
CA PHE E 97 -17.22 45.67 19.23
C PHE E 97 -17.77 46.46 18.04
N GLY E 98 -16.86 46.95 17.20
CA GLY E 98 -17.25 47.62 15.98
C GLY E 98 -17.53 46.66 14.84
N GLY E 99 -18.00 47.22 13.72
CA GLY E 99 -18.23 46.40 12.55
C GLY E 99 -16.96 45.96 11.86
N GLY E 100 -15.89 46.71 12.01
CA GLY E 100 -14.61 46.33 11.47
C GLY E 100 -14.20 47.20 10.30
N THR E 101 -12.88 47.31 10.11
CA THR E 101 -12.29 47.95 8.94
C THR E 101 -11.30 46.95 8.34
N ARG E 102 -11.53 46.56 7.08
CA ARG E 102 -10.63 45.66 6.39
C ARG E 102 -9.74 46.41 5.40
N LEU E 103 -8.45 46.11 5.43
CA LEU E 103 -7.46 46.78 4.59
C LEU E 103 -6.98 45.84 3.50
N GLU E 104 -7.22 46.21 2.24
CA GLU E 104 -6.65 45.53 1.09
C GLU E 104 -5.46 46.33 0.58
N ILE E 105 -4.35 45.64 0.31
CA ILE E 105 -3.11 46.28 -0.11
C ILE E 105 -3.00 46.25 -1.64
N ARG E 106 -2.66 47.41 -2.22
CA ARG E 106 -2.56 47.51 -3.66
C ARG E 106 -1.20 47.02 -4.16
N ARG E 107 -1.21 46.43 -5.35
CA ARG E 107 0.01 46.01 -6.01
C ARG E 107 -0.22 46.04 -7.53
N THR E 108 0.85 45.85 -8.28
CA THR E 108 0.74 45.91 -9.73
C THR E 108 -0.05 44.72 -10.26
N VAL E 109 -0.64 44.92 -11.44
CA VAL E 109 -1.45 43.88 -12.06
C VAL E 109 -0.57 42.66 -12.31
N ALA E 110 -1.10 41.48 -11.96
CA ALA E 110 -0.41 40.22 -12.15
C ALA E 110 -1.33 39.26 -12.88
N ALA E 111 -0.83 38.64 -13.94
CA ALA E 111 -1.63 37.71 -14.72
C ALA E 111 -1.64 36.34 -14.05
N PRO E 112 -2.74 35.61 -14.16
CA PRO E 112 -2.83 34.28 -13.53
C PRO E 112 -2.15 33.22 -14.37
N SER E 113 -1.47 32.29 -13.69
CA SER E 113 -1.00 31.06 -14.30
C SER E 113 -2.11 30.03 -14.22
N VAL E 114 -2.54 29.53 -15.38
CA VAL E 114 -3.71 28.66 -15.49
C VAL E 114 -3.26 27.20 -15.59
N PHE E 115 -3.87 26.35 -14.76
CA PHE E 115 -3.66 24.91 -14.82
C PHE E 115 -5.01 24.20 -14.81
N ILE E 116 -5.03 23.00 -15.36
CA ILE E 116 -6.23 22.17 -15.42
C ILE E 116 -5.90 20.79 -14.90
N PHE E 117 -6.85 20.16 -14.19
CA PHE E 117 -6.65 18.83 -13.59
C PHE E 117 -7.77 17.92 -14.05
N PRO E 118 -7.47 16.77 -14.67
CA PRO E 118 -8.52 15.82 -15.04
C PRO E 118 -9.01 15.06 -13.81
N PRO E 119 -10.14 14.36 -13.91
CA PRO E 119 -10.64 13.59 -12.77
C PRO E 119 -9.68 12.47 -12.37
N SER E 120 -9.63 12.21 -11.08
CA SER E 120 -8.82 11.11 -10.60
C SER E 120 -9.48 9.77 -10.92
N ASP E 121 -8.65 8.73 -11.10
CA ASP E 121 -9.17 7.38 -11.27
C ASP E 121 -9.95 6.92 -10.06
N GLU E 122 -9.55 7.36 -8.85
CA GLU E 122 -10.28 6.99 -7.64
C GLU E 122 -11.70 7.52 -7.68
N GLN E 123 -11.87 8.79 -8.03
CA GLN E 123 -13.21 9.37 -8.10
C GLN E 123 -14.01 8.79 -9.25
N LEU E 124 -13.36 8.46 -10.36
CA LEU E 124 -14.06 7.95 -11.53
C LEU E 124 -14.76 6.62 -11.22
N LYS E 125 -14.11 5.75 -10.45
CA LYS E 125 -14.74 4.49 -10.05
C LYS E 125 -15.79 4.68 -8.96
N SER E 126 -15.97 5.90 -8.45
CA SER E 126 -17.04 6.20 -7.52
C SER E 126 -18.30 6.69 -8.21
N GLY E 127 -18.24 7.01 -9.50
CA GLY E 127 -19.40 7.41 -10.26
C GLY E 127 -19.41 8.86 -10.70
N THR E 128 -18.55 9.72 -10.16
CA THR E 128 -18.55 11.12 -10.51
C THR E 128 -17.20 11.52 -11.10
N ALA E 129 -17.19 12.65 -11.81
CA ALA E 129 -15.96 13.20 -12.38
C ALA E 129 -15.88 14.67 -12.03
N SER E 130 -14.74 15.10 -11.51
CA SER E 130 -14.48 16.49 -11.18
C SER E 130 -13.30 16.98 -11.99
N VAL E 131 -13.47 18.11 -12.67
CA VAL E 131 -12.38 18.79 -13.38
C VAL E 131 -12.13 20.11 -12.67
N VAL E 132 -10.88 20.36 -12.32
CA VAL E 132 -10.49 21.51 -11.51
C VAL E 132 -9.58 22.42 -12.32
N CYS E 133 -9.96 23.68 -12.44
CA CYS E 133 -9.13 24.71 -13.05
C CYS E 133 -8.52 25.58 -11.97
N LEU E 134 -7.22 25.80 -12.04
CA LEU E 134 -6.50 26.56 -11.03
C LEU E 134 -5.92 27.83 -11.65
N LEU E 135 -6.26 28.97 -11.06
CA LEU E 135 -5.67 30.27 -11.40
C LEU E 135 -4.74 30.66 -10.27
N ASN E 136 -3.44 30.75 -10.56
CA ASN E 136 -2.41 30.87 -9.52
C ASN E 136 -1.80 32.27 -9.55
N ASN E 137 -1.87 32.96 -8.42
CA ASN E 137 -1.17 34.23 -8.18
C ASN E 137 -1.49 35.30 -9.21
N PHE E 138 -2.59 36.01 -9.02
CA PHE E 138 -3.00 37.07 -9.91
C PHE E 138 -3.47 38.27 -9.10
N TYR E 139 -3.61 39.42 -9.77
CA TYR E 139 -4.13 40.65 -9.18
C TYR E 139 -4.58 41.55 -10.31
N PRO E 140 -5.73 42.23 -10.20
CA PRO E 140 -6.64 42.25 -9.06
C PRO E 140 -7.54 41.00 -8.96
N ARG E 141 -8.45 40.98 -7.99
CA ARG E 141 -9.17 39.75 -7.66
C ARG E 141 -10.23 39.40 -8.71
N GLU E 142 -10.71 40.37 -9.47
CA GLU E 142 -11.78 40.12 -10.45
C GLU E 142 -11.25 39.20 -11.54
N ALA E 143 -11.91 38.06 -11.73
CA ALA E 143 -11.50 37.09 -12.74
C ALA E 143 -12.69 36.23 -13.12
N LYS E 144 -12.84 36.00 -14.42
CA LYS E 144 -13.95 35.23 -14.98
C LYS E 144 -13.40 33.92 -15.52
N VAL E 145 -13.97 32.81 -15.04
CA VAL E 145 -13.62 31.47 -15.49
C VAL E 145 -14.83 30.90 -16.20
N GLN E 146 -14.60 30.31 -17.37
CA GLN E 146 -15.66 29.75 -18.19
C GLN E 146 -15.30 28.30 -18.54
N TRP E 147 -16.15 27.36 -18.16
CA TRP E 147 -15.99 25.98 -18.57
C TRP E 147 -16.71 25.75 -19.89
N LYS E 148 -16.07 24.98 -20.77
CA LYS E 148 -16.66 24.65 -22.07
C LYS E 148 -16.34 23.19 -22.39
N VAL E 149 -17.37 22.35 -22.37
CA VAL E 149 -17.23 20.95 -22.73
C VAL E 149 -17.57 20.80 -24.21
N ASP E 150 -16.60 20.32 -24.99
CA ASP E 150 -16.73 20.22 -26.45
C ASP E 150 -17.18 21.56 -27.04
N ASN E 151 -16.62 22.64 -26.52
CA ASN E 151 -16.91 24.01 -26.96
C ASN E 151 -18.37 24.38 -26.76
N ALA E 152 -18.99 23.86 -25.70
CA ALA E 152 -20.34 24.26 -25.30
C ALA E 152 -20.27 24.84 -23.90
N LEU E 153 -20.87 26.02 -23.73
CA LEU E 153 -20.74 26.76 -22.49
C LEU E 153 -21.45 26.04 -21.35
N GLN E 154 -20.75 25.92 -20.21
CA GLN E 154 -21.30 25.29 -19.03
C GLN E 154 -21.99 26.32 -18.13
N SER E 155 -22.94 25.84 -17.33
CA SER E 155 -23.66 26.70 -16.39
C SER E 155 -24.40 25.85 -15.36
N GLY E 156 -24.23 26.16 -14.09
CA GLY E 156 -24.91 25.47 -13.01
C GLY E 156 -24.21 24.24 -12.48
N ASN E 157 -23.15 23.76 -13.14
CA ASN E 157 -22.43 22.58 -12.71
C ASN E 157 -21.02 22.91 -12.24
N SER E 158 -20.79 24.15 -11.81
CA SER E 158 -19.47 24.59 -11.41
C SER E 158 -19.57 25.52 -10.21
N GLN E 159 -18.47 25.60 -9.46
CA GLN E 159 -18.32 26.54 -8.36
C GLN E 159 -16.85 26.89 -8.25
N GLU E 160 -16.57 28.04 -7.63
CA GLU E 160 -15.19 28.53 -7.55
C GLU E 160 -14.95 29.11 -6.16
N SER E 161 -13.67 29.22 -5.82
CA SER E 161 -13.22 29.77 -4.55
C SER E 161 -11.97 30.61 -4.79
N VAL E 162 -11.82 31.69 -4.03
CA VAL E 162 -10.67 32.58 -4.15
C VAL E 162 -10.03 32.72 -2.77
N THR E 163 -8.70 32.56 -2.71
CA THR E 163 -7.99 32.72 -1.46
C THR E 163 -8.05 34.17 -0.99
N GLU E 164 -7.69 34.38 0.28
CA GLU E 164 -7.51 35.73 0.77
C GLU E 164 -6.23 36.32 0.18
N GLN E 165 -6.12 37.64 0.24
CA GLN E 165 -4.95 38.32 -0.29
C GLN E 165 -3.70 37.88 0.47
N ASP E 166 -2.73 37.34 -0.26
CA ASP E 166 -1.47 36.92 0.32
C ASP E 166 -0.80 38.08 1.06
N SER E 167 -0.07 37.76 2.13
CA SER E 167 0.56 38.77 2.96
C SER E 167 2.02 39.01 2.61
N LYS E 168 2.53 38.38 1.54
CA LYS E 168 3.88 38.64 1.05
C LYS E 168 3.90 39.21 -0.36
N ASP E 169 3.22 38.57 -1.32
CA ASP E 169 3.13 39.08 -2.68
C ASP E 169 1.76 39.65 -3.03
N SER E 170 0.80 39.54 -2.10
CA SER E 170 -0.50 40.20 -2.19
C SER E 170 -1.28 39.82 -3.44
N THR E 171 -1.01 38.65 -3.99
CA THR E 171 -1.79 38.15 -5.09
C THR E 171 -2.92 37.24 -4.59
N TYR E 172 -3.90 37.05 -5.45
CA TYR E 172 -4.99 36.14 -5.18
C TYR E 172 -4.81 34.87 -6.02
N SER E 173 -5.54 33.83 -5.65
CA SER E 173 -5.57 32.60 -6.42
C SER E 173 -6.97 32.03 -6.39
N LEU E 174 -7.42 31.52 -7.53
CA LEU E 174 -8.76 31.00 -7.70
C LEU E 174 -8.71 29.52 -8.00
N SER E 175 -9.64 28.77 -7.39
CA SER E 175 -9.83 27.36 -7.69
C SER E 175 -11.29 27.16 -8.13
N SER E 176 -11.48 26.56 -9.30
CA SER E 176 -12.79 26.33 -9.87
C SER E 176 -12.93 24.86 -10.24
N THR E 177 -14.06 24.26 -9.89
CA THR E 177 -14.31 22.84 -10.10
C THR E 177 -15.56 22.65 -10.92
N LEU E 178 -15.44 21.91 -12.02
CA LEU E 178 -16.58 21.47 -12.82
C LEU E 178 -16.85 20.00 -12.50
N THR E 179 -18.05 19.71 -12.01
CA THR E 179 -18.41 18.37 -11.57
C THR E 179 -19.48 17.78 -12.50
N LEU E 180 -19.18 16.61 -13.06
CA LEU E 180 -20.13 15.86 -13.89
C LEU E 180 -20.17 14.41 -13.44
N SER E 181 -21.31 13.77 -13.67
CA SER E 181 -21.39 12.33 -13.48
C SER E 181 -20.47 11.62 -14.46
N LYS E 182 -20.00 10.44 -14.07
CA LYS E 182 -19.08 9.70 -14.93
C LYS E 182 -19.73 9.36 -16.27
N ALA E 183 -21.06 9.24 -16.30
CA ALA E 183 -21.76 8.98 -17.56
C ALA E 183 -21.57 10.13 -18.53
N ASP E 184 -21.95 11.34 -18.12
CA ASP E 184 -21.75 12.51 -18.96
C ASP E 184 -20.28 12.82 -19.21
N TYR E 185 -19.38 12.37 -18.34
CA TYR E 185 -17.97 12.67 -18.54
C TYR E 185 -17.42 11.97 -19.76
N GLU E 186 -17.82 10.71 -20.00
CA GLU E 186 -17.24 9.95 -21.09
C GLU E 186 -18.09 9.96 -22.36
N LYS E 187 -18.98 10.94 -22.53
CA LYS E 187 -19.71 11.12 -23.78
C LYS E 187 -19.23 12.36 -24.54
N HIS E 188 -18.54 13.27 -23.87
CA HIS E 188 -17.84 14.36 -24.52
C HIS E 188 -16.31 14.19 -24.41
N LYS E 189 -15.58 14.89 -25.27
CA LYS E 189 -14.14 14.67 -25.45
C LYS E 189 -13.27 15.78 -24.86
N VAL E 190 -13.39 17.01 -25.36
CA VAL E 190 -12.49 18.09 -24.99
C VAL E 190 -13.07 18.85 -23.80
N TYR E 191 -12.25 19.04 -22.77
CA TYR E 191 -12.63 19.78 -21.57
C TYR E 191 -11.71 20.97 -21.43
N ALA E 192 -12.27 22.17 -21.53
CA ALA E 192 -11.48 23.40 -21.57
C ALA E 192 -11.86 24.34 -20.46
N CYS E 193 -10.89 25.12 -20.00
CA CYS E 193 -11.07 26.15 -18.99
C CYS E 193 -10.61 27.48 -19.57
N GLU E 194 -11.54 28.44 -19.69
CA GLU E 194 -11.26 29.74 -20.30
C GLU E 194 -11.18 30.80 -19.21
N VAL E 195 -10.06 31.52 -19.18
CA VAL E 195 -9.78 32.49 -18.13
C VAL E 195 -9.68 33.88 -18.74
N THR E 196 -10.37 34.84 -18.13
CA THR E 196 -10.30 36.24 -18.53
C THR E 196 -9.90 37.09 -17.34
N HIS E 197 -8.84 37.87 -17.48
CA HIS E 197 -8.32 38.67 -16.38
C HIS E 197 -7.74 39.97 -16.91
N GLN E 198 -7.67 40.96 -16.02
CA GLN E 198 -7.12 42.27 -16.36
C GLN E 198 -5.70 42.18 -16.91
N GLY E 199 -4.91 41.23 -16.43
CA GLY E 199 -3.53 41.07 -16.84
C GLY E 199 -3.32 40.32 -18.13
N LEU E 200 -4.37 39.89 -18.81
CA LEU E 200 -4.27 39.18 -20.07
C LEU E 200 -4.83 40.05 -21.18
N SER E 201 -4.12 40.10 -22.31
CA SER E 201 -4.60 40.85 -23.47
C SER E 201 -5.62 40.06 -24.29
N SER E 202 -5.74 38.77 -24.05
CA SER E 202 -6.73 37.93 -24.70
C SER E 202 -7.01 36.75 -23.77
N PRO E 203 -8.21 36.19 -23.80
CA PRO E 203 -8.51 35.09 -22.89
C PRO E 203 -7.62 33.88 -23.15
N VAL E 204 -7.17 33.26 -22.06
CA VAL E 204 -6.31 32.08 -22.12
C VAL E 204 -7.18 30.84 -21.89
N THR E 205 -6.91 29.79 -22.64
CA THR E 205 -7.67 28.54 -22.57
C THR E 205 -6.71 27.40 -22.26
N LYS E 206 -6.96 26.69 -21.17
CA LYS E 206 -6.29 25.44 -20.86
C LYS E 206 -7.29 24.29 -21.00
N SER E 207 -6.84 23.19 -21.61
CA SER E 207 -7.75 22.10 -21.94
C SER E 207 -6.99 20.78 -21.96
N PHE E 208 -7.72 19.70 -22.22
CA PHE E 208 -7.16 18.36 -22.36
C PHE E 208 -8.15 17.48 -23.09
N ASN E 209 -7.63 16.50 -23.82
CA ASN E 209 -8.46 15.42 -24.35
C ASN E 209 -8.67 14.36 -23.28
N ARG E 210 -9.91 13.88 -23.16
CA ARG E 210 -10.23 12.92 -22.12
C ARG E 210 -9.24 11.75 -22.12
N GLU E 211 -9.16 11.03 -23.24
CA GLU E 211 -8.09 10.07 -23.48
C GLU E 211 -7.99 8.99 -22.40
N GLN F 1 -18.88 0.21 34.80
CA GLN F 1 -17.82 -0.32 35.65
C GLN F 1 -18.17 -1.70 36.17
N ILE F 2 -18.42 -2.63 35.26
CA ILE F 2 -18.77 -4.00 35.60
C ILE F 2 -17.48 -4.80 35.77
N VAL F 3 -17.19 -5.22 37.01
CA VAL F 3 -16.00 -6.00 37.31
C VAL F 3 -16.25 -7.46 36.96
N LEU F 4 -15.27 -8.09 36.30
CA LEU F 4 -15.34 -9.50 35.95
C LEU F 4 -14.20 -10.22 36.69
N THR F 5 -14.56 -11.04 37.65
CA THR F 5 -13.61 -11.81 38.44
C THR F 5 -13.67 -13.26 37.99
N GLN F 6 -12.51 -13.81 37.60
CA GLN F 6 -12.40 -15.18 37.13
C GLN F 6 -11.64 -16.01 38.16
N SER F 7 -12.21 -17.14 38.56
CA SER F 7 -11.56 -18.04 39.50
C SER F 7 -11.61 -19.47 38.95
N PRO F 8 -10.49 -20.20 38.98
CA PRO F 8 -9.19 -19.71 39.46
C PRO F 8 -8.40 -18.99 38.38
N ALA F 9 -7.27 -18.39 38.75
CA ALA F 9 -6.43 -17.76 37.74
C ALA F 9 -5.66 -18.78 36.93
N ILE F 10 -5.27 -19.90 37.54
CA ILE F 10 -4.56 -20.96 36.86
C ILE F 10 -4.97 -22.30 37.46
N MET F 11 -4.98 -23.33 36.64
CA MET F 11 -5.44 -24.65 37.07
C MET F 11 -4.84 -25.71 36.15
N SER F 12 -4.39 -26.80 36.74
CA SER F 12 -3.84 -27.92 35.99
C SER F 12 -4.91 -28.99 35.78
N VAL F 13 -4.94 -29.55 34.57
CA VAL F 13 -5.95 -30.53 34.18
C VAL F 13 -5.26 -31.77 33.64
N SER F 14 -5.63 -32.93 34.16
CA SER F 14 -5.18 -34.17 33.56
C SER F 14 -5.89 -34.36 32.22
N PRO F 15 -5.16 -34.77 31.18
CA PRO F 15 -5.81 -34.96 29.88
C PRO F 15 -6.92 -36.00 29.96
N GLY F 16 -8.06 -35.68 29.35
CA GLY F 16 -9.22 -36.53 29.36
C GLY F 16 -10.27 -36.16 30.40
N GLU F 17 -9.92 -35.36 31.40
CA GLU F 17 -10.82 -35.02 32.50
C GLU F 17 -11.66 -33.79 32.15
N LYS F 18 -12.56 -33.42 33.07
CA LYS F 18 -13.52 -32.35 32.87
C LYS F 18 -13.05 -31.07 33.55
N VAL F 19 -13.18 -29.94 32.85
CA VAL F 19 -12.78 -28.64 33.34
C VAL F 19 -14.01 -27.74 33.41
N THR F 20 -14.10 -26.92 34.45
CA THR F 20 -15.14 -25.89 34.54
C THR F 20 -14.55 -24.67 35.25
N MET F 21 -14.47 -23.56 34.53
CA MET F 21 -14.02 -22.28 35.05
C MET F 21 -15.20 -21.31 35.09
N THR F 22 -15.13 -20.34 36.00
CA THR F 22 -16.27 -19.46 36.23
C THR F 22 -15.86 -18.00 36.11
N CYS F 23 -16.79 -17.20 35.59
CA CYS F 23 -16.67 -15.75 35.56
C CYS F 23 -17.88 -15.12 36.23
N SER F 24 -17.62 -14.23 37.20
CA SER F 24 -18.65 -13.59 38.01
C SER F 24 -18.59 -12.09 37.81
N ALA F 25 -19.72 -11.51 37.41
CA ALA F 25 -19.83 -10.08 37.20
C ALA F 25 -20.27 -9.37 38.47
N SER F 26 -19.97 -8.07 38.56
CA SER F 26 -20.37 -7.26 39.71
C SER F 26 -21.83 -6.84 39.67
N SER F 27 -22.51 -7.02 38.54
CA SER F 27 -23.94 -6.75 38.43
C SER F 27 -24.46 -7.50 37.22
N SER F 28 -25.79 -7.62 37.15
CA SER F 28 -26.42 -8.45 36.14
C SER F 28 -26.14 -7.93 34.74
N ILE F 29 -25.82 -8.86 33.82
CA ILE F 29 -25.53 -8.54 32.44
C ILE F 29 -26.34 -9.46 31.53
N ARG F 30 -26.44 -9.08 30.26
CA ARG F 30 -27.19 -9.84 29.27
C ARG F 30 -26.57 -11.20 29.03
N TYR F 31 -25.40 -11.22 28.39
CA TYR F 31 -24.70 -12.45 28.05
C TYR F 31 -23.25 -12.36 28.54
N ILE F 32 -22.47 -13.39 28.23
CA ILE F 32 -21.04 -13.41 28.48
C ILE F 32 -20.35 -13.87 27.20
N HIS F 33 -19.09 -13.47 27.06
CA HIS F 33 -18.31 -13.80 25.87
C HIS F 33 -16.92 -14.28 26.32
N TRP F 34 -16.41 -15.30 25.64
CA TRP F 34 -15.16 -15.93 26.03
C TRP F 34 -14.14 -15.82 24.90
N TYR F 35 -12.88 -15.56 25.28
CA TYR F 35 -11.79 -15.42 24.32
C TYR F 35 -10.59 -16.22 24.80
N GLN F 36 -10.04 -17.05 23.91
CA GLN F 36 -8.90 -17.91 24.23
C GLN F 36 -7.64 -17.33 23.61
N GLN F 37 -6.53 -17.42 24.34
CA GLN F 37 -5.26 -16.86 23.90
C GLN F 37 -4.12 -17.77 24.33
N ARG F 38 -3.21 -18.09 23.39
CA ARG F 38 -1.95 -18.75 23.61
C ARG F 38 -0.83 -17.72 23.71
N PRO F 39 0.27 -18.03 24.41
CA PRO F 39 1.37 -17.06 24.53
C PRO F 39 2.03 -16.79 23.19
N GLY F 40 2.23 -15.51 22.88
CA GLY F 40 2.80 -15.09 21.62
C GLY F 40 1.81 -14.97 20.47
N THR F 41 0.52 -15.21 20.71
CA THR F 41 -0.52 -15.09 19.70
C THR F 41 -1.59 -14.13 20.19
N SER F 42 -2.47 -13.71 19.25
CA SER F 42 -3.52 -12.78 19.62
C SER F 42 -4.76 -13.53 20.10
N PRO F 43 -5.60 -12.90 20.92
CA PRO F 43 -6.81 -13.55 21.40
C PRO F 43 -7.73 -13.99 20.26
N LYS F 44 -8.55 -14.98 20.54
CA LYS F 44 -9.43 -15.57 19.55
C LYS F 44 -10.82 -15.79 20.15
N ARG F 45 -11.84 -15.35 19.43
CA ARG F 45 -13.22 -15.56 19.87
C ARG F 45 -13.50 -17.05 20.04
N TRP F 46 -13.98 -17.42 21.21
CA TRP F 46 -14.28 -18.81 21.51
C TRP F 46 -15.77 -19.07 21.66
N ILE F 47 -16.45 -18.30 22.51
CA ILE F 47 -17.90 -18.42 22.68
C ILE F 47 -18.51 -17.03 22.76
N TYR F 48 -19.47 -16.76 21.88
CA TYR F 48 -20.23 -15.53 21.89
C TYR F 48 -21.67 -15.83 22.32
N ASP F 49 -22.30 -14.84 22.96
CA ASP F 49 -23.66 -14.97 23.49
C ASP F 49 -23.77 -16.16 24.44
N THR F 50 -22.90 -16.17 25.45
CA THR F 50 -22.90 -17.11 26.57
C THR F 50 -22.59 -18.56 26.17
N SER F 51 -23.26 -19.11 25.16
CA SER F 51 -23.17 -20.53 24.88
C SER F 51 -22.96 -20.92 23.43
N ASN F 52 -22.85 -19.97 22.51
CA ASN F 52 -22.69 -20.28 21.09
C ASN F 52 -21.20 -20.39 20.77
N LEU F 53 -20.79 -21.55 20.26
CA LEU F 53 -19.39 -21.77 19.93
C LEU F 53 -19.01 -21.01 18.67
N ALA F 54 -17.79 -20.47 18.67
CA ALA F 54 -17.30 -19.74 17.52
C ALA F 54 -16.95 -20.70 16.38
N SER F 55 -16.54 -20.13 15.25
CA SER F 55 -16.20 -20.93 14.08
C SER F 55 -14.87 -21.63 14.30
N GLY F 56 -14.90 -22.96 14.39
CA GLY F 56 -13.69 -23.74 14.56
C GLY F 56 -13.45 -24.28 15.97
N VAL F 57 -14.32 -23.95 16.92
CA VAL F 57 -14.14 -24.39 18.30
C VAL F 57 -14.61 -25.84 18.43
N PRO F 58 -13.84 -26.72 19.08
CA PRO F 58 -14.27 -28.12 19.21
C PRO F 58 -15.55 -28.26 20.02
N ALA F 59 -16.23 -29.39 19.83
CA ALA F 59 -17.51 -29.64 20.49
C ALA F 59 -17.37 -29.84 21.99
N ARG F 60 -16.17 -30.14 22.49
CA ARG F 60 -15.97 -30.35 23.91
C ARG F 60 -16.20 -29.09 24.74
N PHE F 61 -16.06 -27.91 24.14
CA PHE F 61 -16.29 -26.67 24.86
C PHE F 61 -17.79 -26.38 24.96
N SER F 62 -18.19 -25.79 26.08
CA SER F 62 -19.60 -25.49 26.32
C SER F 62 -19.72 -24.26 27.18
N GLY F 63 -20.82 -23.53 26.98
CA GLY F 63 -21.06 -22.32 27.74
C GLY F 63 -22.41 -22.37 28.44
N SER F 64 -22.47 -21.74 29.61
CA SER F 64 -23.67 -21.73 30.43
C SER F 64 -23.61 -20.52 31.35
N GLY F 65 -24.79 -20.13 31.83
CA GLY F 65 -24.87 -19.04 32.79
C GLY F 65 -25.97 -18.04 32.52
N SER F 66 -26.20 -17.13 33.45
CA SER F 66 -27.22 -16.09 33.34
C SER F 66 -26.99 -15.07 34.43
N GLY F 67 -27.57 -13.88 34.24
CA GLY F 67 -27.54 -12.83 35.24
C GLY F 67 -26.15 -12.42 35.71
N THR F 68 -25.63 -13.10 36.73
CA THR F 68 -24.39 -12.72 37.38
C THR F 68 -23.32 -13.80 37.32
N SER F 69 -23.69 -15.05 37.02
CA SER F 69 -22.75 -16.18 37.04
C SER F 69 -22.73 -16.86 35.68
N TYR F 70 -21.52 -17.07 35.14
CA TYR F 70 -21.34 -17.79 33.88
C TYR F 70 -20.18 -18.77 34.03
N SER F 71 -20.04 -19.67 33.05
CA SER F 71 -19.00 -20.68 33.14
C SER F 71 -18.57 -21.14 31.75
N LEU F 72 -17.33 -21.65 31.69
CA LEU F 72 -16.77 -22.31 30.52
C LEU F 72 -16.35 -23.71 30.91
N THR F 73 -16.75 -24.71 30.12
CA THR F 73 -16.53 -26.11 30.47
C THR F 73 -15.97 -26.87 29.27
N ILE F 74 -14.94 -27.70 29.52
CA ILE F 74 -14.41 -28.63 28.55
C ILE F 74 -14.71 -30.04 29.04
N SER F 75 -15.26 -30.87 28.15
CA SER F 75 -15.68 -32.21 28.54
C SER F 75 -14.49 -33.13 28.75
N SER F 76 -13.66 -33.30 27.73
CA SER F 76 -12.47 -34.15 27.78
C SER F 76 -11.27 -33.30 27.36
N MET F 77 -10.47 -32.89 28.34
CA MET F 77 -9.33 -32.01 28.09
C MET F 77 -8.30 -32.66 27.18
N GLU F 78 -7.80 -31.88 26.22
CA GLU F 78 -6.71 -32.31 25.37
C GLU F 78 -5.51 -31.38 25.57
N ALA F 79 -4.36 -31.81 25.06
CA ALA F 79 -3.13 -31.02 25.21
C ALA F 79 -3.22 -29.69 24.48
N GLU F 80 -4.08 -29.59 23.47
CA GLU F 80 -4.24 -28.37 22.69
C GLU F 80 -4.99 -27.30 23.46
N ASP F 81 -5.85 -27.68 24.41
CA ASP F 81 -6.64 -26.73 25.17
C ASP F 81 -5.83 -25.97 26.21
N ALA F 82 -4.54 -26.29 26.37
CA ALA F 82 -3.69 -25.60 27.34
C ALA F 82 -3.43 -24.19 26.85
N ALA F 83 -4.18 -23.24 27.40
CA ALA F 83 -4.10 -21.84 26.99
C ALA F 83 -4.78 -21.00 28.05
N THR F 84 -4.93 -19.70 27.78
CA THR F 84 -5.57 -18.77 28.70
C THR F 84 -6.93 -18.36 28.15
N TYR F 85 -7.91 -18.24 29.05
CA TYR F 85 -9.29 -17.95 28.69
C TYR F 85 -9.75 -16.73 29.47
N TYR F 86 -10.37 -15.78 28.77
CA TYR F 86 -10.87 -14.54 29.37
C TYR F 86 -12.38 -14.42 29.15
N CYS F 87 -13.11 -13.85 30.10
CA CYS F 87 -14.47 -13.48 29.76
C CYS F 87 -14.54 -12.01 29.38
N HIS F 88 -15.73 -11.58 28.99
CA HIS F 88 -15.92 -10.31 28.31
C HIS F 88 -17.40 -9.93 28.30
N GLN F 89 -17.74 -8.75 28.83
CA GLN F 89 -19.10 -8.23 28.78
C GLN F 89 -19.11 -6.93 27.97
N ARG F 90 -20.06 -6.82 27.05
CA ARG F 90 -20.32 -5.59 26.30
C ARG F 90 -21.67 -5.00 26.68
N ASN F 91 -22.11 -5.27 27.91
CA ASN F 91 -23.45 -4.90 28.33
C ASN F 91 -23.58 -3.42 28.63
N SER F 92 -22.57 -2.85 29.29
CA SER F 92 -22.59 -1.45 29.69
C SER F 92 -21.21 -0.85 29.49
N TYR F 93 -21.18 0.40 29.02
CA TYR F 93 -19.92 1.11 28.89
C TYR F 93 -19.38 1.45 30.28
N PRO F 94 -18.06 1.27 30.52
CA PRO F 94 -17.11 0.73 29.54
C PRO F 94 -17.13 -0.79 29.47
N TRP F 95 -16.82 -1.34 28.30
CA TRP F 95 -16.69 -2.77 28.16
C TRP F 95 -15.47 -3.26 28.93
N THR F 96 -15.57 -4.45 29.52
CA THR F 96 -14.52 -4.97 30.39
C THR F 96 -14.21 -6.42 30.03
N PHE F 97 -13.06 -6.88 30.51
CA PHE F 97 -12.63 -8.26 30.37
C PHE F 97 -12.32 -8.82 31.76
N GLY F 98 -12.28 -10.16 31.85
CA GLY F 98 -11.91 -10.80 33.09
C GLY F 98 -10.40 -10.92 33.28
N GLY F 99 -10.00 -11.27 34.51
CA GLY F 99 -8.60 -11.41 34.81
C GLY F 99 -7.89 -12.54 34.08
N GLY F 100 -8.66 -13.51 33.60
CA GLY F 100 -8.11 -14.61 32.83
C GLY F 100 -7.92 -15.87 33.66
N THR F 101 -8.03 -17.02 32.98
CA THR F 101 -7.82 -18.33 33.59
C THR F 101 -6.99 -19.17 32.64
N ARG F 102 -5.77 -19.53 33.06
CA ARG F 102 -4.87 -20.32 32.23
C ARG F 102 -5.00 -21.79 32.59
N LEU F 103 -5.11 -22.64 31.57
CA LEU F 103 -5.19 -24.08 31.75
C LEU F 103 -3.84 -24.72 31.42
N GLU F 104 -3.33 -25.52 32.35
CA GLU F 104 -2.11 -26.28 32.13
C GLU F 104 -2.42 -27.77 32.22
N ILE F 105 -1.51 -28.57 31.71
CA ILE F 105 -1.67 -30.02 31.67
C ILE F 105 -1.08 -30.61 32.95
N ARG F 106 -1.85 -31.47 33.61
CA ARG F 106 -1.42 -32.14 34.82
C ARG F 106 -0.63 -33.40 34.47
N ARG F 107 0.38 -33.71 35.28
CA ARG F 107 1.19 -34.92 35.09
C ARG F 107 1.75 -35.34 36.44
N THR F 108 2.49 -36.46 36.44
CA THR F 108 3.09 -36.94 37.67
C THR F 108 4.29 -36.09 38.06
N VAL F 109 4.62 -36.12 39.35
CA VAL F 109 5.78 -35.40 39.84
C VAL F 109 7.03 -35.87 39.12
N ALA F 110 7.92 -34.92 38.83
CA ALA F 110 9.18 -35.22 38.17
C ALA F 110 10.28 -34.37 38.78
N ALA F 111 11.44 -34.99 39.01
CA ALA F 111 12.60 -34.34 39.63
C ALA F 111 13.44 -33.62 38.59
N PRO F 112 14.00 -32.46 38.92
CA PRO F 112 14.87 -31.77 37.97
C PRO F 112 16.27 -32.34 37.94
N SER F 113 16.86 -32.34 36.75
CA SER F 113 18.29 -32.51 36.57
C SER F 113 18.94 -31.14 36.79
N VAL F 114 19.92 -31.08 37.68
CA VAL F 114 20.57 -29.83 38.06
C VAL F 114 21.93 -29.75 37.38
N PHE F 115 22.16 -28.66 36.63
CA PHE F 115 23.43 -28.40 35.99
C PHE F 115 23.89 -27.00 36.35
N ILE F 116 25.19 -26.85 36.57
CA ILE F 116 25.79 -25.56 36.92
C ILE F 116 26.81 -25.19 35.86
N PHE F 117 26.84 -23.91 35.48
CA PHE F 117 27.76 -23.41 34.46
C PHE F 117 28.64 -22.33 35.06
N PRO F 118 29.95 -22.48 35.01
CA PRO F 118 30.85 -21.41 35.48
C PRO F 118 30.92 -20.29 34.44
N PRO F 119 31.34 -19.09 34.84
CA PRO F 119 31.41 -17.98 33.89
C PRO F 119 32.27 -18.32 32.67
N SER F 120 31.99 -17.65 31.57
CA SER F 120 32.82 -17.80 30.38
C SER F 120 34.04 -16.90 30.48
N ASP F 121 35.11 -17.28 29.77
CA ASP F 121 36.31 -16.46 29.75
C ASP F 121 36.08 -15.14 29.03
N GLU F 122 35.22 -15.14 28.00
CA GLU F 122 34.91 -13.89 27.30
C GLU F 122 34.26 -12.88 28.24
N GLN F 123 33.33 -13.32 29.09
CA GLN F 123 32.70 -12.40 30.02
C GLN F 123 33.66 -11.97 31.11
N LEU F 124 34.55 -12.86 31.55
CA LEU F 124 35.51 -12.50 32.58
C LEU F 124 36.39 -11.34 32.13
N LYS F 125 36.90 -11.39 30.89
CA LYS F 125 37.73 -10.32 30.38
C LYS F 125 37.00 -8.98 30.33
N SER F 126 35.66 -8.98 30.41
CA SER F 126 34.90 -7.73 30.41
C SER F 126 34.66 -7.18 31.81
N GLY F 127 35.02 -7.92 32.87
CA GLY F 127 34.89 -7.45 34.23
C GLY F 127 33.72 -7.99 35.02
N THR F 128 32.92 -8.89 34.45
CA THR F 128 31.78 -9.47 35.15
C THR F 128 31.88 -10.99 35.12
N ALA F 129 31.24 -11.63 36.10
CA ALA F 129 31.14 -13.08 36.16
C ALA F 129 29.69 -13.46 36.40
N SER F 130 29.16 -14.36 35.59
CA SER F 130 27.80 -14.84 35.74
C SER F 130 27.80 -16.36 35.81
N VAL F 131 27.29 -16.89 36.91
CA VAL F 131 27.15 -18.34 37.11
C VAL F 131 25.69 -18.69 36.88
N VAL F 132 25.45 -19.75 36.09
CA VAL F 132 24.11 -20.16 35.71
C VAL F 132 23.86 -21.59 36.20
N CYS F 133 22.78 -21.76 36.96
CA CYS F 133 22.30 -23.05 37.42
C CYS F 133 21.03 -23.40 36.65
N LEU F 134 20.98 -24.59 36.07
CA LEU F 134 19.87 -25.02 35.23
C LEU F 134 19.14 -26.20 35.85
N LEU F 135 17.85 -26.03 36.07
CA LEU F 135 16.94 -27.11 36.44
C LEU F 135 16.18 -27.53 35.19
N ASN F 136 16.26 -28.81 34.84
CA ASN F 136 15.76 -29.29 33.56
C ASN F 136 14.67 -30.34 33.78
N ASN F 137 13.51 -30.13 33.16
CA ASN F 137 12.43 -31.11 32.98
C ASN F 137 11.90 -31.64 34.33
N PHE F 138 11.21 -30.75 35.04
CA PHE F 138 10.67 -31.06 36.35
C PHE F 138 9.20 -30.68 36.43
N TYR F 139 8.53 -31.23 37.45
CA TYR F 139 7.12 -30.99 37.70
C TYR F 139 6.82 -31.38 39.14
N PRO F 140 6.07 -30.56 39.89
CA PRO F 140 5.38 -29.34 39.48
C PRO F 140 6.29 -28.11 39.38
N ARG F 141 5.70 -26.95 39.05
CA ARG F 141 6.48 -25.78 38.67
C ARG F 141 7.27 -25.20 39.85
N GLU F 142 6.71 -25.28 41.05
CA GLU F 142 7.36 -24.69 42.21
C GLU F 142 8.72 -25.33 42.44
N ALA F 143 9.74 -24.49 42.63
CA ALA F 143 11.09 -24.97 42.86
C ALA F 143 11.84 -23.91 43.65
N LYS F 144 12.80 -24.36 44.46
CA LYS F 144 13.60 -23.48 45.29
C LYS F 144 15.06 -23.62 44.90
N VAL F 145 15.63 -22.56 44.33
CA VAL F 145 17.05 -22.50 44.01
C VAL F 145 17.72 -21.57 45.00
N GLN F 146 18.80 -22.06 45.63
CA GLN F 146 19.53 -21.32 46.65
C GLN F 146 20.99 -21.23 46.23
N TRP F 147 21.47 -20.00 46.04
CA TRP F 147 22.87 -19.78 45.68
C TRP F 147 23.72 -19.69 46.94
N LYS F 148 24.84 -20.42 46.94
CA LYS F 148 25.76 -20.44 48.07
C LYS F 148 27.19 -20.30 47.58
N VAL F 149 27.90 -19.31 48.11
CA VAL F 149 29.30 -19.06 47.76
C VAL F 149 30.13 -19.22 49.03
N ASP F 150 31.08 -20.16 49.00
CA ASP F 150 31.88 -20.51 50.18
C ASP F 150 30.98 -20.79 51.39
N ASN F 151 29.89 -21.50 51.14
CA ASN F 151 28.84 -21.86 52.10
C ASN F 151 28.01 -20.65 52.54
N ALA F 152 28.31 -19.44 52.06
CA ALA F 152 27.53 -18.27 52.42
C ALA F 152 26.30 -18.15 51.53
N LEU F 153 25.14 -17.95 52.16
CA LEU F 153 23.88 -17.83 51.43
C LEU F 153 23.86 -16.53 50.64
N GLN F 154 23.73 -16.64 49.32
CA GLN F 154 23.63 -15.47 48.47
C GLN F 154 22.20 -14.94 48.46
N SER F 155 22.08 -13.62 48.28
CA SER F 155 20.78 -12.97 48.34
C SER F 155 20.80 -11.69 47.52
N GLY F 156 19.73 -11.45 46.78
CA GLY F 156 19.59 -10.23 46.00
C GLY F 156 20.56 -10.06 44.86
N ASN F 157 21.24 -11.13 44.43
CA ASN F 157 22.18 -11.04 43.32
C ASN F 157 21.95 -12.13 42.29
N SER F 158 20.74 -12.68 42.23
CA SER F 158 20.40 -13.74 41.31
C SER F 158 19.01 -13.49 40.74
N GLN F 159 18.76 -14.06 39.57
CA GLN F 159 17.50 -13.88 38.86
C GLN F 159 17.05 -15.20 38.27
N GLU F 160 15.74 -15.42 38.24
CA GLU F 160 15.18 -16.70 37.82
C GLU F 160 14.29 -16.54 36.60
N SER F 161 14.17 -17.62 35.82
CA SER F 161 13.28 -17.66 34.68
C SER F 161 12.81 -19.10 34.46
N VAL F 162 11.54 -19.26 34.10
CA VAL F 162 10.91 -20.56 33.95
C VAL F 162 10.30 -20.64 32.56
N THR F 163 10.55 -21.74 31.86
CA THR F 163 9.98 -21.94 30.54
C THR F 163 8.47 -22.22 30.65
N GLU F 164 7.78 -21.97 29.54
CA GLU F 164 6.42 -22.47 29.41
C GLU F 164 6.41 -23.99 29.46
N GLN F 165 5.27 -24.54 29.85
CA GLN F 165 5.16 -25.99 30.01
C GLN F 165 5.50 -26.70 28.71
N ASP F 166 6.49 -27.58 28.78
CA ASP F 166 6.90 -28.36 27.62
C ASP F 166 5.70 -29.12 27.04
N SER F 167 5.63 -29.20 25.72
CA SER F 167 4.50 -29.84 25.07
C SER F 167 4.79 -31.26 24.63
N LYS F 168 5.92 -31.83 25.06
CA LYS F 168 6.20 -33.25 24.84
C LYS F 168 6.11 -34.08 26.12
N ASP F 169 6.54 -33.54 27.26
CA ASP F 169 6.44 -34.24 28.54
C ASP F 169 5.77 -33.40 29.62
N SER F 170 5.26 -32.21 29.28
CA SER F 170 4.50 -31.35 30.19
C SER F 170 5.30 -30.93 31.43
N THR F 171 6.62 -30.87 31.31
CA THR F 171 7.44 -30.43 32.42
C THR F 171 7.88 -28.98 32.23
N TYR F 172 8.54 -28.45 33.25
CA TYR F 172 9.09 -27.11 33.22
C TYR F 172 10.61 -27.18 33.32
N SER F 173 11.24 -26.06 32.99
CA SER F 173 12.67 -25.90 33.20
C SER F 173 12.93 -24.50 33.74
N LEU F 174 13.92 -24.39 34.61
CA LEU F 174 14.25 -23.13 35.26
C LEU F 174 15.74 -22.85 35.05
N SER F 175 16.07 -21.58 34.83
CA SER F 175 17.46 -21.15 34.77
C SER F 175 17.66 -20.01 35.75
N SER F 176 18.69 -20.11 36.58
CA SER F 176 19.03 -19.08 37.55
C SER F 176 20.42 -18.56 37.28
N THR F 177 20.57 -17.23 37.30
CA THR F 177 21.84 -16.59 37.00
C THR F 177 22.32 -15.84 38.24
N LEU F 178 23.48 -16.22 38.75
CA LEU F 178 24.17 -15.49 39.80
C LEU F 178 25.20 -14.58 39.15
N THR F 179 25.07 -13.27 39.34
CA THR F 179 25.95 -12.30 38.69
C THR F 179 26.79 -11.57 39.74
N LEU F 180 28.12 -11.64 39.58
CA LEU F 180 29.08 -11.00 40.45
C LEU F 180 30.06 -10.18 39.60
N SER F 181 30.78 -9.29 40.27
CA SER F 181 31.91 -8.65 39.61
C SER F 181 33.11 -9.60 39.61
N LYS F 182 33.99 -9.42 38.63
CA LYS F 182 35.18 -10.28 38.56
C LYS F 182 36.03 -10.17 39.80
N ALA F 183 36.05 -8.99 40.43
CA ALA F 183 36.78 -8.84 41.70
C ALA F 183 36.12 -9.68 42.79
N ASP F 184 34.81 -9.51 42.99
CA ASP F 184 34.12 -10.33 43.99
C ASP F 184 34.19 -11.81 43.65
N TYR F 185 34.19 -12.14 42.36
CA TYR F 185 34.23 -13.54 41.95
C TYR F 185 35.56 -14.21 42.27
N GLU F 186 36.65 -13.45 42.36
CA GLU F 186 37.98 -14.03 42.52
C GLU F 186 38.41 -14.18 43.97
N LYS F 187 37.71 -13.56 44.91
CA LYS F 187 38.01 -13.73 46.33
C LYS F 187 37.27 -14.91 46.96
N HIS F 188 36.71 -15.80 46.15
CA HIS F 188 35.99 -16.97 46.63
C HIS F 188 36.41 -18.19 45.82
N LYS F 189 36.08 -19.37 46.34
CA LYS F 189 36.52 -20.62 45.73
C LYS F 189 35.37 -21.48 45.21
N VAL F 190 34.37 -21.77 46.04
CA VAL F 190 33.34 -22.75 45.68
C VAL F 190 32.03 -22.03 45.44
N TYR F 191 31.41 -22.32 44.31
CA TYR F 191 30.12 -21.74 43.91
C TYR F 191 29.14 -22.88 43.74
N ALA F 192 28.04 -22.84 44.48
CA ALA F 192 27.07 -23.92 44.48
C ALA F 192 25.67 -23.37 44.36
N CYS F 193 24.78 -24.16 43.74
CA CYS F 193 23.35 -23.87 43.77
C CYS F 193 22.63 -25.04 44.43
N GLU F 194 21.79 -24.73 45.39
CA GLU F 194 21.04 -25.72 46.16
C GLU F 194 19.59 -25.74 45.69
N VAL F 195 19.10 -26.92 45.32
CA VAL F 195 17.80 -27.08 44.68
C VAL F 195 16.88 -27.89 45.59
N THR F 196 15.71 -27.33 45.90
CA THR F 196 14.67 -28.02 46.66
C THR F 196 13.44 -28.16 45.78
N HIS F 197 12.95 -29.39 45.63
CA HIS F 197 11.80 -29.67 44.77
C HIS F 197 11.04 -30.87 45.29
N GLN F 198 9.74 -30.88 45.00
CA GLN F 198 8.86 -31.95 45.46
C GLN F 198 9.33 -33.32 45.02
N GLY F 199 9.98 -33.41 43.87
CA GLY F 199 10.49 -34.68 43.39
C GLY F 199 11.81 -35.12 43.98
N LEU F 200 12.43 -34.31 44.82
CA LEU F 200 13.69 -34.67 45.47
C LEU F 200 13.40 -35.00 46.92
N SER F 201 13.85 -36.19 47.35
CA SER F 201 13.70 -36.57 48.75
C SER F 201 14.60 -35.74 49.66
N SER F 202 15.67 -35.17 49.11
CA SER F 202 16.57 -34.27 49.82
C SER F 202 17.07 -33.23 48.83
N PRO F 203 17.35 -32.01 49.30
CA PRO F 203 17.85 -30.98 48.38
C PRO F 203 19.16 -31.40 47.73
N VAL F 204 19.31 -31.05 46.45
CA VAL F 204 20.48 -31.40 45.66
C VAL F 204 21.34 -30.15 45.49
N THR F 205 22.66 -30.31 45.61
CA THR F 205 23.61 -29.22 45.49
C THR F 205 24.61 -29.55 44.39
N LYS F 206 24.73 -28.66 43.41
CA LYS F 206 25.73 -28.76 42.36
C LYS F 206 26.71 -27.62 42.53
N SER F 207 28.00 -27.93 42.48
CA SER F 207 29.02 -26.96 42.85
C SER F 207 30.22 -27.12 41.94
N PHE F 208 31.16 -26.20 42.08
CA PHE F 208 32.45 -26.30 41.41
C PHE F 208 33.43 -25.41 42.16
N ASN F 209 34.71 -25.79 42.10
CA ASN F 209 35.78 -24.96 42.64
C ASN F 209 36.34 -24.09 41.54
N ARG F 210 36.53 -22.81 41.87
CA ARG F 210 37.06 -21.85 40.91
C ARG F 210 38.53 -22.17 40.65
N GLU F 211 38.80 -22.89 39.56
CA GLU F 211 40.16 -23.30 39.21
C GLU F 211 40.38 -23.22 37.70
#